data_6KWX
#
_entry.id   6KWX
#
_cell.length_a   1.00
_cell.length_b   1.00
_cell.length_c   1.00
_cell.angle_alpha   90.00
_cell.angle_beta   90.00
_cell.angle_gamma   90.00
#
_symmetry.space_group_name_H-M   'P 1'
#
loop_
_entity.id
_entity.type
_entity.pdbx_description
1 polymer 'Proteasome activator complex subunit 4'
2 non-polymer '[(1~{S},2~{R},3~{R},4~{S},5~{S},6~{R})-2-[oxidanyl(phosphonooxy)phosphoryl]oxy-3,4,5,6-tetraphosphonooxy-cyclohexyl] phosphono hydrogen phosphate'
3 non-polymer 'INOSITOL HEXAKISPHOSPHATE'
#
_entity_poly.entity_id   1
_entity_poly.type   'polypeptide(L)'
_entity_poly.pdbx_seq_one_letter_code
;MGTTRSTMSYYHHHHHHDYDIPTTENLYFQGAMDPMEPAERAGVGEPPEPGGRPEPGPRGFVPQKEIVYNKLLPYAERLD
AESDLQLAQIKCNLGRAVQLQELWPGGLFWTRKLSTYIRLYGRKFSKEDHVLFIKLLYELVSIPKLEISMMQGFARLLIN
LLKKKELLSRADLELPWRPLYDMVERILYSKTEHLGLNWFPNSVENILKTLVKSCRPYFPADATAEMLEEWRPLMCPFDV
TMQKAITYFEIFLPTSLPPELHHKGFKLWFDELIGLWVSVQNLPQWEGQLVNLFARLATDNIGYIDWDPYVPKIFTRILR
SLNLPVGSSQVLVPRFLTNAYDIGHAVIWITAMMGGPSKLVQKHLAGLFNSITSFYHPSNNGRWLNKLMKLLQRLPNSVV
RRLHRERYKKPSWLTPVPDSHKLTDQDVTDFVQCIIQPVLLAMFSKTGSLEAAQALQNLALMRPELVIPPVLERTYPALE
TLTEPHQLTATLSCVIGVARSLVSGGRWFPEGPTHMLPLLMRALPGVDPNDFSKCMITFQFIATFSTLVPLVDCSSVLQE
RNDLTEVERELCSATAEFEDFVLQFMDRCFGLIESSTLEQTREETETEKMTHLESLVELGLSSTFSTILTQCSKEIFMVA
LQKVFNFSTSHIFETRVAGRMVADMCRAAVKCCPEESLKLFVPHCCSVITQLTMNDDVLNDEELDKELLWNLQLLSEITR
VDGRKLLLYREQLVKILQRTLHLTCKQGYTLSCNLLHHLLRSTTLIYPTEYCSVPGGFDKPPSEYFPIKDWGKPGDLWNL
GIQWHVPSSEEVSFAFYLLDSFLQPELVKLQHCGDGKLEMSRDDILQSLTIVHNCILGSGNLLPPLKGEPVTNLVPSMVS
LEETKLYTGLEYDLSRENHREVIATVIRKLLNHILDNSEDDTKSLFLIIKIIGDLLQFQGSHKHEFDSRWKSFNLVKKSM
ENRLHGKKQHIRALLIDRVMLQHELRTLTVEGCEYKKIHQDMIRDLLRLSTSSYSQVRNKAQQTFFAALGAYNFCCRDII
PLVLEFLRPDRQGVTQQQFKGALYCLLGNHSGVCLANLHDWDCIVQTWPAIVSSGLSQAMSLEKPSIVRLFDDLAEKIHR
QYETIGLDFTIPKSCVEIAELLQQSKNPSINQILLSPEKIKEGIKRQQEKNADALRNYENLVDTLLDGVEQRNLPWKFEH
IGIGLLSLLLRDDRVLPLRAIRFFVENLNHDAIVVRKMAISAVAGILKQLKRTHKKLTINPCEISGCPKPTQIIAGDRPD
NHWLHYDSKTIPRTKKEWESSCFVEKTHWGYYTWPKNMVVYAGVEEQPKLGRSREDMTEAEQIIFDHFSDPKFVEQLITF
LSLEDRKGKDKFNPRRFCLFKGIFRNFDDAFLPVLKPHLEHLVADSHESTQRCVAEIIAGLIRGSKHWTFEKVEKLWELL
CPLLRTALSNITVETYNDWGACIATSCESRDPRKLHWLFELLLESPLSGEGGSFVDACRLYVLQGGLAQQEWRVPELLHR
LLKYLEPKLTQVYKNVRERIGSVLTYIFMIDVSLPNTTPTISPHVPEFTARILEKLKPLMDVDEEIQNHVMEENGIGEED
ERTQGIKLLKTILKWLMASAGRSFSTAVTEQLQLLPLFFKIAPVENDNSYDELKRDAKLCLSLMSQGLLYPHQVPLVLQV
LKQTARSSSWHARYTVLTYLQTMVFYNLFIFLNNEDAVKDIRWLVISLLEDEQLEVREMAATTLSGLLQCNFLTMDSPMQ
IHFEQLCKTKLPKKRKRDPGSVGDTIPSAELVKRHAGVLGLGACVLSSPYDVPTWMPQLLMNLSAHLNDPQPIEMTVKKT
LSNFRRTHHDNWQEHKQQFTDDQLLVLTDLLVSPCYYA
;
_entity_poly.pdbx_strand_id   A
#
# COMPACT_ATOMS: atom_id res chain seq x y z
N ARG A 59 -22.96 11.43 34.15
CA ARG A 59 -22.60 10.43 35.15
C ARG A 59 -21.24 10.75 35.78
N GLY A 60 -20.51 9.71 36.21
CA GLY A 60 -19.28 9.91 36.95
C GLY A 60 -18.17 10.54 36.12
N PHE A 61 -18.16 10.29 34.83
CA PHE A 61 -17.14 10.87 33.96
C PHE A 61 -17.78 11.36 32.67
N VAL A 62 -17.03 12.19 31.96
CA VAL A 62 -17.46 12.77 30.69
C VAL A 62 -16.89 11.90 29.58
N PRO A 63 -17.73 11.36 28.69
CA PRO A 63 -17.21 10.59 27.57
C PRO A 63 -16.56 11.50 26.55
N GLN A 64 -15.73 10.91 25.71
CA GLN A 64 -14.89 11.68 24.80
C GLN A 64 -14.99 11.06 23.41
N LYS A 65 -16.02 11.43 22.65
CA LYS A 65 -16.34 10.89 21.32
C LYS A 65 -16.58 9.38 21.38
N GLU A 66 -17.73 9.05 21.95
CA GLU A 66 -18.37 7.73 21.82
C GLU A 66 -18.68 7.40 20.35
N ILE A 67 -19.07 6.16 20.12
CA ILE A 67 -19.74 5.80 18.86
C ILE A 67 -21.20 6.20 18.97
N VAL A 68 -21.73 6.85 17.93
CA VAL A 68 -23.12 7.28 17.93
C VAL A 68 -24.07 6.09 17.84
N TYR A 69 -23.68 5.05 17.12
CA TYR A 69 -24.58 3.96 16.76
C TYR A 69 -24.88 3.02 17.92
N ASN A 70 -24.29 3.24 19.09
CA ASN A 70 -24.64 2.49 20.28
C ASN A 70 -25.90 3.01 20.94
N LYS A 71 -26.18 4.31 20.80
CA LYS A 71 -27.39 4.90 21.36
C LYS A 71 -28.64 4.50 20.59
N LEU A 72 -28.50 4.06 19.35
CA LEU A 72 -29.63 3.76 18.48
C LEU A 72 -30.05 2.30 18.53
N LEU A 73 -29.41 1.50 19.37
CA LEU A 73 -29.75 0.11 19.55
C LEU A 73 -31.01 -0.03 20.40
N PRO A 74 -31.72 -1.16 20.33
CA PRO A 74 -32.91 -1.32 21.17
C PRO A 74 -32.61 -1.43 22.64
N TYR A 75 -31.39 -1.83 22.97
CA TYR A 75 -30.95 -2.11 24.34
C TYR A 75 -29.90 -1.11 24.81
N ALA A 76 -30.01 0.13 24.34
CA ALA A 76 -29.00 1.15 24.61
C ALA A 76 -29.02 1.64 26.06
N GLU A 77 -30.07 1.33 26.81
CA GLU A 77 -30.07 1.63 28.24
C GLU A 77 -29.08 0.77 28.99
N ARG A 78 -28.74 -0.39 28.43
CA ARG A 78 -27.89 -1.34 29.14
C ARG A 78 -26.42 -1.06 28.88
N LEU A 79 -26.10 -0.30 27.83
CA LEU A 79 -24.71 -0.19 27.41
C LEU A 79 -23.94 0.77 28.29
N ASP A 80 -24.64 1.62 29.04
CA ASP A 80 -23.97 2.52 29.96
C ASP A 80 -23.41 1.75 31.15
N ALA A 81 -24.26 0.93 31.79
CA ALA A 81 -23.80 0.17 32.95
C ALA A 81 -22.85 -0.94 32.56
N GLU A 82 -22.88 -1.37 31.31
CA GLU A 82 -21.96 -2.40 30.85
C GLU A 82 -20.57 -1.84 30.60
N SER A 83 -20.46 -0.82 29.75
CA SER A 83 -19.18 -0.28 29.34
C SER A 83 -18.44 0.43 30.45
N ASP A 84 -19.14 0.87 31.50
CA ASP A 84 -18.44 1.40 32.66
C ASP A 84 -17.76 0.29 33.45
N LEU A 85 -18.35 -0.91 33.46
CA LEU A 85 -17.74 -2.04 34.15
C LEU A 85 -16.53 -2.55 33.38
N GLN A 86 -16.65 -2.62 32.05
CA GLN A 86 -15.57 -3.15 31.23
C GLN A 86 -14.37 -2.22 31.23
N LEU A 87 -14.61 -0.91 31.19
CA LEU A 87 -13.53 0.07 31.31
C LEU A 87 -12.86 0.00 32.67
N ALA A 88 -13.64 -0.25 33.72
CA ALA A 88 -13.08 -0.40 35.06
C ALA A 88 -12.20 -1.63 35.16
N GLN A 89 -12.63 -2.73 34.53
CA GLN A 89 -11.80 -3.93 34.50
C GLN A 89 -10.53 -3.72 33.69
N ILE A 90 -10.61 -2.96 32.60
CA ILE A 90 -9.44 -2.71 31.77
C ILE A 90 -8.43 -1.85 32.51
N LYS A 91 -8.90 -0.83 33.22
CA LYS A 91 -8.01 -0.04 34.09
C LYS A 91 -7.38 -0.90 35.17
N CYS A 92 -8.19 -1.67 35.88
CA CYS A 92 -7.70 -2.48 37.00
C CYS A 92 -6.68 -3.51 36.55
N ASN A 93 -7.03 -4.34 35.58
CA ASN A 93 -6.14 -5.41 35.17
C ASN A 93 -5.18 -5.02 34.05
N LEU A 94 -5.08 -3.73 33.72
CA LEU A 94 -3.92 -3.28 32.95
C LEU A 94 -2.91 -2.60 33.86
N GLY A 95 -3.39 -1.82 34.82
CA GLY A 95 -2.52 -1.25 35.82
C GLY A 95 -1.90 -2.28 36.73
N ARG A 96 -2.64 -3.36 37.03
CA ARG A 96 -2.05 -4.48 37.75
C ARG A 96 -1.00 -5.17 36.89
N ALA A 97 -1.36 -5.45 35.63
CA ALA A 97 -0.53 -6.29 34.78
C ALA A 97 0.80 -5.65 34.43
N VAL A 98 0.85 -4.34 34.29
CA VAL A 98 2.14 -3.69 34.03
C VAL A 98 2.95 -3.64 35.32
N GLN A 99 2.29 -3.37 36.45
CA GLN A 99 2.96 -3.41 37.75
C GLN A 99 3.49 -4.80 38.07
N LEU A 100 2.74 -5.82 37.72
CA LEU A 100 3.11 -7.21 37.95
C LEU A 100 4.16 -7.69 36.94
N GLN A 101 4.42 -6.90 35.89
CA GLN A 101 5.04 -7.31 34.62
C GLN A 101 4.62 -8.71 34.18
N GLU A 102 3.31 -8.87 34.01
CA GLU A 102 2.76 -10.06 33.38
C GLU A 102 2.39 -9.67 31.95
N LEU A 103 3.40 -9.65 31.08
CA LEU A 103 3.22 -9.04 29.78
C LEU A 103 2.56 -9.96 28.77
N TRP A 104 2.92 -11.25 28.77
CA TRP A 104 2.33 -12.14 27.76
C TRP A 104 0.90 -12.54 28.09
N PRO A 105 0.58 -13.21 29.24
CA PRO A 105 -0.80 -13.63 29.37
C PRO A 105 -1.70 -12.52 29.89
N GLY A 106 -1.17 -11.51 30.55
CA GLY A 106 -2.04 -10.51 31.15
C GLY A 106 -1.94 -9.11 30.58
N GLY A 107 -0.73 -8.67 30.25
CA GLY A 107 -0.57 -7.31 29.77
C GLY A 107 -1.04 -7.17 28.34
N LEU A 108 -0.68 -8.13 27.49
CA LEU A 108 -1.12 -8.16 26.11
C LEU A 108 -2.56 -8.61 26.00
N PHE A 109 -3.12 -9.18 27.06
CA PHE A 109 -4.53 -9.54 27.10
C PHE A 109 -5.41 -8.31 27.20
N TRP A 110 -5.22 -7.52 28.25
CA TRP A 110 -6.04 -6.35 28.48
C TRP A 110 -5.67 -5.17 27.58
N THR A 111 -4.51 -5.22 26.94
CA THR A 111 -4.29 -4.38 25.78
C THR A 111 -5.24 -4.80 24.65
N ARG A 112 -5.33 -6.10 24.38
CA ARG A 112 -6.20 -6.59 23.33
C ARG A 112 -7.67 -6.39 23.68
N LYS A 113 -7.99 -6.29 24.96
CA LYS A 113 -9.37 -6.04 25.36
C LYS A 113 -9.69 -4.55 25.43
N LEU A 114 -8.68 -3.70 25.62
CA LEU A 114 -8.89 -2.26 25.44
C LEU A 114 -9.11 -1.91 23.98
N SER A 115 -8.47 -2.64 23.06
CA SER A 115 -8.69 -2.43 21.64
C SER A 115 -10.11 -2.73 21.24
N THR A 116 -10.65 -3.84 21.73
CA THR A 116 -12.02 -4.20 21.42
C THR A 116 -13.03 -3.42 22.23
N TYR A 117 -12.58 -2.67 23.23
CA TYR A 117 -13.41 -1.66 23.87
C TYR A 117 -13.60 -0.44 23.00
N ILE A 118 -12.66 -0.22 22.08
CA ILE A 118 -12.73 0.94 21.21
C ILE A 118 -13.33 0.57 19.85
N ARG A 119 -13.21 -0.70 19.47
CA ARG A 119 -13.96 -1.20 18.32
C ARG A 119 -15.45 -1.22 18.62
N LEU A 120 -15.81 -1.38 19.89
CA LEU A 120 -17.21 -1.52 20.26
C LEU A 120 -17.81 -0.20 20.72
N TYR A 121 -17.15 0.52 21.61
CA TYR A 121 -17.77 1.63 22.30
C TYR A 121 -17.24 3.02 21.94
N GLY A 122 -16.32 3.15 21.00
CA GLY A 122 -15.71 4.43 20.77
C GLY A 122 -14.66 4.68 21.80
N ARG A 123 -14.54 5.90 22.33
CA ARG A 123 -13.59 6.01 23.41
C ARG A 123 -14.29 5.69 24.71
N LYS A 124 -15.26 6.52 25.12
CA LYS A 124 -15.98 6.40 26.39
C LYS A 124 -15.05 6.30 27.59
N PHE A 125 -14.03 7.14 27.59
CA PHE A 125 -13.29 7.37 28.82
C PHE A 125 -12.93 8.85 28.89
N SER A 126 -12.49 9.27 30.08
CA SER A 126 -12.26 10.66 30.39
C SER A 126 -11.13 11.24 29.55
N LYS A 127 -11.06 12.57 29.50
CA LYS A 127 -9.86 13.21 29.01
C LYS A 127 -8.69 12.93 29.94
N GLU A 128 -8.97 12.87 31.25
CA GLU A 128 -7.95 12.55 32.23
C GLU A 128 -7.44 11.11 32.07
N ASP A 129 -8.32 10.21 31.62
CA ASP A 129 -8.01 8.80 31.52
C ASP A 129 -7.60 8.38 30.12
N HIS A 130 -7.90 9.17 29.10
CA HIS A 130 -7.35 8.96 27.77
C HIS A 130 -5.84 9.17 27.78
N VAL A 131 -5.40 10.21 28.49
CA VAL A 131 -3.99 10.53 28.62
C VAL A 131 -3.25 9.41 29.36
N LEU A 132 -3.90 8.77 30.34
CA LEU A 132 -3.24 7.71 31.08
C LEU A 132 -2.99 6.47 30.22
N PHE A 133 -3.96 6.10 29.36
CA PHE A 133 -3.71 5.00 28.43
C PHE A 133 -2.62 5.36 27.42
N ILE A 134 -2.59 6.62 26.97
CA ILE A 134 -1.57 7.03 26.01
C ILE A 134 -0.18 7.01 26.62
N LYS A 135 -0.05 7.53 27.85
CA LYS A 135 1.26 7.55 28.51
C LYS A 135 1.74 6.15 28.84
N LEU A 136 0.83 5.28 29.28
CA LEU A 136 1.21 3.91 29.62
C LEU A 136 1.63 3.13 28.37
N LEU A 137 0.80 3.12 27.33
CA LEU A 137 1.19 2.37 26.14
C LEU A 137 2.13 3.12 25.23
N TYR A 138 2.60 4.30 25.61
CA TYR A 138 3.75 4.88 24.94
C TYR A 138 5.05 4.55 25.64
N GLU A 139 5.08 4.66 26.97
CA GLU A 139 6.28 4.31 27.71
C GLU A 139 6.53 2.81 27.62
N LEU A 140 5.49 2.03 27.43
CA LEU A 140 5.60 0.59 27.32
C LEU A 140 5.74 0.08 25.89
N VAL A 141 5.40 0.87 24.87
CA VAL A 141 5.72 0.46 23.52
C VAL A 141 7.18 0.77 23.20
N SER A 142 7.78 1.72 23.91
CA SER A 142 9.15 2.12 23.69
C SER A 142 9.95 1.65 24.90
N ILE A 143 10.35 0.39 24.84
CA ILE A 143 11.25 -0.21 25.82
C ILE A 143 12.44 -0.64 24.97
N PRO A 144 13.67 -0.33 25.39
CA PRO A 144 14.81 -0.40 24.45
C PRO A 144 15.17 -1.79 23.92
N LYS A 145 14.59 -2.85 24.45
CA LYS A 145 14.94 -4.19 24.03
C LYS A 145 13.66 -5.03 24.04
N LEU A 146 12.55 -4.35 23.80
CA LEU A 146 11.24 -4.98 23.86
C LEU A 146 11.04 -5.87 22.64
N GLU A 147 10.25 -6.92 22.82
CA GLU A 147 9.98 -7.78 21.69
C GLU A 147 9.09 -7.10 20.67
N ILE A 148 9.62 -6.98 19.46
CA ILE A 148 8.99 -6.33 18.33
C ILE A 148 7.69 -7.01 17.90
N SER A 149 7.58 -8.32 18.10
CA SER A 149 6.36 -9.04 17.79
C SER A 149 5.15 -8.59 18.60
N MET A 150 5.31 -8.44 19.91
CA MET A 150 4.20 -7.97 20.72
C MET A 150 4.20 -6.46 20.87
N MET A 151 5.27 -5.80 20.42
CA MET A 151 5.26 -4.34 20.25
C MET A 151 4.25 -3.92 19.18
N GLN A 152 3.92 -4.83 18.26
CA GLN A 152 2.90 -4.59 17.25
C GLN A 152 1.56 -4.27 17.88
N GLY A 153 1.14 -5.04 18.89
CA GLY A 153 -0.16 -4.80 19.50
C GLY A 153 -0.19 -3.52 20.32
N PHE A 154 0.89 -3.23 21.05
CA PHE A 154 0.98 -1.99 21.81
C PHE A 154 0.97 -0.78 20.88
N ALA A 155 1.62 -0.90 19.72
CA ALA A 155 1.64 0.20 18.77
C ALA A 155 0.29 0.37 18.10
N ARG A 156 -0.37 -0.74 17.74
CA ARG A 156 -1.68 -0.65 17.09
C ARG A 156 -2.73 -0.08 18.01
N LEU A 157 -2.65 -0.37 19.31
CA LEU A 157 -3.51 0.34 20.25
C LEU A 157 -3.09 1.79 20.36
N LEU A 158 -1.78 2.06 20.33
CA LEU A 158 -1.31 3.43 20.56
C LEU A 158 -1.57 4.31 19.35
N ILE A 159 -1.63 3.74 18.15
CA ILE A 159 -2.11 4.49 17.00
C ILE A 159 -3.60 4.80 17.18
N ASN A 160 -4.34 3.82 17.66
CA ASN A 160 -5.79 3.91 17.78
C ASN A 160 -6.21 4.88 18.87
N LEU A 161 -5.32 5.18 19.81
CA LEU A 161 -5.57 6.10 20.90
C LEU A 161 -5.17 7.53 20.55
N LEU A 162 -4.36 7.72 19.52
CA LEU A 162 -3.95 9.04 19.05
C LEU A 162 -4.40 9.31 17.63
N LYS A 163 -5.22 8.42 17.08
CA LYS A 163 -5.73 8.54 15.70
C LYS A 163 -6.65 9.75 15.46
N LYS A 164 -7.57 9.98 16.40
CA LYS A 164 -8.48 11.12 16.33
C LYS A 164 -7.80 12.25 17.09
N LYS A 165 -7.12 13.11 16.34
CA LYS A 165 -6.17 14.06 16.89
C LYS A 165 -6.85 15.20 17.63
N GLU A 166 -8.10 15.49 17.33
CA GLU A 166 -8.79 16.64 17.89
C GLU A 166 -9.25 16.43 19.32
N LEU A 167 -9.02 15.25 19.90
CA LEU A 167 -9.44 14.95 21.25
C LEU A 167 -8.40 15.32 22.30
N LEU A 168 -7.15 15.55 21.92
CA LEU A 168 -6.12 16.02 22.82
C LEU A 168 -5.53 17.31 22.24
N SER A 169 -4.76 18.02 23.06
CA SER A 169 -4.58 19.43 22.78
C SER A 169 -3.18 20.00 23.00
N ARG A 170 -2.16 19.16 23.23
CA ARG A 170 -0.78 19.53 23.61
C ARG A 170 -0.68 20.19 24.99
N ALA A 171 -1.80 20.50 25.61
CA ALA A 171 -1.87 20.90 27.00
C ALA A 171 -2.27 19.74 27.87
N ASP A 172 -2.50 18.59 27.27
CA ASP A 172 -2.85 17.36 27.96
C ASP A 172 -1.79 16.29 27.78
N LEU A 173 -0.92 16.44 26.79
CA LEU A 173 -0.04 15.37 26.36
C LEU A 173 1.22 15.96 25.75
N GLU A 174 2.38 15.50 26.22
CA GLU A 174 3.68 16.02 25.75
C GLU A 174 4.68 14.88 25.51
N LEU A 175 4.26 13.89 24.72
CA LEU A 175 5.04 12.68 24.46
C LEU A 175 6.42 12.97 23.87
N PRO A 176 7.48 12.41 24.46
CA PRO A 176 8.83 12.68 23.96
C PRO A 176 9.10 11.96 22.65
N TRP A 177 10.11 12.44 21.93
CA TRP A 177 10.33 11.93 20.58
C TRP A 177 11.54 11.01 20.53
N ARG A 178 12.46 11.15 21.52
CA ARG A 178 13.67 10.34 21.53
C ARG A 178 13.43 8.83 21.62
N PRO A 179 12.55 8.29 22.48
CA PRO A 179 12.36 6.84 22.46
C PRO A 179 11.68 6.31 21.21
N LEU A 180 11.07 7.18 20.42
CA LEU A 180 10.59 6.76 19.10
C LEU A 180 11.72 6.67 18.10
N TYR A 181 12.69 7.58 18.21
CA TYR A 181 13.82 7.55 17.29
C TYR A 181 14.73 6.37 17.56
N ASP A 182 14.95 6.02 18.84
CA ASP A 182 15.73 4.84 19.16
C ASP A 182 14.98 3.57 18.78
N MET A 183 13.66 3.69 18.66
CA MET A 183 12.81 2.59 18.27
C MET A 183 12.89 2.34 16.76
N VAL A 184 12.96 3.40 15.97
CA VAL A 184 13.00 3.26 14.52
C VAL A 184 14.39 2.83 14.05
N GLU A 185 15.45 3.40 14.66
CA GLU A 185 16.82 2.96 14.40
C GLU A 185 17.04 1.48 14.64
N ARG A 186 16.39 0.93 15.65
CA ARG A 186 16.50 -0.48 15.96
C ARG A 186 15.79 -1.35 14.93
N ILE A 187 14.90 -0.78 14.11
CA ILE A 187 13.96 -1.59 13.37
C ILE A 187 13.87 -1.20 11.90
N LEU A 188 14.29 0.01 11.55
CA LEU A 188 14.35 0.43 10.16
C LEU A 188 15.77 0.44 9.63
N TYR A 189 16.73 0.80 10.47
CA TYR A 189 18.12 0.87 10.09
C TYR A 189 18.88 -0.05 11.04
N SER A 190 18.33 -1.25 11.18
CA SER A 190 18.93 -2.29 11.98
C SER A 190 20.26 -2.74 11.41
N LYS A 191 21.22 -2.99 12.27
CA LYS A 191 22.55 -3.40 11.86
C LYS A 191 22.74 -4.90 11.81
N THR A 192 21.73 -5.67 12.19
CA THR A 192 21.86 -7.12 12.20
C THR A 192 20.75 -7.87 11.45
N GLU A 193 19.80 -7.17 10.83
CA GLU A 193 18.75 -7.87 10.10
C GLU A 193 19.27 -8.47 8.79
N HIS A 194 20.14 -7.74 8.08
CA HIS A 194 20.66 -8.21 6.81
C HIS A 194 21.56 -9.42 6.98
N LEU A 195 22.18 -9.58 8.15
CA LEU A 195 22.89 -10.80 8.50
C LEU A 195 21.97 -11.89 8.99
N GLY A 196 20.68 -11.61 9.08
CA GLY A 196 19.74 -12.62 9.55
C GLY A 196 19.89 -12.89 11.02
N LEU A 197 19.56 -11.93 11.87
CA LEU A 197 19.56 -12.11 13.30
C LEU A 197 18.32 -11.54 13.96
N ASN A 198 17.42 -10.93 13.19
CA ASN A 198 16.33 -10.21 13.82
C ASN A 198 14.92 -10.63 13.39
N TRP A 199 14.68 -10.78 12.08
CA TRP A 199 13.41 -11.27 11.53
C TRP A 199 12.18 -10.53 12.01
N PHE A 200 12.02 -9.33 11.59
CA PHE A 200 10.90 -8.48 11.91
C PHE A 200 9.62 -9.03 11.30
N PRO A 201 8.46 -8.63 11.81
CA PRO A 201 7.23 -8.81 11.06
C PRO A 201 7.26 -7.94 9.80
N ASN A 202 6.48 -8.37 8.82
CA ASN A 202 6.57 -7.73 7.52
C ASN A 202 5.87 -6.37 7.50
N SER A 203 4.71 -6.29 8.16
CA SER A 203 4.03 -5.03 8.38
C SER A 203 4.51 -4.42 9.70
N VAL A 204 5.66 -3.78 9.62
CA VAL A 204 6.23 -3.09 10.76
C VAL A 204 6.54 -1.65 10.39
N GLU A 205 7.23 -1.50 9.25
CA GLU A 205 7.61 -0.18 8.76
C GLU A 205 6.38 0.67 8.50
N ASN A 206 5.35 0.06 7.92
CA ASN A 206 4.13 0.77 7.65
C ASN A 206 3.34 1.03 8.93
N ILE A 207 3.54 0.25 10.00
CA ILE A 207 2.81 0.52 11.24
C ILE A 207 3.61 1.30 12.25
N LEU A 208 4.93 1.47 12.06
CA LEU A 208 5.69 2.38 12.89
C LEU A 208 5.83 3.76 12.28
N LYS A 209 5.84 3.86 10.95
CA LYS A 209 5.80 5.18 10.35
C LYS A 209 4.47 5.89 10.56
N THR A 210 3.41 5.15 10.88
CA THR A 210 2.17 5.79 11.32
C THR A 210 2.09 5.88 12.84
N LEU A 211 2.87 5.07 13.56
CA LEU A 211 2.91 5.21 15.01
C LEU A 211 3.67 6.47 15.41
N VAL A 212 4.70 6.83 14.65
CA VAL A 212 5.41 8.07 14.94
C VAL A 212 4.62 9.26 14.41
N LYS A 213 3.93 9.06 13.29
CA LYS A 213 3.03 10.06 12.71
C LYS A 213 1.90 10.39 13.67
N SER A 214 1.45 9.40 14.42
CA SER A 214 0.41 9.60 15.43
C SER A 214 0.91 10.39 16.62
N CYS A 215 2.12 10.09 17.09
CA CYS A 215 2.66 10.75 18.27
C CYS A 215 3.30 12.09 17.95
N ARG A 216 3.55 12.38 16.68
CA ARG A 216 4.24 13.62 16.28
C ARG A 216 3.53 14.92 16.63
N PRO A 217 2.18 15.08 16.54
CA PRO A 217 1.60 16.35 17.00
C PRO A 217 1.62 16.60 18.50
N TYR A 218 2.32 15.78 19.28
CA TYR A 218 2.40 15.96 20.72
C TYR A 218 3.83 16.02 21.23
N PHE A 219 4.82 16.09 20.33
CA PHE A 219 6.21 16.21 20.73
C PHE A 219 6.44 17.55 21.41
N PRO A 220 7.50 17.65 22.22
CA PRO A 220 7.82 18.90 22.91
C PRO A 220 8.17 19.97 21.87
N ALA A 221 8.02 21.23 22.23
CA ALA A 221 8.29 22.36 21.33
C ALA A 221 9.75 22.39 20.85
N ASP A 222 10.66 22.04 21.73
CA ASP A 222 12.10 22.02 21.44
C ASP A 222 12.58 20.86 20.54
N ALA A 223 11.71 19.89 20.26
CA ALA A 223 12.08 18.73 19.45
C ALA A 223 12.58 19.07 18.04
N THR A 224 11.95 19.99 17.34
CA THR A 224 12.48 20.32 16.02
C THR A 224 13.94 20.72 16.09
N ALA A 225 14.28 21.61 17.03
CA ALA A 225 15.64 22.09 17.15
C ALA A 225 16.61 21.00 17.58
N GLU A 226 16.11 19.92 18.19
CA GLU A 226 16.95 18.80 18.52
C GLU A 226 16.74 17.59 17.61
N MET A 227 15.86 17.70 16.62
CA MET A 227 15.91 16.83 15.45
C MET A 227 16.76 17.43 14.34
N LEU A 228 17.12 18.70 14.45
CA LEU A 228 17.95 19.38 13.46
C LEU A 228 19.38 19.55 13.93
N GLU A 229 19.74 18.97 15.06
CA GLU A 229 21.14 18.84 15.42
C GLU A 229 21.57 17.39 15.41
N GLU A 230 20.75 16.50 14.87
CA GLU A 230 20.99 15.07 14.96
C GLU A 230 20.82 14.35 13.63
N TRP A 231 20.16 14.98 12.68
CA TRP A 231 19.96 14.42 11.34
C TRP A 231 20.49 15.33 10.26
N ARG A 232 20.56 16.62 10.52
CA ARG A 232 21.31 17.60 9.77
C ARG A 232 22.80 17.26 9.63
N PRO A 233 23.48 16.60 10.58
CA PRO A 233 24.80 16.03 10.24
C PRO A 233 24.78 14.93 9.21
N LEU A 234 23.65 14.27 8.95
CA LEU A 234 23.63 13.19 7.99
C LEU A 234 23.37 13.68 6.58
N MET A 235 23.19 14.98 6.39
CA MET A 235 22.74 15.54 5.10
C MET A 235 23.93 15.81 4.19
N CYS A 236 24.57 14.73 3.77
CA CYS A 236 25.53 14.76 2.68
C CYS A 236 24.86 14.18 1.46
N PRO A 237 24.64 14.97 0.40
CA PRO A 237 23.81 14.52 -0.73
C PRO A 237 24.43 13.47 -1.62
N PHE A 238 25.63 12.99 -1.31
CA PHE A 238 26.34 12.08 -2.17
C PHE A 238 26.24 10.63 -1.74
N ASP A 239 25.78 10.33 -0.54
CA ASP A 239 25.64 8.95 -0.13
C ASP A 239 24.22 8.66 0.33
N VAL A 240 24.08 7.48 0.95
CA VAL A 240 22.81 6.84 1.23
C VAL A 240 22.30 7.37 2.56
N THR A 241 23.13 8.13 3.26
CA THR A 241 22.73 8.67 4.54
C THR A 241 21.95 9.97 4.43
N MET A 242 21.92 10.60 3.27
CA MET A 242 20.95 11.66 3.03
C MET A 242 19.54 11.09 3.00
N GLN A 243 19.42 9.85 2.53
CA GLN A 243 18.13 9.18 2.50
C GLN A 243 17.63 8.98 3.93
N LYS A 244 18.55 8.62 4.83
CA LYS A 244 18.21 8.40 6.23
C LYS A 244 17.71 9.70 6.89
N ALA A 245 18.39 10.80 6.60
CA ALA A 245 18.00 12.11 7.11
C ALA A 245 16.60 12.49 6.67
N ILE A 246 16.29 12.32 5.40
CA ILE A 246 15.03 12.84 4.91
C ILE A 246 13.90 11.87 5.18
N THR A 247 14.17 10.56 5.34
CA THR A 247 13.15 9.69 5.89
C THR A 247 12.84 10.05 7.33
N TYR A 248 13.85 10.39 8.13
CA TYR A 248 13.58 10.77 9.51
C TYR A 248 12.89 12.12 9.60
N PHE A 249 13.13 13.00 8.64
CA PHE A 249 12.40 14.27 8.63
C PHE A 249 10.97 14.06 8.18
N GLU A 250 10.74 13.16 7.23
CA GLU A 250 9.39 12.96 6.74
C GLU A 250 8.54 12.22 7.75
N ILE A 251 9.18 11.41 8.59
CA ILE A 251 8.44 10.73 9.66
C ILE A 251 8.26 11.65 10.86
N PHE A 252 9.35 12.25 11.34
CA PHE A 252 9.43 12.81 12.68
C PHE A 252 9.20 14.30 12.78
N LEU A 253 9.53 15.08 11.76
CA LEU A 253 9.71 16.52 11.92
C LEU A 253 8.36 17.20 11.99
N PRO A 254 8.05 17.91 13.08
CA PRO A 254 6.66 18.26 13.38
C PRO A 254 6.15 19.41 12.52
N THR A 255 4.95 19.25 11.98
CA THR A 255 4.34 20.24 11.10
C THR A 255 3.05 20.84 11.63
N SER A 256 2.38 20.19 12.58
CA SER A 256 1.13 20.72 13.13
C SER A 256 1.40 21.26 14.54
N LEU A 257 1.92 22.48 14.59
CA LEU A 257 2.09 23.25 15.81
C LEU A 257 1.29 24.54 15.70
N PRO A 258 0.84 25.11 16.82
CA PRO A 258 0.11 26.36 16.75
C PRO A 258 1.01 27.49 16.27
N PRO A 259 0.42 28.55 15.70
CA PRO A 259 1.25 29.65 15.17
C PRO A 259 1.96 30.47 16.21
N GLU A 260 1.63 30.28 17.49
CA GLU A 260 2.36 30.93 18.58
C GLU A 260 3.80 30.44 18.65
N LEU A 261 4.06 29.23 18.13
CA LEU A 261 5.40 28.67 18.06
C LEU A 261 5.66 28.04 16.68
N HIS A 262 5.39 28.77 15.59
CA HIS A 262 5.96 28.36 14.32
C HIS A 262 7.47 28.56 14.29
N HIS A 263 7.98 29.50 15.08
CA HIS A 263 9.40 29.80 15.12
C HIS A 263 10.22 28.71 15.78
N LYS A 264 9.57 27.75 16.43
CA LYS A 264 10.24 26.56 16.93
C LYS A 264 9.85 25.33 16.14
N GLY A 265 9.16 25.52 15.02
CA GLY A 265 8.75 24.43 14.15
C GLY A 265 9.36 24.57 12.77
N PHE A 266 8.53 24.80 11.75
CA PHE A 266 9.01 24.70 10.38
C PHE A 266 9.82 25.88 9.92
N LYS A 267 9.75 27.02 10.61
CA LYS A 267 10.58 28.16 10.22
C LYS A 267 11.99 28.05 10.74
N LEU A 268 12.35 26.88 11.24
CA LEU A 268 13.67 26.54 11.71
C LEU A 268 14.37 25.61 10.73
N TRP A 269 13.64 25.04 9.77
CA TRP A 269 14.22 24.16 8.75
C TRP A 269 13.69 24.37 7.35
N PHE A 270 12.65 25.19 7.16
CA PHE A 270 11.91 25.16 5.90
C PHE A 270 12.68 25.77 4.76
N ASP A 271 13.29 26.94 4.97
CA ASP A 271 14.01 27.61 3.89
C ASP A 271 15.22 26.80 3.47
N GLU A 272 15.92 26.24 4.45
CA GLU A 272 16.98 25.26 4.22
C GLU A 272 16.50 24.11 3.35
N LEU A 273 15.45 23.44 3.78
CA LEU A 273 15.06 22.19 3.16
C LEU A 273 14.40 22.38 1.81
N ILE A 274 13.71 23.49 1.58
CA ILE A 274 13.12 23.73 0.26
C ILE A 274 14.13 24.37 -0.71
N GLY A 275 15.14 25.08 -0.21
CA GLY A 275 16.25 25.44 -1.09
C GLY A 275 17.03 24.22 -1.52
N LEU A 276 17.16 23.26 -0.62
CA LEU A 276 17.74 21.97 -0.98
C LEU A 276 16.85 21.25 -1.99
N TRP A 277 15.54 21.40 -1.85
CA TRP A 277 14.60 20.75 -2.77
C TRP A 277 14.68 21.34 -4.17
N VAL A 278 14.75 22.66 -4.26
CA VAL A 278 14.78 23.32 -5.56
C VAL A 278 16.14 23.22 -6.24
N SER A 279 17.24 23.14 -5.49
CA SER A 279 18.54 23.18 -6.12
C SER A 279 18.91 21.86 -6.78
N VAL A 280 18.24 20.75 -6.44
CA VAL A 280 18.54 19.50 -7.12
C VAL A 280 17.69 19.39 -8.38
N GLN A 281 18.31 18.92 -9.46
CA GLN A 281 17.55 18.32 -10.57
C GLN A 281 18.16 16.96 -10.89
N ASN A 282 17.74 16.02 -10.07
CA ASN A 282 17.67 14.63 -10.43
C ASN A 282 16.25 14.26 -10.02
N LEU A 283 15.98 12.96 -9.98
CA LEU A 283 14.93 12.43 -9.11
C LEU A 283 15.67 11.51 -8.14
N PRO A 284 16.22 12.06 -7.06
CA PRO A 284 16.77 11.18 -6.01
C PRO A 284 15.64 10.45 -5.34
N GLN A 285 15.97 9.37 -4.67
CA GLN A 285 14.90 8.66 -3.98
C GLN A 285 14.50 9.40 -2.71
N TRP A 286 15.30 10.36 -2.26
CA TRP A 286 14.96 11.18 -1.12
C TRP A 286 14.15 12.41 -1.46
N GLU A 287 14.07 12.85 -2.72
CA GLU A 287 13.25 14.05 -2.89
C GLU A 287 11.79 13.71 -3.05
N GLY A 288 11.45 12.44 -3.26
CA GLY A 288 10.06 12.04 -3.12
C GLY A 288 9.66 11.85 -1.68
N GLN A 289 10.62 11.48 -0.83
CA GLN A 289 10.45 11.62 0.60
C GLN A 289 10.24 13.08 1.00
N LEU A 290 10.84 14.00 0.28
CA LEU A 290 10.84 15.39 0.65
C LEU A 290 9.57 16.10 0.20
N VAL A 291 8.95 15.66 -0.90
CA VAL A 291 7.66 16.23 -1.26
C VAL A 291 6.53 15.65 -0.44
N ASN A 292 6.72 14.46 0.15
CA ASN A 292 5.79 13.95 1.15
C ASN A 292 5.83 14.80 2.40
N LEU A 293 6.95 15.48 2.63
CA LEU A 293 7.10 16.33 3.81
C LEU A 293 6.52 17.71 3.59
N PHE A 294 6.70 18.30 2.40
CA PHE A 294 6.14 19.63 2.20
C PHE A 294 4.66 19.61 1.93
N ALA A 295 4.11 18.47 1.48
CA ALA A 295 2.66 18.35 1.36
C ALA A 295 2.00 18.33 2.72
N ARG A 296 2.62 17.66 3.69
CA ARG A 296 2.13 17.66 5.05
C ARG A 296 2.30 19.01 5.71
N LEU A 297 3.35 19.74 5.34
CA LEU A 297 3.57 21.06 5.90
C LEU A 297 2.57 22.06 5.35
N ALA A 298 2.25 21.96 4.05
CA ALA A 298 1.38 22.93 3.42
C ALA A 298 -0.04 22.82 3.95
N THR A 299 -0.50 21.60 4.25
CA THR A 299 -1.87 21.40 4.71
C THR A 299 -2.05 21.90 6.13
N ASP A 300 -1.07 21.67 6.97
CA ASP A 300 -1.22 21.99 8.39
C ASP A 300 -1.05 23.49 8.66
N ASN A 301 -0.45 24.24 7.73
CA ASN A 301 -0.17 25.66 7.93
C ASN A 301 -0.47 26.37 6.63
N ILE A 302 -1.73 26.79 6.45
CA ILE A 302 -2.18 27.45 5.22
C ILE A 302 -2.26 28.99 5.17
N GLY A 303 -2.23 29.65 6.32
CA GLY A 303 -2.32 31.11 6.32
C GLY A 303 -0.99 31.72 6.70
N TYR A 304 0.05 31.08 6.19
CA TYR A 304 1.43 31.09 6.68
C TYR A 304 2.18 31.00 5.38
N ILE A 305 3.26 30.20 5.31
CA ILE A 305 4.23 30.10 4.21
C ILE A 305 3.65 30.30 2.82
N ASP A 306 4.32 31.19 2.07
CA ASP A 306 3.69 31.87 0.94
C ASP A 306 3.54 30.93 -0.25
N TRP A 307 4.55 30.10 -0.51
CA TRP A 307 4.70 29.19 -1.64
C TRP A 307 4.79 29.91 -3.00
N ASP A 308 4.67 31.21 -3.01
CA ASP A 308 4.65 32.09 -4.18
C ASP A 308 5.98 32.08 -4.96
N PRO A 309 7.17 32.02 -4.35
CA PRO A 309 8.37 31.77 -5.16
C PRO A 309 8.52 30.33 -5.61
N TYR A 310 7.65 29.44 -5.18
CA TYR A 310 7.87 28.01 -5.31
C TYR A 310 6.88 27.33 -6.24
N VAL A 311 5.64 27.80 -6.24
CA VAL A 311 4.51 27.29 -7.03
C VAL A 311 4.87 27.05 -8.50
N PRO A 312 5.59 27.97 -9.23
CA PRO A 312 6.02 27.61 -10.58
C PRO A 312 7.04 26.48 -10.70
N LYS A 313 7.48 25.91 -9.58
CA LYS A 313 8.43 24.80 -9.60
C LYS A 313 7.76 23.53 -9.11
N ILE A 314 6.85 23.66 -8.14
CA ILE A 314 6.01 22.52 -7.75
C ILE A 314 5.19 22.04 -8.92
N PHE A 315 4.49 22.95 -9.60
CA PHE A 315 3.61 22.55 -10.70
C PHE A 315 4.38 21.97 -11.86
N THR A 316 5.56 22.49 -12.12
CA THR A 316 6.27 22.01 -13.28
C THR A 316 6.96 20.67 -12.99
N ARG A 317 7.33 20.42 -11.73
CA ARG A 317 7.82 19.10 -11.39
C ARG A 317 6.71 18.07 -11.31
N ILE A 318 5.49 18.49 -10.96
CA ILE A 318 4.34 17.57 -11.05
C ILE A 318 4.06 17.18 -12.49
N LEU A 319 4.09 18.15 -13.39
CA LEU A 319 3.89 17.87 -14.80
C LEU A 319 4.99 16.96 -15.37
N ARG A 320 6.23 17.18 -14.94
CA ARG A 320 7.30 16.24 -15.29
C ARG A 320 7.09 14.85 -14.70
N SER A 321 6.50 14.77 -13.51
CA SER A 321 6.23 13.47 -12.90
C SER A 321 5.17 12.71 -13.67
N LEU A 322 4.24 13.44 -14.30
CA LEU A 322 3.24 12.79 -15.13
C LEU A 322 3.83 12.14 -16.37
N ASN A 323 5.07 12.48 -16.72
CA ASN A 323 5.94 11.95 -17.78
C ASN A 323 5.20 11.62 -19.07
N LEU A 324 4.58 12.68 -19.59
CA LEU A 324 3.84 12.63 -20.82
C LEU A 324 4.81 12.61 -22.00
N PRO A 325 4.52 11.81 -23.03
CA PRO A 325 5.39 11.82 -24.22
C PRO A 325 5.14 13.04 -25.08
N VAL A 326 6.16 13.87 -25.22
CA VAL A 326 6.03 15.14 -25.93
C VAL A 326 7.09 15.21 -27.03
N GLY A 327 6.70 15.69 -28.19
CA GLY A 327 7.63 15.91 -29.27
C GLY A 327 7.68 14.77 -30.25
N SER A 328 8.55 14.95 -31.24
CA SER A 328 8.69 14.00 -32.34
C SER A 328 9.46 12.76 -31.92
N SER A 329 8.80 11.89 -31.14
CA SER A 329 9.30 10.56 -30.73
C SER A 329 10.63 10.64 -29.98
N GLN A 330 10.81 11.67 -29.15
CA GLN A 330 12.03 11.80 -28.37
C GLN A 330 11.86 11.07 -27.05
N VAL A 331 12.64 10.02 -26.84
CA VAL A 331 12.36 9.02 -25.83
C VAL A 331 13.31 9.18 -24.64
N LEU A 332 12.92 8.58 -23.51
CA LEU A 332 13.73 8.71 -22.31
C LEU A 332 13.97 7.42 -21.54
N VAL A 333 14.77 6.51 -22.09
CA VAL A 333 15.09 5.27 -21.39
C VAL A 333 15.86 5.58 -20.11
N PRO A 334 16.85 6.50 -20.20
CA PRO A 334 17.70 6.98 -19.11
C PRO A 334 16.94 7.72 -18.01
N ARG A 335 15.95 8.51 -18.41
CA ARG A 335 15.17 9.31 -17.47
C ARG A 335 14.41 8.49 -16.41
N PHE A 336 14.38 9.04 -15.21
CA PHE A 336 13.73 8.43 -14.05
C PHE A 336 12.20 8.47 -14.11
N LEU A 337 11.64 7.29 -14.31
CA LEU A 337 10.23 7.04 -14.54
C LEU A 337 9.59 6.48 -13.27
N THR A 338 10.42 5.84 -12.46
CA THR A 338 9.99 5.06 -11.31
C THR A 338 9.27 5.62 -10.10
N ASN A 339 9.72 6.77 -9.59
CA ASN A 339 9.12 7.30 -8.37
C ASN A 339 9.34 8.78 -8.14
N ALA A 340 9.15 9.17 -6.88
CA ALA A 340 9.37 10.53 -6.39
C ALA A 340 8.19 11.49 -6.52
N TYR A 341 7.15 11.12 -7.25
CA TYR A 341 6.00 12.01 -7.39
C TYR A 341 4.62 11.35 -7.37
N ASP A 342 4.21 10.82 -6.23
CA ASP A 342 2.88 10.23 -6.14
C ASP A 342 1.88 11.38 -6.24
N ILE A 343 0.78 11.19 -6.95
CA ILE A 343 -0.18 12.29 -7.07
C ILE A 343 -1.12 12.34 -5.87
N GLY A 344 -1.11 11.33 -5.01
CA GLY A 344 -1.80 11.44 -3.74
C GLY A 344 -1.27 12.56 -2.87
N HIS A 345 0.04 12.77 -2.88
CA HIS A 345 0.64 13.84 -2.08
C HIS A 345 0.83 15.12 -2.87
N ALA A 346 1.03 15.01 -4.19
CA ALA A 346 1.09 16.19 -5.02
C ALA A 346 -0.24 16.92 -5.08
N VAL A 347 -1.36 16.16 -5.09
CA VAL A 347 -2.70 16.75 -5.02
C VAL A 347 -2.90 17.51 -3.71
N ILE A 348 -2.49 16.88 -2.59
CA ILE A 348 -2.60 17.50 -1.26
C ILE A 348 -1.79 18.78 -1.21
N TRP A 349 -0.60 18.76 -1.81
CA TRP A 349 0.25 19.93 -1.79
C TRP A 349 -0.26 21.04 -2.69
N ILE A 350 -0.85 20.69 -3.83
CA ILE A 350 -1.51 21.68 -4.68
C ILE A 350 -2.68 22.32 -3.95
N THR A 351 -3.58 21.52 -3.39
CA THR A 351 -4.79 22.06 -2.81
C THR A 351 -4.55 22.78 -1.50
N ALA A 352 -3.41 22.55 -0.86
CA ALA A 352 -3.09 23.32 0.32
C ALA A 352 -2.43 24.66 0.00
N MET A 353 -1.98 24.88 -1.22
CA MET A 353 -1.36 26.14 -1.59
C MET A 353 -2.33 27.13 -2.19
N MET A 354 -3.49 26.69 -2.66
CA MET A 354 -4.35 27.64 -3.33
C MET A 354 -5.29 28.31 -2.34
N GLY A 355 -5.78 29.47 -2.74
CA GLY A 355 -6.42 30.40 -1.84
C GLY A 355 -5.54 31.60 -1.59
N GLY A 356 -6.01 32.46 -0.71
CA GLY A 356 -5.24 33.62 -0.31
C GLY A 356 -5.41 34.76 -1.28
N PRO A 357 -4.62 35.82 -1.09
CA PRO A 357 -4.79 37.02 -1.93
C PRO A 357 -4.34 36.83 -3.36
N SER A 358 -3.32 35.99 -3.55
CA SER A 358 -2.82 35.73 -4.87
C SER A 358 -3.15 34.29 -5.21
N LYS A 359 -4.01 34.13 -6.21
CA LYS A 359 -4.42 32.82 -6.67
C LYS A 359 -3.25 32.08 -7.27
N LEU A 360 -2.39 32.83 -7.96
CA LEU A 360 -1.27 32.24 -8.67
C LEU A 360 -1.41 30.73 -8.78
N VAL A 361 -1.80 30.07 -7.69
CA VAL A 361 -1.85 28.62 -7.67
C VAL A 361 -3.02 28.12 -8.53
N GLN A 362 -4.09 28.89 -8.60
CA GLN A 362 -5.22 28.51 -9.45
C GLN A 362 -4.90 28.74 -10.92
N LYS A 363 -4.11 29.78 -11.21
CA LYS A 363 -3.68 30.04 -12.59
C LYS A 363 -2.79 28.92 -13.09
N HIS A 364 -1.86 28.46 -12.25
CA HIS A 364 -1.03 27.30 -12.56
C HIS A 364 -1.84 26.02 -12.67
N LEU A 365 -2.91 25.88 -11.90
CA LEU A 365 -3.68 24.63 -11.93
C LEU A 365 -4.52 24.56 -13.20
N ALA A 366 -5.12 25.68 -13.59
CA ALA A 366 -5.81 25.79 -14.87
C ALA A 366 -4.85 25.57 -16.02
N GLY A 367 -3.62 26.10 -15.92
CA GLY A 367 -2.62 25.87 -16.94
C GLY A 367 -2.14 24.44 -17.02
N LEU A 368 -2.08 23.74 -15.88
CA LEU A 368 -1.79 22.32 -15.87
C LEU A 368 -2.82 21.53 -16.65
N PHE A 369 -4.10 21.72 -16.31
CA PHE A 369 -5.11 20.96 -17.03
C PHE A 369 -5.31 21.45 -18.46
N ASN A 370 -4.87 22.65 -18.81
CA ASN A 370 -4.79 23.00 -20.22
C ASN A 370 -3.64 22.31 -20.93
N SER A 371 -2.56 22.00 -20.20
CA SER A 371 -1.45 21.26 -20.77
C SER A 371 -1.72 19.77 -20.93
N ILE A 372 -2.66 19.20 -20.18
CA ILE A 372 -2.88 17.77 -20.26
C ILE A 372 -4.18 17.42 -21.01
N THR A 373 -4.85 18.40 -21.61
CA THR A 373 -6.21 18.14 -22.10
C THR A 373 -6.21 17.22 -23.31
N SER A 374 -5.10 17.14 -24.04
CA SER A 374 -4.99 16.16 -25.10
C SER A 374 -4.89 14.74 -24.57
N PHE A 375 -4.30 14.57 -23.39
CA PHE A 375 -4.03 13.25 -22.85
C PHE A 375 -5.20 12.66 -22.09
N TYR A 376 -6.19 13.46 -21.72
CA TYR A 376 -7.41 12.95 -21.13
C TYR A 376 -8.45 12.52 -22.16
N HIS A 377 -8.19 12.75 -23.43
CA HIS A 377 -9.13 12.38 -24.47
C HIS A 377 -9.15 10.87 -24.60
N PRO A 378 -10.33 10.26 -24.83
CA PRO A 378 -10.43 8.79 -24.80
C PRO A 378 -9.67 8.11 -25.91
N SER A 379 -9.36 8.81 -27.00
CA SER A 379 -8.58 8.21 -28.05
C SER A 379 -7.11 8.12 -27.68
N ASN A 380 -6.65 8.94 -26.75
CA ASN A 380 -5.23 9.09 -26.43
C ASN A 380 -4.81 8.32 -25.19
N ASN A 381 -5.35 7.13 -24.95
CA ASN A 381 -4.96 6.40 -23.75
C ASN A 381 -3.54 5.84 -23.85
N GLY A 382 -2.88 5.76 -22.71
CA GLY A 382 -1.53 5.25 -22.67
C GLY A 382 -1.15 4.93 -21.24
N ARG A 383 0.15 4.70 -21.03
CA ARG A 383 0.62 4.36 -19.69
C ARG A 383 0.56 5.55 -18.74
N TRP A 384 0.47 6.76 -19.27
CA TRP A 384 0.28 7.95 -18.43
C TRP A 384 -1.10 8.00 -17.81
N LEU A 385 -2.07 7.30 -18.37
CA LEU A 385 -3.46 7.55 -18.02
C LEU A 385 -3.81 7.01 -16.64
N ASN A 386 -3.07 6.01 -16.15
CA ASN A 386 -3.37 5.45 -14.83
C ASN A 386 -3.08 6.44 -13.72
N LYS A 387 -2.14 7.35 -13.94
CA LYS A 387 -1.82 8.37 -12.97
C LYS A 387 -2.51 9.69 -13.26
N LEU A 388 -2.84 9.96 -14.52
CA LEU A 388 -3.64 11.14 -14.85
C LEU A 388 -5.09 10.96 -14.43
N MET A 389 -5.59 9.72 -14.39
CA MET A 389 -6.89 9.49 -13.77
C MET A 389 -6.83 9.72 -12.27
N LYS A 390 -5.69 9.46 -11.64
CA LYS A 390 -5.58 9.63 -10.20
C LYS A 390 -5.60 11.10 -9.80
N LEU A 391 -4.94 11.96 -10.59
CA LEU A 391 -5.02 13.41 -10.39
C LEU A 391 -6.46 13.87 -10.44
N LEU A 392 -7.22 13.34 -11.39
CA LEU A 392 -8.57 13.78 -11.64
C LEU A 392 -9.55 13.25 -10.59
N GLN A 393 -9.32 12.06 -10.04
CA GLN A 393 -10.22 11.57 -9.01
C GLN A 393 -9.86 12.04 -7.62
N ARG A 394 -8.61 12.42 -7.39
CA ARG A 394 -8.19 12.81 -6.06
C ARG A 394 -8.26 14.31 -5.83
N LEU A 395 -8.13 15.12 -6.89
CA LEU A 395 -8.05 16.57 -6.67
C LEU A 395 -9.36 17.21 -6.20
N PRO A 396 -10.53 17.00 -6.84
CA PRO A 396 -11.76 17.58 -6.29
C PRO A 396 -12.16 17.02 -4.94
N ASN A 397 -11.76 15.78 -4.65
CA ASN A 397 -11.97 15.21 -3.33
C ASN A 397 -11.23 16.01 -2.28
N SER A 398 -9.98 16.36 -2.55
CA SER A 398 -9.19 17.06 -1.55
C SER A 398 -9.63 18.52 -1.43
N VAL A 399 -10.22 19.07 -2.50
CA VAL A 399 -10.82 20.40 -2.36
C VAL A 399 -12.10 20.36 -1.54
N VAL A 400 -12.90 19.29 -1.70
CA VAL A 400 -14.06 19.06 -0.84
C VAL A 400 -13.64 18.97 0.62
N ARG A 401 -12.54 18.26 0.88
CA ARG A 401 -12.05 18.13 2.24
C ARG A 401 -11.50 19.44 2.79
N ARG A 402 -10.93 20.29 1.92
CA ARG A 402 -10.49 21.62 2.38
C ARG A 402 -11.67 22.51 2.68
N LEU A 403 -12.70 22.48 1.84
CA LEU A 403 -13.91 23.26 2.10
C LEU A 403 -14.61 22.83 3.37
N HIS A 404 -14.62 21.52 3.63
CA HIS A 404 -15.16 21.02 4.88
C HIS A 404 -14.32 21.41 6.07
N ARG A 405 -13.00 21.44 5.88
CA ARG A 405 -12.07 21.85 6.92
C ARG A 405 -12.25 23.33 7.29
N GLU A 406 -12.50 24.14 6.27
CA GLU A 406 -12.63 25.59 6.41
C GLU A 406 -14.01 26.02 6.86
N ARG A 407 -15.03 25.28 6.48
CA ARG A 407 -16.40 25.73 6.65
C ARG A 407 -17.19 24.92 7.66
N TYR A 408 -17.29 23.61 7.46
CA TYR A 408 -18.27 22.83 8.18
C TYR A 408 -17.71 21.92 9.26
N LYS A 409 -16.47 22.19 9.62
CA LYS A 409 -15.75 21.53 10.73
C LYS A 409 -15.69 22.53 11.90
N LYS A 410 -16.02 22.03 13.09
CA LYS A 410 -16.10 22.82 14.31
C LYS A 410 -14.78 23.29 14.88
N PRO A 411 -14.83 24.36 15.68
CA PRO A 411 -13.63 24.91 16.31
C PRO A 411 -13.05 23.84 17.22
N SER A 412 -11.73 23.72 17.19
CA SER A 412 -11.04 22.70 17.96
C SER A 412 -9.61 23.12 18.25
N TRP A 413 -8.86 22.25 18.89
CA TRP A 413 -7.46 22.50 19.23
C TRP A 413 -6.62 22.74 17.98
N LEU A 414 -6.90 22.00 16.90
CA LEU A 414 -6.14 22.17 15.67
C LEU A 414 -6.28 23.62 15.20
N THR A 415 -5.15 24.16 14.78
CA THR A 415 -4.99 25.54 14.32
C THR A 415 -5.87 25.93 13.13
N PRO A 416 -6.83 26.82 13.35
CA PRO A 416 -7.82 27.10 12.31
C PRO A 416 -7.24 27.94 11.20
N VAL A 417 -7.77 27.73 10.01
CA VAL A 417 -7.31 28.42 8.80
C VAL A 417 -7.76 29.88 8.88
N PRO A 418 -6.95 30.83 8.45
CA PRO A 418 -7.33 32.23 8.57
C PRO A 418 -8.37 32.61 7.54
N ASP A 419 -9.04 33.72 7.81
CA ASP A 419 -10.01 34.27 6.87
C ASP A 419 -9.34 34.71 5.58
N SER A 420 -8.07 35.11 5.64
CA SER A 420 -7.33 35.55 4.47
C SER A 420 -7.06 34.43 3.48
N HIS A 421 -7.02 33.18 3.92
CA HIS A 421 -6.63 32.07 3.06
C HIS A 421 -7.69 30.99 2.92
N LYS A 422 -8.94 31.27 3.24
CA LYS A 422 -10.00 30.32 2.96
C LYS A 422 -10.44 30.42 1.51
N LEU A 423 -10.99 29.32 1.01
CA LEU A 423 -11.50 29.30 -0.35
C LEU A 423 -12.81 30.09 -0.42
N THR A 424 -12.87 31.03 -1.35
CA THR A 424 -14.04 31.87 -1.48
C THR A 424 -15.00 31.27 -2.49
N ASP A 425 -16.01 32.05 -2.86
CA ASP A 425 -16.99 31.65 -3.87
C ASP A 425 -16.33 31.49 -5.24
N GLN A 426 -15.63 32.52 -5.69
CA GLN A 426 -14.99 32.48 -7.01
C GLN A 426 -13.80 31.55 -7.01
N ASP A 427 -13.17 31.36 -5.85
CA ASP A 427 -11.97 30.54 -5.75
C ASP A 427 -12.28 29.07 -5.98
N VAL A 428 -13.49 28.64 -5.65
CA VAL A 428 -13.91 27.26 -5.88
C VAL A 428 -14.71 27.12 -7.18
N THR A 429 -15.38 28.20 -7.63
CA THR A 429 -15.96 28.21 -8.97
C THR A 429 -14.87 28.10 -10.03
N ASP A 430 -13.72 28.73 -9.81
CA ASP A 430 -12.63 28.66 -10.78
C ASP A 430 -11.99 27.28 -10.80
N PHE A 431 -11.97 26.60 -9.66
CA PHE A 431 -11.50 25.21 -9.63
C PHE A 431 -12.42 24.31 -10.44
N VAL A 432 -13.73 24.47 -10.28
CA VAL A 432 -14.68 23.67 -11.07
C VAL A 432 -14.55 24.00 -12.55
N GLN A 433 -14.42 25.28 -12.88
CA GLN A 433 -14.28 25.69 -14.27
C GLN A 433 -12.98 25.27 -14.90
N CYS A 434 -11.93 25.03 -14.12
CA CYS A 434 -10.71 24.55 -14.76
C CYS A 434 -10.69 23.03 -14.91
N ILE A 435 -11.21 22.29 -13.93
CA ILE A 435 -10.98 20.85 -13.93
C ILE A 435 -12.06 20.06 -14.68
N ILE A 436 -13.22 20.65 -14.97
CA ILE A 436 -14.36 19.84 -15.41
C ILE A 436 -14.21 19.32 -16.85
N GLN A 437 -13.50 20.03 -17.72
CA GLN A 437 -13.38 19.53 -19.09
C GLN A 437 -12.49 18.30 -19.21
N PRO A 438 -11.37 18.16 -18.47
CA PRO A 438 -10.77 16.82 -18.37
C PRO A 438 -11.65 15.78 -17.70
N VAL A 439 -12.51 16.17 -16.77
CA VAL A 439 -13.40 15.21 -16.11
C VAL A 439 -14.46 14.69 -17.06
N LEU A 440 -15.11 15.61 -17.79
CA LEU A 440 -16.08 15.22 -18.81
C LEU A 440 -15.40 14.47 -19.94
N LEU A 441 -14.15 14.78 -20.20
CA LEU A 441 -13.41 14.09 -21.25
C LEU A 441 -13.04 12.68 -20.82
N ALA A 442 -12.81 12.48 -19.52
CA ALA A 442 -12.45 11.22 -18.93
C ALA A 442 -13.65 10.36 -18.54
N MET A 443 -14.85 10.94 -18.61
CA MET A 443 -16.08 10.16 -18.50
C MET A 443 -16.11 9.01 -19.49
N PHE A 444 -15.72 9.29 -20.74
CA PHE A 444 -15.80 8.34 -21.84
C PHE A 444 -14.51 7.57 -22.03
N SER A 445 -13.72 7.43 -20.98
CA SER A 445 -12.44 6.74 -21.06
C SER A 445 -12.63 5.25 -21.28
N LYS A 446 -11.64 4.63 -21.92
CA LYS A 446 -11.67 3.21 -22.19
C LYS A 446 -11.33 2.37 -20.98
N THR A 447 -10.74 2.95 -19.95
CA THR A 447 -10.38 2.19 -18.76
C THR A 447 -11.60 1.90 -17.90
N GLY A 448 -12.65 2.69 -18.00
CA GLY A 448 -13.87 2.26 -17.35
C GLY A 448 -14.66 3.27 -16.54
N SER A 449 -14.35 4.56 -16.68
CA SER A 449 -15.12 5.69 -16.18
C SER A 449 -15.28 5.74 -14.67
N LEU A 450 -14.52 4.96 -13.91
CA LEU A 450 -14.71 4.95 -12.46
C LEU A 450 -14.14 6.20 -11.82
N GLU A 451 -12.96 6.62 -12.23
CA GLU A 451 -12.31 7.74 -11.56
C GLU A 451 -12.72 9.09 -12.14
N ALA A 452 -13.62 9.11 -13.12
CA ALA A 452 -14.27 10.35 -13.52
C ALA A 452 -15.58 10.55 -12.80
N ALA A 453 -16.24 9.46 -12.42
CA ALA A 453 -17.48 9.54 -11.66
C ALA A 453 -17.24 10.08 -10.27
N GLN A 454 -16.08 9.78 -9.68
CA GLN A 454 -15.77 10.29 -8.35
C GLN A 454 -15.44 11.78 -8.38
N ALA A 455 -14.74 12.21 -9.43
CA ALA A 455 -14.55 13.63 -9.70
C ALA A 455 -15.87 14.33 -9.89
N LEU A 456 -16.80 13.73 -10.63
CA LEU A 456 -18.11 14.35 -10.82
C LEU A 456 -18.94 14.35 -9.56
N GLN A 457 -18.71 13.40 -8.65
CA GLN A 457 -19.39 13.46 -7.37
C GLN A 457 -18.90 14.63 -6.55
N ASN A 458 -17.58 14.73 -6.39
CA ASN A 458 -17.03 15.77 -5.52
C ASN A 458 -17.16 17.16 -6.11
N LEU A 459 -17.17 17.29 -7.43
CA LEU A 459 -17.38 18.60 -8.04
C LEU A 459 -18.82 19.08 -7.96
N ALA A 460 -19.77 18.17 -7.77
CA ALA A 460 -21.17 18.53 -7.67
C ALA A 460 -21.61 18.88 -6.27
N LEU A 461 -20.79 18.56 -5.27
CA LEU A 461 -21.07 19.02 -3.91
C LEU A 461 -20.83 20.50 -3.77
N MET A 462 -19.88 21.05 -4.53
CA MET A 462 -19.49 22.45 -4.42
C MET A 462 -20.14 23.33 -5.47
N ARG A 463 -20.27 22.86 -6.70
CA ARG A 463 -20.89 23.64 -7.79
C ARG A 463 -21.74 22.68 -8.62
N PRO A 464 -22.95 22.38 -8.17
CA PRO A 464 -23.79 21.46 -8.94
C PRO A 464 -24.33 22.08 -10.22
N GLU A 465 -24.41 23.40 -10.28
CA GLU A 465 -24.95 24.06 -11.46
C GLU A 465 -23.96 24.01 -12.62
N LEU A 466 -22.69 23.83 -12.33
CA LEU A 466 -21.69 23.76 -13.39
C LEU A 466 -21.39 22.33 -13.83
N VAL A 467 -21.86 21.34 -13.08
CA VAL A 467 -21.42 19.96 -13.22
C VAL A 467 -22.54 19.06 -13.75
N ILE A 468 -23.71 19.08 -13.11
CA ILE A 468 -24.83 18.24 -13.56
C ILE A 468 -25.31 18.51 -14.98
N PRO A 469 -25.52 19.75 -15.45
CA PRO A 469 -26.05 19.93 -16.83
C PRO A 469 -25.16 19.42 -17.95
N PRO A 470 -23.82 19.43 -17.85
CA PRO A 470 -23.05 18.68 -18.87
C PRO A 470 -23.20 17.18 -18.80
N VAL A 471 -23.34 16.58 -17.62
CA VAL A 471 -23.35 15.13 -17.59
C VAL A 471 -24.70 14.59 -18.04
N LEU A 472 -25.78 15.35 -17.86
CA LEU A 472 -27.04 14.92 -18.46
C LEU A 472 -27.21 15.46 -19.87
N GLU A 473 -26.42 16.45 -20.27
CA GLU A 473 -26.34 16.77 -21.69
C GLU A 473 -25.63 15.66 -22.45
N ARG A 474 -24.78 14.90 -21.78
CA ARG A 474 -24.15 13.73 -22.39
C ARG A 474 -24.85 12.42 -22.03
N THR A 475 -25.82 12.43 -21.12
CA THR A 475 -26.47 11.20 -20.67
C THR A 475 -27.72 10.85 -21.48
N TYR A 476 -28.63 11.80 -21.66
CA TYR A 476 -29.82 11.58 -22.48
C TYR A 476 -29.53 11.16 -23.92
N PRO A 477 -28.54 11.69 -24.66
CA PRO A 477 -28.20 11.06 -25.94
C PRO A 477 -27.62 9.67 -25.79
N ALA A 478 -26.76 9.46 -24.79
CA ALA A 478 -26.07 8.20 -24.61
C ALA A 478 -27.03 7.07 -24.30
N LEU A 479 -28.06 7.37 -23.56
CA LEU A 479 -29.08 6.42 -23.19
C LEU A 479 -30.17 6.32 -24.24
N GLU A 480 -30.06 7.11 -25.32
CA GLU A 480 -30.92 7.04 -26.50
C GLU A 480 -30.29 6.22 -27.61
N THR A 481 -28.96 6.26 -27.73
CA THR A 481 -28.28 5.66 -28.87
C THR A 481 -28.35 4.14 -28.85
N LEU A 482 -27.90 3.57 -29.96
CA LEU A 482 -27.84 2.14 -30.12
C LEU A 482 -26.60 1.72 -30.90
N THR A 483 -25.76 2.68 -31.30
CA THR A 483 -24.48 2.38 -31.91
C THR A 483 -23.28 2.72 -31.04
N GLU A 484 -23.43 3.56 -30.01
CA GLU A 484 -22.37 3.83 -29.03
C GLU A 484 -22.77 3.31 -27.67
N PRO A 485 -22.54 2.02 -27.40
CA PRO A 485 -22.95 1.47 -26.09
C PRO A 485 -21.93 1.69 -25.00
N HIS A 486 -20.74 2.19 -25.34
CA HIS A 486 -19.74 2.48 -24.31
C HIS A 486 -20.14 3.67 -23.47
N GLN A 487 -21.06 4.48 -23.99
CA GLN A 487 -21.48 5.71 -23.34
C GLN A 487 -22.51 5.48 -22.26
N LEU A 488 -23.30 4.41 -22.36
CA LEU A 488 -24.35 4.18 -21.38
C LEU A 488 -23.76 3.78 -20.04
N THR A 489 -22.76 2.92 -20.07
CA THR A 489 -22.05 2.58 -18.84
C THR A 489 -21.28 3.77 -18.29
N ALA A 490 -20.83 4.68 -19.16
CA ALA A 490 -20.13 5.86 -18.69
C ALA A 490 -21.08 6.87 -18.08
N THR A 491 -22.17 7.18 -18.77
CA THR A 491 -23.08 8.24 -18.36
C THR A 491 -24.16 7.73 -17.43
N LEU A 492 -24.05 6.50 -17.00
CA LEU A 492 -24.90 6.17 -15.87
C LEU A 492 -24.10 6.03 -14.61
N SER A 493 -22.87 5.52 -14.69
CA SER A 493 -22.01 5.45 -13.52
C SER A 493 -21.61 6.84 -13.04
N CYS A 494 -21.57 7.81 -13.95
CA CYS A 494 -21.29 9.19 -13.63
C CYS A 494 -22.53 9.98 -13.24
N VAL A 495 -23.71 9.36 -13.28
CA VAL A 495 -24.91 9.96 -12.72
C VAL A 495 -25.24 9.32 -11.35
N ILE A 496 -24.63 8.18 -11.03
CA ILE A 496 -24.67 7.65 -9.66
C ILE A 496 -24.04 8.63 -8.69
N GLY A 497 -22.84 9.12 -9.02
CA GLY A 497 -22.13 9.97 -8.11
C GLY A 497 -22.68 11.36 -8.04
N VAL A 498 -23.42 11.77 -9.07
CA VAL A 498 -23.96 13.11 -9.11
C VAL A 498 -25.37 13.18 -8.55
N ALA A 499 -25.86 12.05 -8.00
CA ALA A 499 -27.29 11.83 -7.77
C ALA A 499 -27.81 12.59 -6.56
N ARG A 500 -27.08 12.58 -5.45
CA ARG A 500 -27.53 13.28 -4.25
C ARG A 500 -27.51 14.79 -4.45
N SER A 501 -26.67 15.28 -5.36
CA SER A 501 -26.73 16.68 -5.78
C SER A 501 -27.85 16.91 -6.78
N LEU A 502 -28.14 15.90 -7.61
CA LEU A 502 -29.15 16.07 -8.66
C LEU A 502 -30.55 16.09 -8.07
N VAL A 503 -30.80 15.35 -7.00
CA VAL A 503 -32.15 15.23 -6.45
C VAL A 503 -32.43 16.32 -5.42
N SER A 504 -31.44 17.10 -5.05
CA SER A 504 -31.62 18.09 -4.00
C SER A 504 -32.03 19.45 -4.55
N GLY A 505 -31.45 19.85 -5.67
CA GLY A 505 -31.60 21.22 -6.12
C GLY A 505 -30.37 22.01 -5.75
N GLY A 506 -30.46 22.82 -4.69
CA GLY A 506 -29.27 23.41 -4.14
C GLY A 506 -29.23 24.93 -4.16
N ARG A 507 -30.39 25.55 -4.44
CA ARG A 507 -30.67 26.98 -4.40
C ARG A 507 -29.97 27.78 -5.48
N TRP A 508 -29.16 27.15 -6.33
CA TRP A 508 -28.71 27.79 -7.56
C TRP A 508 -28.71 26.84 -8.75
N PHE A 509 -29.06 25.56 -8.56
CA PHE A 509 -29.41 24.66 -9.65
C PHE A 509 -30.74 24.00 -9.30
N PRO A 510 -31.87 24.68 -9.54
CA PRO A 510 -33.14 24.16 -9.06
C PRO A 510 -33.77 23.15 -9.99
N GLU A 511 -33.43 23.24 -11.27
CA GLU A 511 -34.01 22.35 -12.26
C GLU A 511 -33.69 20.92 -11.88
N GLY A 512 -32.45 20.73 -11.42
CA GLY A 512 -31.90 19.47 -10.90
C GLY A 512 -32.68 18.18 -11.02
N PRO A 513 -33.56 17.94 -10.04
CA PRO A 513 -34.42 16.76 -9.93
C PRO A 513 -35.41 16.62 -11.08
N THR A 514 -36.01 17.71 -11.58
CA THR A 514 -36.95 17.51 -12.68
C THR A 514 -36.42 16.51 -13.69
N HIS A 515 -35.10 16.38 -13.78
CA HIS A 515 -34.47 15.40 -14.65
C HIS A 515 -34.49 13.98 -14.10
N MET A 516 -35.07 13.75 -12.93
CA MET A 516 -34.92 12.42 -12.31
C MET A 516 -35.82 11.39 -12.98
N LEU A 517 -37.13 11.56 -12.86
CA LEU A 517 -38.06 10.58 -13.41
C LEU A 517 -38.10 10.48 -14.94
N PRO A 518 -37.81 11.53 -15.73
CA PRO A 518 -37.49 11.25 -17.14
C PRO A 518 -36.34 10.30 -17.32
N LEU A 519 -35.19 10.58 -16.70
CA LEU A 519 -34.01 9.75 -16.85
C LEU A 519 -34.17 8.39 -16.18
N LEU A 520 -35.06 8.29 -15.19
CA LEU A 520 -35.35 7.04 -14.52
C LEU A 520 -36.19 6.12 -15.41
N MET A 521 -37.15 6.69 -16.14
CA MET A 521 -37.98 5.92 -17.06
C MET A 521 -37.23 5.51 -18.31
N ARG A 522 -36.39 6.39 -18.83
CA ARG A 522 -35.69 6.12 -20.08
C ARG A 522 -34.57 5.11 -19.90
N ALA A 523 -34.15 4.86 -18.66
CA ALA A 523 -33.13 3.87 -18.37
C ALA A 523 -33.67 2.46 -18.22
N LEU A 524 -34.98 2.27 -18.32
CA LEU A 524 -35.56 0.94 -18.14
C LEU A 524 -35.18 -0.13 -19.17
N PRO A 525 -34.92 0.14 -20.46
CA PRO A 525 -34.39 -0.95 -21.31
C PRO A 525 -33.00 -1.44 -20.93
N GLY A 526 -32.31 -0.81 -19.98
CA GLY A 526 -31.08 -1.35 -19.46
C GLY A 526 -31.24 -2.61 -18.66
N VAL A 527 -32.43 -2.85 -18.10
CA VAL A 527 -32.68 -4.11 -17.41
C VAL A 527 -32.84 -5.16 -18.50
N ASP A 528 -31.75 -5.89 -18.76
CA ASP A 528 -31.56 -6.57 -20.01
C ASP A 528 -30.97 -7.94 -19.73
N PRO A 529 -31.51 -8.99 -20.34
CA PRO A 529 -30.85 -10.31 -20.27
C PRO A 529 -29.53 -10.38 -21.00
N ASN A 530 -29.24 -9.45 -21.90
CA ASN A 530 -28.09 -9.58 -22.79
C ASN A 530 -26.83 -9.03 -22.16
N ASP A 531 -26.83 -7.76 -21.77
CA ASP A 531 -25.70 -7.21 -21.06
C ASP A 531 -25.81 -7.52 -19.58
N PHE A 532 -24.81 -8.20 -19.05
CA PHE A 532 -24.58 -8.14 -17.61
C PHE A 532 -24.13 -6.75 -17.20
N SER A 533 -23.36 -6.10 -18.07
CA SER A 533 -22.60 -4.92 -17.66
C SER A 533 -23.50 -3.70 -17.49
N LYS A 534 -24.48 -3.53 -18.38
CA LYS A 534 -25.37 -2.39 -18.20
C LYS A 534 -26.54 -2.72 -17.29
N CYS A 535 -26.91 -4.00 -17.14
CA CYS A 535 -27.99 -4.32 -16.23
C CYS A 535 -27.56 -4.18 -14.79
N MET A 536 -26.27 -4.34 -14.53
CA MET A 536 -25.71 -3.97 -13.24
C MET A 536 -25.83 -2.49 -12.96
N ILE A 537 -25.38 -1.66 -13.90
CA ILE A 537 -25.39 -0.22 -13.69
C ILE A 537 -26.79 0.34 -13.76
N THR A 538 -27.72 -0.32 -14.45
CA THR A 538 -29.12 0.10 -14.46
C THR A 538 -29.80 -0.19 -13.14
N PHE A 539 -29.58 -1.40 -12.60
CA PHE A 539 -30.04 -1.72 -11.25
C PHE A 539 -29.47 -0.77 -10.23
N GLN A 540 -28.19 -0.42 -10.39
CA GLN A 540 -27.48 0.40 -9.41
C GLN A 540 -27.84 1.88 -9.58
N PHE A 541 -28.43 2.22 -10.71
CA PHE A 541 -29.01 3.51 -11.05
C PHE A 541 -30.42 3.68 -10.53
N ILE A 542 -31.26 2.67 -10.74
CA ILE A 542 -32.62 2.68 -10.24
C ILE A 542 -32.64 2.56 -8.72
N ALA A 543 -31.63 1.90 -8.13
CA ALA A 543 -31.58 1.81 -6.68
C ALA A 543 -31.06 3.10 -6.05
N THR A 544 -30.26 3.87 -6.79
CA THR A 544 -29.77 5.11 -6.21
C THR A 544 -30.66 6.31 -6.52
N PHE A 545 -31.50 6.22 -7.54
CA PHE A 545 -32.52 7.23 -7.76
C PHE A 545 -33.88 6.78 -7.29
N SER A 546 -33.95 5.89 -6.32
CA SER A 546 -35.20 5.63 -5.65
C SER A 546 -35.12 5.68 -4.15
N THR A 547 -33.95 5.44 -3.53
CA THR A 547 -33.75 5.85 -2.14
C THR A 547 -33.80 7.36 -1.99
N LEU A 548 -33.44 8.08 -3.05
CA LEU A 548 -33.38 9.52 -3.04
C LEU A 548 -34.73 10.17 -3.29
N VAL A 549 -35.76 9.38 -3.59
CA VAL A 549 -37.09 9.93 -3.81
C VAL A 549 -38.16 9.10 -3.11
N PRO A 550 -38.93 9.70 -2.24
CA PRO A 550 -40.19 9.10 -1.82
C PRO A 550 -41.17 9.06 -2.98
N LEU A 551 -41.44 7.87 -3.51
CA LEU A 551 -42.27 7.80 -4.72
C LEU A 551 -43.73 7.54 -4.36
N VAL A 552 -44.22 8.43 -3.52
CA VAL A 552 -45.64 8.55 -3.19
C VAL A 552 -46.26 9.44 -4.25
N ASP A 553 -47.40 9.03 -4.78
CA ASP A 553 -48.08 9.76 -5.86
C ASP A 553 -48.68 11.06 -5.32
N CYS A 554 -47.87 12.11 -5.24
CA CYS A 554 -48.30 13.43 -4.78
C CYS A 554 -48.59 14.29 -6.00
N SER A 555 -49.57 13.88 -6.80
CA SER A 555 -49.99 14.64 -7.96
C SER A 555 -51.41 15.16 -7.85
N SER A 556 -52.15 14.75 -6.83
CA SER A 556 -53.48 15.27 -6.58
C SER A 556 -53.42 16.50 -5.68
N VAL A 557 -52.59 17.47 -6.05
CA VAL A 557 -52.51 18.75 -5.38
C VAL A 557 -52.71 19.83 -6.45
N LEU A 558 -53.97 20.18 -6.70
CA LEU A 558 -54.34 21.41 -7.40
C LEU A 558 -55.17 22.28 -6.49
N GLN A 559 -55.37 21.86 -5.24
CA GLN A 559 -56.01 22.64 -4.18
C GLN A 559 -55.02 23.52 -3.44
N GLU A 560 -53.81 23.65 -3.95
CA GLU A 560 -52.67 24.24 -3.25
C GLU A 560 -52.12 25.39 -4.09
N ARG A 561 -53.03 26.32 -4.40
CA ARG A 561 -52.84 27.51 -5.24
C ARG A 561 -51.57 28.32 -5.00
N ASN A 562 -51.02 28.27 -3.79
CA ASN A 562 -49.75 28.93 -3.48
C ASN A 562 -48.96 27.92 -2.63
N ASP A 563 -47.91 28.43 -1.96
CA ASP A 563 -46.93 27.69 -1.16
C ASP A 563 -46.08 26.73 -2.01
N LEU A 564 -46.17 26.80 -3.33
CA LEU A 564 -45.38 25.94 -4.21
C LEU A 564 -44.47 26.76 -5.11
N THR A 565 -43.52 26.06 -5.71
CA THR A 565 -42.60 26.62 -6.70
C THR A 565 -43.03 26.13 -8.07
N GLU A 566 -42.74 26.94 -9.10
CA GLU A 566 -42.97 26.54 -10.49
C GLU A 566 -42.17 25.31 -10.87
N VAL A 567 -41.05 25.04 -10.20
CA VAL A 567 -40.38 23.75 -10.32
C VAL A 567 -41.16 22.66 -9.59
N GLU A 568 -41.53 22.91 -8.33
CA GLU A 568 -42.18 21.89 -7.51
C GLU A 568 -43.56 21.53 -8.04
N ARG A 569 -44.21 22.46 -8.73
CA ARG A 569 -45.48 22.17 -9.39
C ARG A 569 -45.26 21.23 -10.58
N GLU A 570 -44.26 21.52 -11.40
CA GLU A 570 -43.92 20.64 -12.52
C GLU A 570 -43.28 19.34 -12.06
N LEU A 571 -42.78 19.32 -10.84
CA LEU A 571 -42.14 18.12 -10.32
C LEU A 571 -43.10 17.25 -9.52
N CYS A 572 -44.25 17.80 -9.12
CA CYS A 572 -45.32 16.98 -8.57
C CYS A 572 -46.34 16.56 -9.62
N SER A 573 -46.47 17.32 -10.71
CA SER A 573 -47.24 16.81 -11.85
C SER A 573 -46.32 16.15 -12.88
N ALA A 574 -45.42 15.33 -12.36
CA ALA A 574 -44.72 14.27 -13.06
C ALA A 574 -44.63 13.04 -12.18
N THR A 575 -45.06 13.18 -10.94
CA THR A 575 -45.07 12.13 -9.93
C THR A 575 -46.05 11.02 -10.27
N ALA A 576 -47.09 11.33 -11.05
CA ALA A 576 -48.11 10.35 -11.42
C ALA A 576 -47.60 9.21 -12.30
N GLU A 577 -46.37 9.32 -12.82
CA GLU A 577 -45.76 8.28 -13.64
C GLU A 577 -44.97 7.28 -12.77
N PHE A 578 -45.28 7.23 -11.48
CA PHE A 578 -44.60 6.30 -10.59
C PHE A 578 -45.22 4.92 -10.59
N GLU A 579 -46.50 4.77 -10.90
CA GLU A 579 -47.00 3.45 -11.29
C GLU A 579 -46.38 3.01 -12.60
N ASP A 580 -46.29 3.92 -13.55
CA ASP A 580 -45.68 3.62 -14.82
C ASP A 580 -44.17 3.44 -14.73
N PHE A 581 -43.57 3.68 -13.57
CA PHE A 581 -42.20 3.23 -13.40
C PHE A 581 -42.12 1.88 -12.72
N VAL A 582 -42.87 1.66 -11.64
CA VAL A 582 -42.70 0.41 -10.90
C VAL A 582 -43.44 -0.75 -11.52
N LEU A 583 -44.22 -0.51 -12.58
CA LEU A 583 -44.76 -1.62 -13.34
C LEU A 583 -44.02 -1.84 -14.66
N GLN A 584 -43.59 -0.77 -15.33
CA GLN A 584 -42.77 -0.95 -16.52
C GLN A 584 -41.39 -1.45 -16.16
N PHE A 585 -40.89 -1.10 -14.96
CA PHE A 585 -39.67 -1.67 -14.42
C PHE A 585 -39.81 -3.15 -14.17
N MET A 586 -41.00 -3.57 -13.81
CA MET A 586 -41.22 -4.89 -13.27
C MET A 586 -41.50 -5.91 -14.35
N ASP A 587 -42.05 -5.49 -15.49
CA ASP A 587 -42.05 -6.35 -16.66
C ASP A 587 -40.65 -6.50 -17.22
N ARG A 588 -39.80 -5.48 -17.08
CA ARG A 588 -38.39 -5.62 -17.43
C ARG A 588 -37.70 -6.64 -16.53
N CYS A 589 -38.11 -6.71 -15.27
CA CYS A 589 -37.55 -7.67 -14.35
C CYS A 589 -38.21 -9.03 -14.45
N PHE A 590 -39.40 -9.11 -15.04
CA PHE A 590 -40.00 -10.41 -15.26
C PHE A 590 -39.39 -11.10 -16.47
N GLY A 591 -39.19 -10.38 -17.57
CA GLY A 591 -38.58 -10.96 -18.74
C GLY A 591 -37.13 -11.36 -18.56
N LEU A 592 -36.42 -10.68 -17.69
CA LEU A 592 -35.05 -11.06 -17.35
C LEU A 592 -35.02 -12.35 -16.56
N ILE A 593 -36.01 -12.57 -15.68
CA ILE A 593 -36.16 -13.87 -15.04
C ILE A 593 -36.55 -14.93 -16.04
N GLU A 594 -37.53 -14.63 -16.90
CA GLU A 594 -38.07 -15.59 -17.85
C GLU A 594 -37.05 -16.02 -18.89
N SER A 595 -36.03 -15.22 -19.15
CA SER A 595 -34.91 -15.70 -19.94
C SER A 595 -33.64 -15.87 -19.12
N SER A 596 -33.76 -15.90 -17.79
CA SER A 596 -32.66 -16.30 -16.93
C SER A 596 -32.88 -17.66 -16.30
N LEU A 613 -21.89 -14.81 -12.14
CA LEU A 613 -22.37 -13.70 -12.94
C LEU A 613 -23.87 -13.51 -12.76
N GLU A 614 -24.59 -14.58 -12.47
CA GLU A 614 -26.03 -14.51 -12.35
C GLU A 614 -26.52 -14.50 -10.91
N SER A 615 -25.63 -14.67 -9.95
CA SER A 615 -25.98 -14.59 -8.53
C SER A 615 -25.69 -13.17 -8.07
N LEU A 616 -25.17 -12.37 -9.00
CA LEU A 616 -25.14 -10.93 -8.84
C LEU A 616 -26.33 -10.23 -9.44
N VAL A 617 -26.88 -10.70 -10.57
CA VAL A 617 -28.09 -10.11 -11.14
C VAL A 617 -29.35 -10.57 -10.42
N GLU A 618 -29.24 -11.36 -9.36
CA GLU A 618 -30.34 -11.52 -8.43
C GLU A 618 -30.09 -10.81 -7.12
N LEU A 619 -28.83 -10.46 -6.84
CA LEU A 619 -28.56 -9.51 -5.77
C LEU A 619 -28.91 -8.09 -6.21
N GLY A 620 -28.55 -7.72 -7.43
CA GLY A 620 -28.96 -6.43 -7.96
C GLY A 620 -30.44 -6.28 -8.19
N LEU A 621 -31.08 -7.32 -8.73
CA LEU A 621 -32.53 -7.37 -8.93
C LEU A 621 -33.29 -7.19 -7.63
N SER A 622 -33.09 -8.10 -6.69
CA SER A 622 -33.75 -8.05 -5.39
C SER A 622 -33.26 -6.91 -4.52
N SER A 623 -32.15 -6.29 -4.88
CA SER A 623 -31.71 -5.10 -4.17
C SER A 623 -32.49 -3.88 -4.64
N THR A 624 -32.51 -3.63 -5.94
CA THR A 624 -33.21 -2.46 -6.44
C THR A 624 -34.72 -2.61 -6.37
N PHE A 625 -35.25 -3.83 -6.38
CA PHE A 625 -36.68 -3.98 -6.23
C PHE A 625 -37.12 -3.82 -4.79
N SER A 626 -36.29 -4.21 -3.82
CA SER A 626 -36.61 -3.90 -2.44
C SER A 626 -36.38 -2.42 -2.13
N THR A 627 -35.43 -1.81 -2.81
CA THR A 627 -35.17 -0.38 -2.65
C THR A 627 -36.33 0.44 -3.18
N ILE A 628 -36.85 0.06 -4.35
CA ILE A 628 -38.05 0.69 -4.91
C ILE A 628 -39.23 0.53 -3.95
N LEU A 629 -39.40 -0.66 -3.41
CA LEU A 629 -40.70 -1.01 -2.87
C LEU A 629 -40.86 -0.55 -1.44
N THR A 630 -39.77 -0.24 -0.74
CA THR A 630 -39.89 0.48 0.51
C THR A 630 -40.09 1.97 0.31
N GLN A 631 -39.79 2.47 -0.88
CA GLN A 631 -39.91 3.88 -1.21
C GLN A 631 -41.18 4.20 -1.97
N CYS A 632 -42.12 3.26 -2.02
CA CYS A 632 -43.41 3.50 -2.65
C CYS A 632 -44.49 3.53 -1.57
N SER A 633 -45.56 4.25 -1.88
CA SER A 633 -46.67 4.38 -0.95
C SER A 633 -47.48 3.10 -0.91
N LYS A 634 -48.48 3.07 -0.02
CA LYS A 634 -49.34 1.90 0.08
C LYS A 634 -50.27 1.79 -1.13
N GLU A 635 -50.52 2.91 -1.83
CA GLU A 635 -51.27 2.85 -3.08
C GLU A 635 -50.49 2.12 -4.17
N ILE A 636 -49.20 2.45 -4.30
CA ILE A 636 -48.35 1.84 -5.32
C ILE A 636 -48.04 0.40 -4.97
N PHE A 637 -47.91 0.11 -3.68
CA PHE A 637 -47.45 -1.18 -3.23
C PHE A 637 -48.47 -2.27 -3.52
N MET A 638 -49.76 -1.98 -3.43
CA MET A 638 -50.75 -3.04 -3.64
C MET A 638 -50.77 -3.49 -5.09
N VAL A 639 -50.52 -2.55 -6.01
CA VAL A 639 -50.41 -2.92 -7.42
C VAL A 639 -49.15 -3.75 -7.64
N ALA A 640 -48.04 -3.35 -7.01
CA ALA A 640 -46.81 -4.14 -7.13
C ALA A 640 -46.94 -5.50 -6.49
N LEU A 641 -47.69 -5.60 -5.40
CA LEU A 641 -47.94 -6.87 -4.74
C LEU A 641 -48.80 -7.79 -5.60
N GLN A 642 -49.83 -7.25 -6.24
CA GLN A 642 -50.63 -8.07 -7.14
C GLN A 642 -49.82 -8.53 -8.35
N LYS A 643 -48.91 -7.68 -8.82
CA LYS A 643 -48.08 -8.04 -9.97
C LYS A 643 -47.02 -9.08 -9.58
N VAL A 644 -46.47 -9.00 -8.36
CA VAL A 644 -45.59 -10.05 -7.84
C VAL A 644 -46.34 -11.36 -7.73
N PHE A 645 -47.54 -11.30 -7.15
CA PHE A 645 -48.26 -12.50 -6.77
C PHE A 645 -48.76 -13.27 -7.99
N ASN A 646 -49.26 -12.57 -9.01
CA ASN A 646 -49.73 -13.25 -10.20
C ASN A 646 -48.58 -13.90 -10.97
N PHE A 647 -47.40 -13.31 -10.93
CA PHE A 647 -46.26 -13.86 -11.64
C PHE A 647 -45.63 -15.02 -10.92
N SER A 648 -45.55 -14.97 -9.59
CA SER A 648 -45.02 -16.09 -8.85
C SER A 648 -46.00 -17.24 -8.72
N THR A 649 -47.29 -16.94 -8.85
CA THR A 649 -48.34 -17.93 -8.66
C THR A 649 -48.63 -18.73 -9.92
N SER A 650 -48.54 -18.09 -11.09
CA SER A 650 -49.07 -18.66 -12.31
C SER A 650 -48.02 -18.88 -13.40
N HIS A 651 -46.74 -18.84 -13.07
CA HIS A 651 -45.69 -18.92 -14.11
C HIS A 651 -44.57 -19.86 -13.70
N ILE A 652 -44.93 -21.06 -13.22
CA ILE A 652 -44.16 -22.01 -12.40
C ILE A 652 -42.66 -22.16 -12.73
N PHE A 653 -41.82 -22.08 -11.71
CA PHE A 653 -40.40 -21.76 -11.87
C PHE A 653 -39.49 -22.89 -11.43
N GLU A 654 -38.38 -23.05 -12.16
CA GLU A 654 -37.37 -23.99 -11.76
C GLU A 654 -36.57 -23.43 -10.60
N THR A 655 -36.04 -24.32 -9.78
CA THR A 655 -35.68 -23.97 -8.43
C THR A 655 -34.20 -23.68 -8.25
N ARG A 656 -33.49 -23.37 -9.33
CA ARG A 656 -32.06 -23.12 -9.22
C ARG A 656 -31.67 -21.68 -9.50
N VAL A 657 -32.00 -21.13 -10.67
CA VAL A 657 -31.64 -19.76 -11.00
C VAL A 657 -32.87 -18.87 -11.19
N ALA A 658 -33.90 -19.35 -11.87
CA ALA A 658 -35.07 -18.48 -12.07
C ALA A 658 -35.97 -18.37 -10.86
N GLY A 659 -36.25 -19.48 -10.18
CA GLY A 659 -37.09 -19.42 -8.99
C GLY A 659 -36.35 -18.85 -7.80
N ARG A 660 -35.04 -18.88 -7.84
CA ARG A 660 -34.24 -18.19 -6.85
C ARG A 660 -34.42 -16.68 -6.95
N MET A 661 -34.67 -16.18 -8.18
CA MET A 661 -34.85 -14.76 -8.43
C MET A 661 -36.26 -14.29 -8.11
N VAL A 662 -37.28 -15.08 -8.48
CA VAL A 662 -38.67 -14.71 -8.23
C VAL A 662 -38.95 -14.67 -6.75
N ALA A 663 -38.50 -15.68 -6.02
CA ALA A 663 -38.79 -15.77 -4.60
C ALA A 663 -38.07 -14.71 -3.79
N ASP A 664 -36.95 -14.20 -4.28
CA ASP A 664 -36.32 -13.04 -3.66
C ASP A 664 -36.93 -11.73 -4.13
N MET A 665 -37.60 -11.73 -5.27
CA MET A 665 -38.44 -10.60 -5.63
C MET A 665 -39.71 -10.60 -4.81
N CYS A 666 -40.21 -11.78 -4.44
CA CYS A 666 -41.41 -11.89 -3.61
C CYS A 666 -41.16 -11.39 -2.20
N ARG A 667 -40.03 -11.77 -1.60
CA ARG A 667 -39.78 -11.37 -0.24
C ARG A 667 -39.42 -9.90 -0.11
N ALA A 668 -39.13 -9.19 -1.20
CA ALA A 668 -39.03 -7.73 -1.10
C ALA A 668 -40.39 -7.13 -0.77
N ALA A 669 -41.42 -7.57 -1.50
CA ALA A 669 -42.79 -7.18 -1.21
C ALA A 669 -43.23 -7.70 0.15
N VAL A 670 -42.73 -8.86 0.58
CA VAL A 670 -43.14 -9.33 1.88
C VAL A 670 -42.42 -8.56 2.99
N LYS A 671 -41.15 -8.24 2.79
CA LYS A 671 -40.39 -7.46 3.76
C LYS A 671 -40.90 -6.04 3.88
N CYS A 672 -41.62 -5.52 2.89
CA CYS A 672 -42.09 -4.15 3.05
C CYS A 672 -43.27 -4.01 4.00
N CYS A 673 -44.44 -4.40 3.50
CA CYS A 673 -45.65 -4.39 4.29
C CYS A 673 -45.89 -5.86 4.53
N PRO A 674 -45.52 -6.33 5.72
CA PRO A 674 -45.62 -7.72 6.17
C PRO A 674 -47.04 -8.25 6.31
N GLU A 675 -47.96 -7.39 6.75
CA GLU A 675 -49.32 -7.88 7.06
C GLU A 675 -50.21 -8.09 5.83
N GLU A 676 -49.97 -7.37 4.74
CA GLU A 676 -50.83 -7.54 3.58
C GLU A 676 -50.23 -8.47 2.53
N SER A 677 -48.92 -8.41 2.32
CA SER A 677 -48.31 -9.26 1.30
C SER A 677 -48.25 -10.71 1.73
N LEU A 678 -48.09 -10.96 3.03
CA LEU A 678 -48.00 -12.32 3.54
C LEU A 678 -49.35 -13.02 3.47
N LYS A 679 -50.43 -12.22 3.55
CA LYS A 679 -51.80 -12.72 3.44
C LYS A 679 -52.09 -13.33 2.08
N LEU A 680 -51.35 -12.92 1.05
CA LEU A 680 -51.55 -13.49 -0.28
C LEU A 680 -50.75 -14.76 -0.45
N PHE A 681 -49.48 -14.76 -0.04
CA PHE A 681 -48.59 -15.87 -0.35
C PHE A 681 -48.79 -17.06 0.57
N VAL A 682 -48.90 -16.83 1.87
CA VAL A 682 -48.85 -17.94 2.82
C VAL A 682 -50.12 -18.82 2.78
N PRO A 683 -51.36 -18.27 2.70
CA PRO A 683 -52.49 -19.18 2.41
C PRO A 683 -52.39 -19.88 1.07
N HIS A 684 -51.96 -19.19 0.02
CA HIS A 684 -51.84 -19.81 -1.30
C HIS A 684 -50.80 -20.92 -1.29
N CYS A 685 -49.57 -20.61 -0.86
CA CYS A 685 -48.51 -21.60 -0.90
C CYS A 685 -48.75 -22.75 0.06
N CYS A 686 -49.36 -22.49 1.23
CA CYS A 686 -49.69 -23.61 2.10
C CYS A 686 -50.78 -24.50 1.50
N SER A 687 -51.78 -23.91 0.82
CA SER A 687 -52.81 -24.71 0.18
C SER A 687 -52.27 -25.53 -0.99
N VAL A 688 -51.35 -24.94 -1.77
CA VAL A 688 -50.88 -25.62 -2.97
C VAL A 688 -49.83 -26.67 -2.61
N ILE A 689 -49.06 -26.45 -1.55
CA ILE A 689 -48.19 -27.51 -1.04
C ILE A 689 -49.03 -28.62 -0.43
N THR A 690 -50.11 -28.26 0.28
CA THR A 690 -50.96 -29.24 0.93
C THR A 690 -51.67 -30.14 -0.08
N GLN A 691 -52.08 -29.57 -1.22
CA GLN A 691 -52.72 -30.37 -2.24
C GLN A 691 -51.74 -31.29 -2.94
N LEU A 692 -50.47 -30.90 -3.03
CA LEU A 692 -49.50 -31.74 -3.71
C LEU A 692 -48.70 -32.67 -2.80
N THR A 693 -48.96 -32.67 -1.49
CA THR A 693 -48.26 -33.56 -0.59
C THR A 693 -49.20 -34.62 -0.01
N MET A 694 -50.43 -34.67 -0.52
CA MET A 694 -51.51 -35.42 0.11
C MET A 694 -51.40 -36.93 -0.07
N ASN A 695 -50.62 -37.40 -1.05
CA ASN A 695 -50.74 -38.77 -1.52
C ASN A 695 -50.07 -39.77 -0.58
N ASP A 696 -49.17 -39.31 0.30
CA ASP A 696 -48.49 -40.08 1.36
C ASP A 696 -47.52 -41.14 0.79
N ASP A 697 -47.40 -41.24 -0.53
CA ASP A 697 -46.29 -41.91 -1.20
C ASP A 697 -45.33 -40.90 -1.79
N VAL A 698 -45.56 -39.61 -1.52
CA VAL A 698 -44.64 -38.55 -1.85
C VAL A 698 -43.54 -38.42 -0.79
N LEU A 699 -43.73 -39.04 0.38
CA LEU A 699 -42.70 -39.01 1.40
C LEU A 699 -41.50 -39.86 1.00
N ASN A 700 -41.76 -41.00 0.34
CA ASN A 700 -40.68 -41.88 -0.09
C ASN A 700 -40.48 -41.83 -1.60
N ASP A 701 -41.02 -40.80 -2.24
CA ASP A 701 -40.74 -40.52 -3.63
C ASP A 701 -39.52 -39.63 -3.69
N GLU A 702 -38.55 -40.00 -4.53
CA GLU A 702 -37.25 -39.34 -4.53
C GLU A 702 -37.09 -38.36 -5.67
N GLU A 703 -38.18 -37.85 -6.22
CA GLU A 703 -38.08 -36.88 -7.31
C GLU A 703 -38.76 -35.56 -7.03
N LEU A 704 -39.98 -35.57 -6.46
CA LEU A 704 -40.78 -34.37 -6.22
C LEU A 704 -41.07 -33.55 -7.46
N ASP A 705 -42.08 -33.96 -8.23
CA ASP A 705 -42.68 -33.18 -9.31
C ASP A 705 -42.74 -31.69 -8.98
N LYS A 706 -42.27 -30.88 -9.94
CA LYS A 706 -41.66 -29.58 -9.65
C LYS A 706 -42.66 -28.44 -9.53
N GLU A 707 -43.92 -28.73 -9.23
CA GLU A 707 -44.77 -27.67 -8.70
C GLU A 707 -44.67 -27.60 -7.18
N LEU A 708 -44.39 -28.73 -6.54
CA LEU A 708 -44.12 -28.72 -5.11
C LEU A 708 -42.80 -28.05 -4.81
N LEU A 709 -41.81 -28.23 -5.70
CA LEU A 709 -40.49 -27.64 -5.51
C LEU A 709 -40.56 -26.12 -5.50
N TRP A 710 -41.29 -25.54 -6.44
CA TRP A 710 -41.32 -24.09 -6.55
C TRP A 710 -42.12 -23.45 -5.43
N ASN A 711 -43.33 -23.94 -5.15
CA ASN A 711 -44.10 -23.35 -4.06
C ASN A 711 -43.45 -23.61 -2.70
N LEU A 712 -42.75 -24.72 -2.58
CA LEU A 712 -42.01 -25.01 -1.36
C LEU A 712 -40.80 -24.11 -1.23
N GLN A 713 -40.19 -23.72 -2.35
CA GLN A 713 -39.11 -22.74 -2.34
C GLN A 713 -39.63 -21.35 -2.04
N LEU A 714 -40.80 -21.03 -2.60
CA LEU A 714 -41.42 -19.74 -2.44
C LEU A 714 -41.75 -19.50 -0.98
N LEU A 715 -42.43 -20.46 -0.35
CA LEU A 715 -42.76 -20.36 1.07
C LEU A 715 -41.51 -20.35 1.94
N SER A 716 -40.45 -21.02 1.50
CA SER A 716 -39.21 -21.08 2.27
C SER A 716 -38.54 -19.73 2.39
N GLU A 717 -38.60 -18.92 1.33
CA GLU A 717 -37.98 -17.61 1.34
C GLU A 717 -38.98 -16.49 1.57
N ILE A 718 -40.28 -16.79 1.63
CA ILE A 718 -41.28 -15.77 1.89
C ILE A 718 -41.31 -15.38 3.35
N THR A 719 -40.65 -16.17 4.19
CA THR A 719 -40.85 -16.14 5.63
C THR A 719 -39.69 -15.51 6.38
N ARG A 720 -38.61 -15.14 5.69
CA ARG A 720 -37.57 -14.36 6.34
C ARG A 720 -38.02 -12.89 6.29
N VAL A 721 -38.87 -12.57 7.26
CA VAL A 721 -39.58 -11.30 7.33
C VAL A 721 -39.78 -11.01 8.82
N ASP A 722 -40.35 -9.84 9.15
CA ASP A 722 -40.79 -9.45 10.49
C ASP A 722 -41.59 -10.56 11.15
N GLY A 723 -41.05 -11.10 12.24
CA GLY A 723 -41.63 -12.29 12.83
C GLY A 723 -42.88 -12.06 13.63
N ARG A 724 -43.06 -10.84 14.16
CA ARG A 724 -44.30 -10.50 14.85
C ARG A 724 -45.49 -10.52 13.91
N LYS A 725 -45.27 -10.17 12.64
CA LYS A 725 -46.33 -10.12 11.64
C LYS A 725 -46.56 -11.46 10.99
N LEU A 726 -45.97 -12.52 11.54
CA LEU A 726 -46.08 -13.85 11.00
C LEU A 726 -46.61 -14.86 12.01
N LEU A 727 -46.76 -14.46 13.28
CA LEU A 727 -47.40 -15.28 14.31
C LEU A 727 -48.88 -15.51 14.05
N LEU A 728 -49.51 -14.74 13.15
CA LEU A 728 -50.86 -15.08 12.72
C LEU A 728 -50.88 -16.38 11.95
N TYR A 729 -49.98 -16.54 11.00
CA TYR A 729 -49.88 -17.77 10.22
C TYR A 729 -48.92 -18.74 10.91
N ARG A 730 -49.30 -19.07 12.14
CA ARG A 730 -48.50 -19.96 12.98
C ARG A 730 -48.92 -21.40 12.83
N GLU A 731 -50.23 -21.65 12.96
CA GLU A 731 -50.75 -23.01 13.07
C GLU A 731 -50.63 -23.76 11.76
N GLN A 732 -51.05 -23.15 10.65
CA GLN A 732 -51.07 -23.80 9.35
C GLN A 732 -49.77 -23.61 8.60
N LEU A 733 -48.71 -23.23 9.30
CA LEU A 733 -47.35 -23.21 8.78
C LEU A 733 -46.46 -24.23 9.49
N VAL A 734 -46.79 -24.62 10.72
CA VAL A 734 -46.18 -25.80 11.31
C VAL A 734 -46.71 -27.05 10.64
N LYS A 735 -47.99 -27.03 10.23
CA LYS A 735 -48.58 -28.17 9.52
C LYS A 735 -47.96 -28.39 8.15
N ILE A 736 -47.36 -27.35 7.56
CA ILE A 736 -46.65 -27.54 6.31
C ILE A 736 -45.24 -28.04 6.57
N LEU A 737 -44.77 -27.91 7.82
CA LEU A 737 -43.50 -28.49 8.24
C LEU A 737 -43.65 -29.87 8.84
N GLN A 738 -44.85 -30.20 9.34
CA GLN A 738 -45.13 -31.53 9.87
C GLN A 738 -45.01 -32.61 8.82
N ARG A 739 -45.11 -32.27 7.55
CA ARG A 739 -45.18 -33.24 6.48
C ARG A 739 -44.04 -33.15 5.48
N THR A 740 -43.40 -32.00 5.35
CA THR A 740 -42.40 -31.86 4.30
C THR A 740 -40.97 -32.08 4.79
N LEU A 741 -40.70 -31.96 6.09
CA LEU A 741 -39.32 -32.10 6.59
C LEU A 741 -38.80 -33.51 6.43
N HIS A 742 -39.67 -34.51 6.56
CA HIS A 742 -39.28 -35.91 6.52
C HIS A 742 -39.54 -36.54 5.17
N LEU A 743 -39.37 -35.77 4.11
CA LEU A 743 -39.72 -36.17 2.76
C LEU A 743 -38.44 -36.39 1.97
N THR A 744 -38.24 -37.63 1.52
CA THR A 744 -36.93 -38.13 1.10
C THR A 744 -36.60 -37.62 -0.30
N CYS A 745 -36.13 -36.39 -0.36
CA CYS A 745 -35.67 -35.79 -1.61
C CYS A 745 -34.82 -34.59 -1.22
N LYS A 746 -33.55 -34.59 -1.61
CA LYS A 746 -32.68 -33.48 -1.18
C LYS A 746 -32.77 -32.25 -2.07
N GLN A 747 -34.02 -31.93 -2.44
CA GLN A 747 -34.54 -30.66 -2.91
C GLN A 747 -35.97 -30.74 -2.38
N GLY A 748 -36.19 -30.28 -1.17
CA GLY A 748 -37.52 -30.52 -0.66
C GLY A 748 -37.60 -30.88 0.79
N TYR A 749 -36.58 -31.54 1.34
CA TYR A 749 -36.35 -31.30 2.76
C TYR A 749 -35.33 -30.21 2.95
N THR A 750 -34.43 -30.04 1.98
CA THR A 750 -33.53 -28.89 2.03
C THR A 750 -34.29 -27.59 1.81
N LEU A 751 -35.30 -27.59 0.94
CA LEU A 751 -36.15 -26.42 0.79
C LEU A 751 -37.21 -26.32 1.87
N SER A 752 -37.30 -27.31 2.74
CA SER A 752 -38.23 -27.24 3.85
C SER A 752 -37.54 -27.06 5.18
N CYS A 753 -36.24 -27.36 5.25
CA CYS A 753 -35.49 -27.04 6.45
C CYS A 753 -34.90 -25.65 6.38
N ASN A 754 -34.71 -25.09 5.19
CA ASN A 754 -34.37 -23.68 5.19
C ASN A 754 -35.63 -22.83 5.36
N LEU A 755 -36.79 -23.37 5.01
CA LEU A 755 -38.04 -22.84 5.53
C LEU A 755 -38.06 -22.84 7.05
N LEU A 756 -37.57 -23.92 7.68
CA LEU A 756 -37.44 -23.94 9.13
C LEU A 756 -36.36 -22.99 9.61
N HIS A 757 -35.26 -22.87 8.87
CA HIS A 757 -34.20 -21.91 9.17
C HIS A 757 -34.74 -20.48 9.20
N HIS A 758 -35.34 -20.04 8.09
CA HIS A 758 -35.83 -18.67 8.00
C HIS A 758 -37.03 -18.42 8.89
N LEU A 759 -37.67 -19.47 9.38
CA LEU A 759 -38.76 -19.32 10.31
C LEU A 759 -38.25 -19.12 11.73
N LEU A 760 -37.16 -19.79 12.09
CA LEU A 760 -36.56 -19.57 13.40
C LEU A 760 -35.91 -18.20 13.45
N ARG A 761 -35.05 -17.87 12.48
CA ARG A 761 -34.28 -16.63 12.60
C ARG A 761 -35.10 -15.39 12.32
N SER A 762 -36.33 -15.52 11.86
CA SER A 762 -37.24 -14.40 11.83
C SER A 762 -37.90 -14.15 13.17
N THR A 763 -37.74 -15.07 14.09
CA THR A 763 -38.56 -15.18 15.27
C THR A 763 -37.71 -15.03 16.52
N THR A 764 -36.40 -14.93 16.34
CA THR A 764 -35.38 -15.14 17.35
C THR A 764 -34.36 -14.01 17.32
N LEU A 765 -34.14 -13.46 16.13
CA LEU A 765 -33.04 -12.55 15.87
C LEU A 765 -33.53 -11.12 15.86
N ILE A 766 -32.63 -10.19 16.14
CA ILE A 766 -32.95 -8.77 16.22
C ILE A 766 -32.52 -8.09 14.92
N TYR A 767 -33.44 -7.38 14.29
CA TYR A 767 -33.20 -6.76 12.99
C TYR A 767 -34.18 -5.63 12.78
N PRO A 768 -33.81 -4.58 12.05
CA PRO A 768 -34.77 -3.54 11.70
C PRO A 768 -35.70 -4.02 10.60
N THR A 769 -36.84 -3.36 10.49
CA THR A 769 -37.93 -3.87 9.69
C THR A 769 -38.36 -2.99 8.53
N GLU A 770 -37.94 -1.74 8.47
CA GLU A 770 -38.53 -0.85 7.48
C GLU A 770 -37.56 -0.25 6.47
N TYR A 771 -36.40 0.25 6.90
CA TYR A 771 -35.32 0.82 6.07
C TYR A 771 -35.77 1.97 5.18
N CYS A 772 -36.83 2.68 5.53
CA CYS A 772 -37.30 3.71 4.62
C CYS A 772 -36.46 4.98 4.78
N SER A 773 -36.62 5.89 3.82
CA SER A 773 -35.88 7.14 3.82
C SER A 773 -36.48 8.18 4.76
N VAL A 774 -37.75 8.05 5.10
CA VAL A 774 -38.46 8.99 5.95
C VAL A 774 -38.84 8.27 7.24
N PRO A 775 -38.53 8.83 8.41
CA PRO A 775 -38.58 8.07 9.67
C PRO A 775 -39.98 7.64 10.09
N GLY A 776 -40.12 6.35 10.41
CA GLY A 776 -41.22 5.79 11.17
C GLY A 776 -42.61 5.93 10.59
N GLY A 777 -42.72 6.34 9.34
CA GLY A 777 -44.00 6.63 8.74
C GLY A 777 -44.10 6.04 7.36
N PHE A 778 -44.32 6.94 6.40
CA PHE A 778 -44.24 6.82 4.94
C PHE A 778 -45.47 6.14 4.33
N ASP A 779 -46.36 5.55 5.14
CA ASP A 779 -47.65 5.08 4.65
C ASP A 779 -48.70 5.76 5.51
N LYS A 780 -49.00 7.02 5.16
CA LYS A 780 -49.82 7.88 5.99
C LYS A 780 -50.96 8.46 5.19
N PRO A 781 -52.19 8.39 5.71
CA PRO A 781 -53.38 8.78 4.92
C PRO A 781 -53.46 10.26 4.57
N PRO A 782 -53.10 11.25 5.46
CA PRO A 782 -53.17 12.63 4.98
C PRO A 782 -52.10 12.96 3.95
N SER A 783 -52.51 13.03 2.69
CA SER A 783 -51.64 13.50 1.62
C SER A 783 -51.80 14.99 1.38
N GLU A 784 -52.39 15.71 2.34
CA GLU A 784 -52.49 17.17 2.22
C GLU A 784 -51.16 17.86 2.48
N TYR A 785 -50.30 17.31 3.34
CA TYR A 785 -48.93 17.78 3.40
C TYR A 785 -48.14 17.14 2.25
N PHE A 786 -46.83 17.35 2.24
CA PHE A 786 -46.20 17.34 0.93
C PHE A 786 -44.93 16.51 0.91
N PRO A 787 -44.99 15.27 0.41
CA PRO A 787 -43.81 14.39 0.46
C PRO A 787 -42.74 14.69 -0.57
N ILE A 788 -42.99 15.51 -1.57
CA ILE A 788 -41.99 15.70 -2.61
C ILE A 788 -41.22 17.01 -2.40
N LYS A 789 -41.39 17.66 -1.25
CA LYS A 789 -40.36 18.53 -0.72
C LYS A 789 -39.46 17.79 0.26
N ASP A 790 -39.43 16.47 0.18
CA ASP A 790 -38.47 15.76 0.98
C ASP A 790 -37.77 14.73 0.09
N TRP A 791 -36.86 15.20 -0.75
CA TRP A 791 -36.08 14.33 -1.63
C TRP A 791 -34.62 14.48 -1.19
N GLY A 792 -34.12 13.47 -0.48
CA GLY A 792 -32.92 13.66 0.30
C GLY A 792 -33.23 13.47 1.78
N LYS A 793 -33.24 14.59 2.51
CA LYS A 793 -33.27 14.66 3.98
C LYS A 793 -32.17 13.77 4.56
N PRO A 794 -30.91 14.18 4.46
CA PRO A 794 -29.83 13.25 4.75
C PRO A 794 -29.54 13.15 6.24
N GLY A 795 -29.24 11.93 6.68
CA GLY A 795 -28.78 11.72 8.04
C GLY A 795 -29.89 11.69 9.06
N ASP A 796 -29.89 12.70 9.93
CA ASP A 796 -30.78 12.82 11.09
C ASP A 796 -30.67 11.59 11.99
N LEU A 797 -29.45 11.42 12.53
CA LEU A 797 -29.09 10.36 13.46
C LEU A 797 -29.95 10.37 14.71
N TRP A 798 -30.35 11.56 15.14
CA TRP A 798 -31.02 11.72 16.42
C TRP A 798 -32.49 11.41 16.32
N ASN A 799 -33.22 12.15 15.49
CA ASN A 799 -34.60 11.77 15.17
C ASN A 799 -34.59 10.80 13.99
N LEU A 800 -34.18 9.56 14.30
CA LEU A 800 -34.01 8.52 13.30
C LEU A 800 -35.16 7.53 13.28
N GLY A 801 -35.54 6.99 14.43
CA GLY A 801 -36.71 6.14 14.54
C GLY A 801 -36.62 4.81 13.84
N ILE A 802 -35.65 3.98 14.23
CA ILE A 802 -35.56 2.64 13.66
C ILE A 802 -36.68 1.78 14.22
N GLN A 803 -37.45 1.16 13.35
CA GLN A 803 -38.40 0.15 13.77
C GLN A 803 -37.64 -1.16 13.93
N TRP A 804 -37.37 -1.53 15.18
CA TRP A 804 -36.66 -2.76 15.47
C TRP A 804 -37.63 -3.91 15.64
N HIS A 805 -37.20 -5.10 15.25
CA HIS A 805 -37.85 -6.34 15.64
C HIS A 805 -37.04 -6.94 16.78
N VAL A 806 -37.48 -6.67 18.00
CA VAL A 806 -36.96 -7.38 19.16
C VAL A 806 -37.94 -8.53 19.38
N PRO A 807 -37.47 -9.74 19.65
CA PRO A 807 -38.38 -10.86 19.88
C PRO A 807 -39.20 -10.73 21.16
N SER A 808 -40.51 -10.77 21.00
CA SER A 808 -41.42 -10.81 22.14
C SER A 808 -41.50 -12.22 22.70
N SER A 809 -42.18 -12.34 23.85
CA SER A 809 -42.30 -13.65 24.50
C SER A 809 -43.14 -14.62 23.68
N GLU A 810 -44.13 -14.10 22.94
CA GLU A 810 -44.96 -14.92 22.08
C GLU A 810 -44.16 -15.59 20.98
N GLU A 811 -43.30 -14.85 20.31
CA GLU A 811 -42.53 -15.43 19.23
C GLU A 811 -41.28 -16.18 19.69
N VAL A 812 -40.72 -15.85 20.86
CA VAL A 812 -39.72 -16.73 21.45
C VAL A 812 -40.35 -18.06 21.85
N SER A 813 -41.60 -18.02 22.32
CA SER A 813 -42.34 -19.24 22.61
C SER A 813 -42.60 -20.04 21.35
N PHE A 814 -42.91 -19.35 20.24
CA PHE A 814 -43.08 -20.06 18.98
C PHE A 814 -41.77 -20.68 18.49
N ALA A 815 -40.65 -19.99 18.72
CA ALA A 815 -39.35 -20.51 18.33
C ALA A 815 -38.98 -21.74 19.14
N PHE A 816 -39.25 -21.73 20.44
CA PHE A 816 -38.97 -22.92 21.24
C PHE A 816 -39.96 -24.05 21.00
N TYR A 817 -41.21 -23.74 20.68
CA TYR A 817 -42.16 -24.78 20.28
C TYR A 817 -41.73 -25.43 18.98
N LEU A 818 -41.32 -24.61 18.02
CA LEU A 818 -40.86 -25.06 16.72
C LEU A 818 -39.54 -25.80 16.83
N LEU A 819 -38.79 -25.55 17.89
CA LEU A 819 -37.59 -26.30 18.21
C LEU A 819 -37.90 -27.56 19.00
N ASP A 820 -38.98 -27.58 19.79
CA ASP A 820 -39.34 -28.79 20.51
C ASP A 820 -40.23 -29.71 19.68
N SER A 821 -40.61 -29.29 18.47
CA SER A 821 -41.39 -30.11 17.57
C SER A 821 -40.59 -30.65 16.40
N PHE A 822 -39.44 -30.06 16.09
CA PHE A 822 -38.71 -30.43 14.90
C PHE A 822 -37.23 -30.69 15.14
N LEU A 823 -36.67 -30.21 16.24
CA LEU A 823 -35.30 -30.55 16.61
C LEU A 823 -35.27 -31.76 17.54
N GLN A 824 -36.06 -31.73 18.61
CA GLN A 824 -36.04 -32.79 19.62
C GLN A 824 -36.36 -34.20 19.11
N PRO A 825 -37.34 -34.47 18.17
CA PRO A 825 -37.53 -35.86 17.72
C PRO A 825 -36.34 -36.43 16.98
N GLU A 826 -35.76 -35.65 16.07
CA GLU A 826 -34.62 -36.17 15.33
C GLU A 826 -33.34 -36.11 16.13
N LEU A 827 -33.29 -35.29 17.17
CA LEU A 827 -32.19 -35.38 18.11
C LEU A 827 -32.25 -36.67 18.92
N VAL A 828 -33.47 -37.08 19.31
CA VAL A 828 -33.69 -38.39 19.91
C VAL A 828 -33.30 -39.49 18.93
N LYS A 829 -33.64 -39.30 17.65
CA LYS A 829 -33.34 -40.29 16.62
C LYS A 829 -31.83 -40.48 16.42
N LEU A 830 -31.09 -39.36 16.34
CA LEU A 830 -29.64 -39.46 16.17
C LEU A 830 -28.95 -39.95 17.44
N GLN A 831 -29.54 -39.67 18.61
CA GLN A 831 -29.00 -40.21 19.85
C GLN A 831 -29.17 -41.71 19.92
N HIS A 832 -30.30 -42.23 19.41
CA HIS A 832 -30.45 -43.67 19.32
C HIS A 832 -29.53 -44.26 18.26
N CYS A 833 -29.30 -43.53 17.18
CA CYS A 833 -28.38 -43.99 16.13
C CYS A 833 -26.94 -44.08 16.63
N GLY A 834 -26.57 -43.23 17.59
CA GLY A 834 -25.28 -43.41 18.24
C GLY A 834 -25.21 -44.64 19.12
N ASP A 835 -26.35 -45.15 19.55
CA ASP A 835 -26.43 -46.37 20.35
C ASP A 835 -26.48 -47.59 19.42
N GLY A 836 -26.84 -48.74 19.99
CA GLY A 836 -27.13 -49.91 19.19
C GLY A 836 -28.61 -50.06 18.88
N LYS A 837 -29.30 -48.93 18.82
CA LYS A 837 -30.68 -48.85 18.37
C LYS A 837 -30.65 -48.07 17.07
N LEU A 838 -31.73 -48.16 16.28
CA LEU A 838 -31.93 -47.34 15.07
C LEU A 838 -30.81 -47.56 14.05
N GLU A 839 -30.81 -48.75 13.47
CA GLU A 839 -29.99 -48.96 12.29
C GLU A 839 -30.52 -48.04 11.20
N MET A 840 -29.79 -46.96 10.94
CA MET A 840 -30.31 -45.78 10.26
C MET A 840 -29.55 -45.56 8.98
N SER A 841 -30.28 -45.16 7.94
CA SER A 841 -29.73 -45.05 6.60
C SER A 841 -28.79 -43.86 6.50
N ARG A 842 -27.85 -43.95 5.55
CA ARG A 842 -26.94 -42.84 5.30
C ARG A 842 -27.64 -41.65 4.65
N ASP A 843 -28.68 -41.87 3.84
CA ASP A 843 -29.48 -40.76 3.37
C ASP A 843 -30.44 -40.25 4.43
N ASP A 844 -30.65 -41.00 5.49
CA ASP A 844 -31.55 -40.60 6.56
C ASP A 844 -30.80 -39.93 7.70
N ILE A 845 -29.53 -40.30 7.89
CA ILE A 845 -28.66 -39.59 8.83
C ILE A 845 -28.37 -38.19 8.30
N LEU A 846 -28.07 -38.07 7.01
CA LEU A 846 -27.84 -36.78 6.37
C LEU A 846 -29.05 -35.87 6.46
N GLN A 847 -30.25 -36.44 6.36
CA GLN A 847 -31.47 -35.65 6.48
C GLN A 847 -31.63 -35.12 7.89
N SER A 848 -31.43 -35.97 8.89
CA SER A 848 -31.60 -35.55 10.28
C SER A 848 -30.54 -34.54 10.69
N LEU A 849 -29.30 -34.73 10.23
CA LEU A 849 -28.27 -33.72 10.48
C LEU A 849 -28.57 -32.42 9.74
N THR A 850 -29.26 -32.47 8.59
CA THR A 850 -29.63 -31.25 7.89
C THR A 850 -30.69 -30.48 8.66
N ILE A 851 -31.69 -31.18 9.22
CA ILE A 851 -32.69 -30.55 10.08
C ILE A 851 -32.02 -29.93 11.30
N VAL A 852 -31.10 -30.67 11.94
CA VAL A 852 -30.41 -30.16 13.13
C VAL A 852 -29.57 -28.94 12.80
N HIS A 853 -28.93 -28.94 11.63
CA HIS A 853 -28.07 -27.82 11.25
C HIS A 853 -28.87 -26.57 11.00
N ASN A 854 -29.93 -26.66 10.21
CA ASN A 854 -30.76 -25.48 9.99
C ASN A 854 -31.51 -25.06 11.23
N CYS A 855 -31.80 -25.97 12.17
CA CYS A 855 -32.48 -25.56 13.38
C CYS A 855 -31.56 -24.81 14.33
N ILE A 856 -30.31 -25.26 14.49
CA ILE A 856 -29.31 -24.48 15.23
C ILE A 856 -29.01 -23.18 14.53
N LEU A 857 -28.83 -23.25 13.22
CA LEU A 857 -28.37 -22.12 12.43
C LEU A 857 -29.45 -21.06 12.31
N GLY A 858 -30.71 -21.41 12.56
CA GLY A 858 -31.77 -20.45 12.74
C GLY A 858 -31.93 -19.98 14.18
N SER A 859 -31.94 -20.90 15.14
CA SER A 859 -32.28 -20.55 16.51
C SER A 859 -31.07 -20.32 17.38
N GLY A 860 -29.95 -19.89 16.80
CA GLY A 860 -28.74 -19.68 17.57
C GLY A 860 -28.81 -18.65 18.68
N ASN A 861 -29.54 -17.54 18.47
CA ASN A 861 -29.56 -16.46 19.46
C ASN A 861 -30.24 -16.87 20.76
N LEU A 862 -31.16 -17.83 20.73
CA LEU A 862 -31.85 -18.23 21.95
C LEU A 862 -30.94 -19.02 22.86
N LEU A 863 -30.36 -20.08 22.35
CA LEU A 863 -29.66 -21.03 23.20
C LEU A 863 -28.27 -20.56 23.58
N PRO A 864 -27.95 -20.51 24.86
CA PRO A 864 -26.68 -19.95 25.33
C PRO A 864 -25.52 -20.85 24.96
N PRO A 865 -24.29 -20.31 24.88
CA PRO A 865 -23.16 -21.10 24.39
C PRO A 865 -22.75 -22.20 25.35
N LEU A 866 -21.82 -23.02 24.88
CA LEU A 866 -21.41 -24.20 25.61
C LEU A 866 -20.66 -23.79 26.87
N LYS A 867 -21.01 -24.46 27.97
CA LYS A 867 -20.43 -24.18 29.27
C LYS A 867 -19.98 -25.51 29.87
N GLY A 868 -19.10 -25.41 30.85
CA GLY A 868 -18.56 -26.61 31.47
C GLY A 868 -17.46 -26.20 32.43
N GLU A 869 -16.75 -27.21 32.90
CA GLU A 869 -15.65 -26.94 33.81
C GLU A 869 -14.46 -26.40 33.03
N PRO A 870 -13.71 -25.47 33.60
CA PRO A 870 -12.55 -24.90 32.88
C PRO A 870 -11.44 -25.93 32.75
N VAL A 871 -10.78 -25.91 31.58
CA VAL A 871 -9.59 -26.73 31.40
C VAL A 871 -8.47 -26.14 32.26
N THR A 872 -7.64 -27.01 32.84
CA THR A 872 -6.90 -26.67 34.03
C THR A 872 -5.49 -26.15 33.77
N ASN A 873 -4.62 -26.97 33.19
CA ASN A 873 -3.19 -26.74 33.27
C ASN A 873 -2.66 -26.02 32.02
N LEU A 874 -3.20 -24.83 31.76
CA LEU A 874 -2.68 -24.12 30.61
C LEU A 874 -1.64 -23.06 30.97
N VAL A 875 -2.05 -21.99 31.65
CA VAL A 875 -1.21 -20.80 31.83
C VAL A 875 -1.45 -20.19 33.22
N PRO A 876 -0.41 -19.99 34.03
CA PRO A 876 -0.55 -19.21 35.26
C PRO A 876 -0.86 -17.75 34.96
N SER A 877 -1.82 -17.21 35.70
CA SER A 877 -2.66 -16.09 35.23
C SER A 877 -2.90 -15.05 36.32
N MET A 878 -1.83 -14.45 36.87
CA MET A 878 -1.93 -13.65 38.10
C MET A 878 -2.90 -12.46 38.06
N VAL A 879 -3.14 -11.83 36.90
CA VAL A 879 -4.11 -10.74 36.96
C VAL A 879 -5.54 -11.22 36.89
N SER A 880 -6.01 -11.63 35.69
CA SER A 880 -7.29 -12.29 35.41
C SER A 880 -7.40 -12.57 33.91
N LEU A 881 -8.14 -13.58 33.54
CA LEU A 881 -8.42 -13.89 32.14
C LEU A 881 -9.93 -14.04 32.05
N GLU A 882 -10.60 -12.97 31.64
CA GLU A 882 -12.03 -12.84 31.76
C GLU A 882 -12.62 -12.65 30.37
N GLU A 883 -13.76 -13.28 30.10
CA GLU A 883 -14.44 -13.03 28.85
C GLU A 883 -15.23 -11.73 28.93
N THR A 884 -15.48 -11.13 27.78
CA THR A 884 -16.37 -9.98 27.73
C THR A 884 -17.80 -10.46 27.59
N LYS A 885 -18.68 -9.92 28.42
CA LYS A 885 -20.09 -10.32 28.44
C LYS A 885 -20.91 -9.18 27.85
N LEU A 886 -21.27 -9.33 26.58
CA LEU A 886 -21.99 -8.32 25.84
C LEU A 886 -23.45 -8.72 25.78
N TYR A 887 -24.34 -7.73 25.91
CA TYR A 887 -25.74 -8.04 26.19
C TYR A 887 -26.49 -8.47 24.93
N THR A 888 -26.55 -7.59 23.92
CA THR A 888 -27.16 -7.81 22.62
C THR A 888 -28.67 -8.07 22.65
N GLY A 889 -29.33 -7.94 23.80
CA GLY A 889 -30.77 -7.79 23.85
C GLY A 889 -31.68 -9.00 23.82
N LEU A 890 -31.36 -10.10 24.51
CA LEU A 890 -32.32 -11.20 24.45
C LEU A 890 -32.64 -11.86 25.78
N GLU A 891 -31.70 -11.85 26.73
CA GLU A 891 -31.88 -12.41 28.08
C GLU A 891 -32.23 -13.90 28.03
N TYR A 892 -31.19 -14.68 27.75
CA TYR A 892 -31.15 -16.15 27.78
C TYR A 892 -32.03 -16.76 28.86
N ASP A 893 -32.84 -17.74 28.44
CA ASP A 893 -33.69 -18.48 29.36
C ASP A 893 -32.86 -19.65 29.89
N LEU A 894 -32.42 -19.55 31.15
CA LEU A 894 -31.59 -20.57 31.75
C LEU A 894 -32.39 -21.68 32.42
N SER A 895 -33.71 -21.51 32.52
CA SER A 895 -34.52 -22.57 33.12
C SER A 895 -34.95 -23.60 32.08
N ARG A 896 -34.87 -23.27 30.80
CA ARG A 896 -34.95 -24.28 29.75
C ARG A 896 -33.64 -25.05 29.67
N GLU A 897 -33.72 -26.23 29.08
CA GLU A 897 -32.53 -27.05 28.93
C GLU A 897 -31.77 -26.40 27.82
N ASN A 898 -30.48 -26.18 28.01
CA ASN A 898 -29.73 -25.57 26.94
C ASN A 898 -29.76 -26.58 25.82
N HIS A 899 -30.10 -26.12 24.63
CA HIS A 899 -30.15 -27.00 23.46
C HIS A 899 -28.86 -27.07 22.65
N ARG A 900 -27.84 -26.26 22.93
CA ARG A 900 -26.54 -26.56 22.33
C ARG A 900 -25.90 -27.77 22.95
N GLU A 901 -26.05 -27.93 24.27
CA GLU A 901 -25.35 -28.99 24.99
C GLU A 901 -25.87 -30.35 24.62
N VAL A 902 -27.19 -30.49 24.47
CA VAL A 902 -27.77 -31.77 24.11
C VAL A 902 -27.40 -32.13 22.68
N ILE A 903 -27.35 -31.13 21.80
CA ILE A 903 -26.96 -31.38 20.42
C ILE A 903 -25.49 -31.76 20.32
N ALA A 904 -24.63 -31.12 21.10
CA ALA A 904 -23.22 -31.50 21.15
C ALA A 904 -23.04 -32.90 21.72
N THR A 905 -23.84 -33.25 22.73
CA THR A 905 -23.85 -34.60 23.29
C THR A 905 -24.24 -35.63 22.24
N VAL A 906 -25.21 -35.30 21.40
CA VAL A 906 -25.66 -36.26 20.40
C VAL A 906 -24.69 -36.34 19.23
N ILE A 907 -24.12 -35.22 18.79
CA ILE A 907 -23.25 -35.31 17.61
C ILE A 907 -21.85 -35.79 17.94
N ARG A 908 -21.37 -35.66 19.19
CA ARG A 908 -20.10 -36.33 19.51
C ARG A 908 -20.24 -37.84 19.45
N LYS A 909 -21.30 -38.37 20.04
CA LYS A 909 -21.53 -39.80 19.99
C LYS A 909 -21.85 -40.28 18.59
N LEU A 910 -22.51 -39.46 17.78
CA LEU A 910 -22.75 -39.87 16.40
C LEU A 910 -21.49 -39.74 15.54
N LEU A 911 -20.60 -38.82 15.89
CA LEU A 911 -19.30 -38.77 15.24
C LEU A 911 -18.47 -39.99 15.56
N ASN A 912 -18.55 -40.49 16.80
CA ASN A 912 -17.91 -41.75 17.13
C ASN A 912 -18.54 -42.91 16.37
N HIS A 913 -19.85 -42.84 16.13
CA HIS A 913 -20.50 -43.91 15.38
C HIS A 913 -20.08 -43.91 13.92
N ILE A 914 -20.08 -42.73 13.28
CA ILE A 914 -19.75 -42.66 11.87
C ILE A 914 -18.27 -42.92 11.63
N LEU A 915 -17.41 -42.35 12.46
CA LEU A 915 -15.98 -42.56 12.24
C LEU A 915 -15.48 -43.93 12.70
N ASP A 916 -16.37 -44.81 13.15
CA ASP A 916 -16.02 -46.19 13.46
C ASP A 916 -16.84 -47.22 12.69
N ASN A 917 -18.10 -46.94 12.40
CA ASN A 917 -18.94 -47.89 11.67
C ASN A 917 -19.13 -47.56 10.20
N SER A 918 -19.34 -46.30 9.84
CA SER A 918 -19.59 -45.91 8.45
C SER A 918 -18.59 -44.82 8.06
N GLU A 919 -17.37 -45.23 7.73
CA GLU A 919 -16.26 -44.30 7.49
C GLU A 919 -16.46 -43.49 6.22
N ASP A 920 -17.21 -44.02 5.28
CA ASP A 920 -17.29 -43.51 3.92
C ASP A 920 -18.43 -42.53 3.70
N ASP A 921 -19.12 -42.14 4.77
CA ASP A 921 -20.33 -41.32 4.66
C ASP A 921 -19.88 -39.88 4.50
N THR A 922 -19.59 -39.51 3.25
CA THR A 922 -18.90 -38.27 2.93
C THR A 922 -19.84 -37.07 2.93
N LYS A 923 -21.11 -37.26 3.23
CA LYS A 923 -22.06 -36.16 3.19
C LYS A 923 -22.59 -35.75 4.56
N SER A 924 -22.92 -36.72 5.41
CA SER A 924 -23.34 -36.40 6.77
C SER A 924 -22.17 -35.88 7.58
N LEU A 925 -21.00 -36.48 7.33
CA LEU A 925 -19.79 -36.18 8.09
C LEU A 925 -19.47 -34.70 7.96
N PHE A 926 -19.70 -34.16 6.79
CA PHE A 926 -19.46 -32.75 6.56
C PHE A 926 -20.35 -31.95 7.50
N LEU A 927 -21.57 -32.46 7.73
CA LEU A 927 -22.52 -31.74 8.56
C LEU A 927 -22.23 -31.90 10.02
N ILE A 928 -21.54 -32.97 10.40
CA ILE A 928 -20.93 -33.01 11.72
C ILE A 928 -19.90 -31.89 11.84
N ILE A 929 -19.17 -31.63 10.75
CA ILE A 929 -18.18 -30.53 10.73
C ILE A 929 -18.87 -29.19 10.86
N LYS A 930 -19.97 -28.98 10.13
CA LYS A 930 -20.69 -27.71 10.20
C LYS A 930 -21.38 -27.51 11.54
N ILE A 931 -21.93 -28.57 12.10
CA ILE A 931 -22.62 -28.44 13.38
C ILE A 931 -21.64 -28.28 14.54
N ILE A 932 -20.44 -28.89 14.47
CA ILE A 932 -19.39 -28.52 15.42
C ILE A 932 -18.98 -27.06 15.21
N GLY A 933 -18.90 -26.63 13.96
CA GLY A 933 -18.47 -25.27 13.68
C GLY A 933 -19.45 -24.21 14.11
N ASP A 934 -20.74 -24.54 14.21
CA ASP A 934 -21.68 -23.53 14.67
C ASP A 934 -22.17 -23.73 16.10
N LEU A 935 -22.03 -24.93 16.67
CA LEU A 935 -22.21 -25.06 18.12
C LEU A 935 -21.14 -24.29 18.86
N LEU A 936 -19.96 -24.25 18.31
CA LEU A 936 -18.79 -23.69 18.96
C LEU A 936 -18.70 -22.19 18.77
N GLN A 937 -19.26 -21.67 17.69
CA GLN A 937 -19.10 -20.29 17.29
C GLN A 937 -20.41 -19.51 17.23
N PHE A 938 -21.43 -20.04 16.56
CA PHE A 938 -22.55 -19.25 16.03
C PHE A 938 -23.46 -18.78 17.16
N GLN A 939 -23.54 -17.48 17.36
CA GLN A 939 -24.56 -16.88 18.23
C GLN A 939 -25.34 -15.90 17.38
N GLY A 940 -26.27 -16.42 16.58
CA GLY A 940 -27.14 -15.55 15.80
C GLY A 940 -26.58 -14.89 14.56
N SER A 941 -25.30 -14.58 14.53
CA SER A 941 -24.71 -13.85 13.42
C SER A 941 -23.59 -14.66 12.81
N HIS A 942 -23.56 -14.69 11.48
CA HIS A 942 -22.46 -15.29 10.73
C HIS A 942 -21.31 -14.31 10.62
N LYS A 943 -20.10 -14.83 10.74
CA LYS A 943 -18.91 -13.98 10.60
C LYS A 943 -18.71 -13.57 9.15
N HIS A 944 -18.90 -14.51 8.23
CA HIS A 944 -18.69 -14.21 6.81
C HIS A 944 -19.77 -13.30 6.25
N GLU A 945 -21.01 -13.46 6.71
CA GLU A 945 -22.08 -12.58 6.26
C GLU A 945 -21.90 -11.18 6.79
N PHE A 946 -21.48 -11.04 8.05
CA PHE A 946 -21.16 -9.72 8.60
C PHE A 946 -19.99 -9.08 7.89
N ASP A 947 -18.99 -9.88 7.51
CA ASP A 947 -17.86 -9.33 6.76
C ASP A 947 -18.30 -8.84 5.38
N SER A 948 -19.13 -9.62 4.71
CA SER A 948 -19.62 -9.25 3.39
C SER A 948 -20.45 -7.97 3.47
N ARG A 949 -21.29 -7.89 4.51
CA ARG A 949 -22.13 -6.72 4.72
C ARG A 949 -21.29 -5.47 4.99
N TRP A 950 -20.24 -5.63 5.79
CA TRP A 950 -19.37 -4.52 6.13
C TRP A 950 -18.67 -3.98 4.89
N LYS A 951 -18.21 -4.88 4.03
CA LYS A 951 -17.54 -4.49 2.79
C LYS A 951 -18.50 -3.72 1.89
N SER A 952 -19.75 -4.20 1.83
CA SER A 952 -20.79 -3.57 1.04
C SER A 952 -21.10 -2.18 1.56
N PHE A 953 -21.10 -2.03 2.88
CA PHE A 953 -21.41 -0.76 3.51
C PHE A 953 -20.43 0.36 3.16
N ASN A 954 -19.13 0.05 3.10
CA ASN A 954 -18.18 1.10 2.77
C ASN A 954 -18.22 1.46 1.30
N LEU A 955 -18.56 0.50 0.45
CA LEU A 955 -18.73 0.79 -0.98
C LEU A 955 -19.98 1.62 -1.23
N VAL A 956 -21.06 1.36 -0.49
CA VAL A 956 -22.26 2.17 -0.66
C VAL A 956 -22.06 3.54 0.00
N LYS A 957 -21.33 3.59 1.11
CA LYS A 957 -21.11 4.82 1.85
C LYS A 957 -20.20 5.77 1.09
N LYS A 958 -19.15 5.23 0.48
CA LYS A 958 -18.19 6.06 -0.25
C LYS A 958 -18.77 6.60 -1.54
N SER A 959 -19.63 5.83 -2.21
CA SER A 959 -20.27 6.27 -3.43
C SER A 959 -21.40 7.26 -3.19
N MET A 960 -21.88 7.39 -1.95
CA MET A 960 -22.83 8.42 -1.60
C MET A 960 -22.31 9.36 -0.53
N GLU A 961 -21.00 9.49 -0.38
CA GLU A 961 -20.44 10.27 0.69
C GLU A 961 -20.53 11.76 0.39
N ASN A 962 -21.41 12.44 1.11
CA ASN A 962 -21.44 13.89 1.13
C ASN A 962 -20.32 14.30 2.09
N ARG A 963 -19.10 14.32 1.55
CA ARG A 963 -17.88 14.67 2.28
C ARG A 963 -17.82 16.13 2.75
N LEU A 964 -18.35 17.03 1.93
CA LEU A 964 -18.31 18.46 2.24
C LEU A 964 -19.03 18.74 3.55
N HIS A 965 -20.15 18.08 3.79
CA HIS A 965 -20.89 18.30 5.02
C HIS A 965 -20.50 17.23 6.03
N GLY A 966 -20.50 17.60 7.30
CA GLY A 966 -19.77 16.82 8.28
C GLY A 966 -20.53 16.30 9.48
N LYS A 967 -21.75 15.80 9.26
CA LYS A 967 -22.53 15.30 10.39
C LYS A 967 -23.05 13.90 10.06
N LYS A 968 -22.27 13.17 9.27
CA LYS A 968 -22.62 11.84 8.83
C LYS A 968 -23.93 11.83 8.05
N GLN A 969 -24.16 12.84 7.21
CA GLN A 969 -25.38 12.87 6.46
C GLN A 969 -25.27 11.72 5.49
N HIS A 970 -26.27 10.83 5.52
CA HIS A 970 -26.31 9.65 4.68
C HIS A 970 -27.76 9.28 4.45
N ILE A 971 -28.03 8.46 3.43
CA ILE A 971 -29.39 8.02 3.20
C ILE A 971 -29.78 7.22 4.44
N ARG A 972 -30.97 7.47 4.96
CA ARG A 972 -31.42 6.79 6.17
C ARG A 972 -31.30 5.28 6.05
N ALA A 973 -31.29 4.76 4.82
CA ALA A 973 -31.20 3.31 4.63
C ALA A 973 -29.86 2.76 5.09
N LEU A 974 -28.77 3.32 4.60
CA LEU A 974 -27.46 2.83 5.02
C LEU A 974 -27.12 3.29 6.43
N LEU A 975 -27.82 4.31 6.93
CA LEU A 975 -27.60 4.77 8.29
C LEU A 975 -28.31 3.88 9.30
N ILE A 976 -29.39 3.22 8.89
CA ILE A 976 -30.00 2.16 9.68
C ILE A 976 -29.19 0.88 9.57
N ASP A 977 -28.67 0.62 8.37
CA ASP A 977 -27.83 -0.54 8.14
C ASP A 977 -26.53 -0.47 8.94
N ARG A 978 -26.05 0.74 9.20
CA ARG A 978 -24.86 0.89 10.03
C ARG A 978 -25.14 0.61 11.51
N VAL A 979 -26.35 0.91 11.99
CA VAL A 979 -26.67 0.53 13.37
C VAL A 979 -26.86 -0.98 13.47
N MET A 980 -27.40 -1.59 12.40
CA MET A 980 -27.46 -3.06 12.36
C MET A 980 -26.06 -3.67 12.28
N LEU A 981 -25.12 -3.00 11.63
CA LEU A 981 -23.73 -3.46 11.65
C LEU A 981 -23.09 -3.28 13.01
N GLN A 982 -23.46 -2.24 13.74
CA GLN A 982 -22.97 -2.09 15.11
C GLN A 982 -23.52 -3.20 15.99
N HIS A 983 -24.77 -3.60 15.76
CA HIS A 983 -25.34 -4.72 16.51
C HIS A 983 -24.71 -6.04 16.14
N GLU A 984 -24.45 -6.27 14.85
CA GLU A 984 -23.79 -7.51 14.46
C GLU A 984 -22.33 -7.57 14.88
N LEU A 985 -21.63 -6.44 14.84
CA LEU A 985 -20.29 -6.35 15.38
C LEU A 985 -20.31 -6.60 16.88
N ARG A 986 -21.38 -6.20 17.53
CA ARG A 986 -21.50 -6.38 18.97
C ARG A 986 -21.80 -7.84 19.32
N THR A 987 -22.72 -8.47 18.60
CA THR A 987 -23.03 -9.87 18.87
C THR A 987 -22.03 -10.82 18.27
N LEU A 988 -21.07 -10.33 17.50
CA LEU A 988 -20.15 -11.22 16.81
C LEU A 988 -18.77 -11.26 17.45
N THR A 989 -18.33 -10.18 18.08
CA THR A 989 -17.06 -10.16 18.78
C THR A 989 -17.25 -10.75 20.17
N VAL A 990 -16.77 -11.97 20.36
CA VAL A 990 -16.62 -12.57 21.68
C VAL A 990 -15.15 -12.84 21.92
N GLU A 991 -14.63 -12.31 23.03
CA GLU A 991 -13.20 -12.25 23.29
C GLU A 991 -12.72 -13.56 23.91
N GLY A 992 -11.54 -13.51 24.53
CA GLY A 992 -10.84 -14.71 24.94
C GLY A 992 -11.49 -15.42 26.10
N CYS A 993 -12.63 -16.06 25.82
CA CYS A 993 -13.37 -16.80 26.83
C CYS A 993 -12.61 -18.04 27.26
N GLU A 994 -13.02 -18.57 28.41
CA GLU A 994 -12.38 -19.74 29.01
C GLU A 994 -12.55 -20.95 28.10
N TYR A 995 -11.48 -21.74 27.97
CA TYR A 995 -11.46 -22.80 26.98
C TYR A 995 -12.34 -23.98 27.36
N LYS A 996 -12.62 -24.21 28.65
CA LYS A 996 -13.87 -24.87 29.07
C LYS A 996 -14.13 -26.27 28.51
N LYS A 997 -13.55 -27.32 29.08
CA LYS A 997 -13.33 -28.66 28.52
C LYS A 997 -14.36 -29.25 27.55
N ILE A 998 -15.61 -28.79 27.61
CA ILE A 998 -16.57 -29.16 26.58
C ILE A 998 -16.18 -28.58 25.21
N HIS A 999 -15.47 -27.45 25.17
CA HIS A 999 -14.91 -27.03 23.89
C HIS A 999 -13.67 -27.82 23.53
N GLN A 1000 -12.99 -28.39 24.52
CA GLN A 1000 -11.80 -29.18 24.22
C GLN A 1000 -12.19 -30.45 23.48
N ASP A 1001 -13.29 -31.07 23.90
CA ASP A 1001 -13.82 -32.25 23.20
C ASP A 1001 -14.28 -31.93 21.80
N MET A 1002 -14.76 -30.70 21.58
CA MET A 1002 -15.14 -30.25 20.24
C MET A 1002 -13.93 -30.20 19.32
N ILE A 1003 -12.76 -29.89 19.87
CA ILE A 1003 -11.56 -29.73 19.06
C ILE A 1003 -10.71 -31.01 19.04
N ARG A 1004 -10.84 -31.87 20.05
CA ARG A 1004 -10.28 -33.22 19.94
C ARG A 1004 -10.96 -33.99 18.83
N ASP A 1005 -12.29 -33.99 18.82
CA ASP A 1005 -13.09 -34.77 17.88
C ASP A 1005 -13.02 -34.24 16.47
N LEU A 1006 -12.74 -32.94 16.39
CA LEU A 1006 -12.53 -32.20 15.14
C LEU A 1006 -11.21 -32.62 14.50
N LEU A 1007 -10.20 -32.79 15.34
CA LEU A 1007 -8.87 -33.19 14.87
C LEU A 1007 -9.05 -34.54 14.25
N ARG A 1008 -9.85 -35.37 14.92
CA ARG A 1008 -10.16 -36.68 14.38
C ARG A 1008 -10.78 -36.58 12.99
N LEU A 1009 -11.44 -35.45 12.70
CA LEU A 1009 -11.93 -35.19 11.36
C LEU A 1009 -10.89 -34.50 10.50
N SER A 1010 -9.99 -33.73 11.12
CA SER A 1010 -8.89 -33.10 10.40
C SER A 1010 -7.91 -34.13 9.83
N THR A 1011 -7.78 -35.27 10.50
CA THR A 1011 -6.94 -36.38 10.07
C THR A 1011 -7.84 -37.57 9.85
N SER A 1012 -8.46 -37.62 8.68
CA SER A 1012 -9.47 -38.64 8.39
C SER A 1012 -9.21 -39.20 7.00
N SER A 1013 -10.06 -40.12 6.58
CA SER A 1013 -9.77 -40.90 5.39
C SER A 1013 -9.89 -40.08 4.12
N TYR A 1014 -10.85 -39.17 4.08
CA TYR A 1014 -11.19 -38.49 2.83
C TYR A 1014 -10.64 -37.08 2.85
N SER A 1015 -10.11 -36.63 1.72
CA SER A 1015 -9.40 -35.35 1.73
C SER A 1015 -10.36 -34.18 1.78
N GLN A 1016 -11.57 -34.34 1.27
CA GLN A 1016 -12.52 -33.25 1.32
C GLN A 1016 -13.08 -33.05 2.72
N VAL A 1017 -13.30 -34.13 3.48
CA VAL A 1017 -13.73 -33.93 4.86
C VAL A 1017 -12.59 -33.43 5.73
N ARG A 1018 -11.35 -33.76 5.39
CA ARG A 1018 -10.21 -33.17 6.08
C ARG A 1018 -10.12 -31.69 5.79
N ASN A 1019 -10.28 -31.31 4.52
CA ASN A 1019 -10.11 -29.91 4.14
C ASN A 1019 -11.22 -29.04 4.73
N LYS A 1020 -12.46 -29.53 4.73
CA LYS A 1020 -13.51 -28.75 5.38
C LYS A 1020 -13.40 -28.81 6.90
N ALA A 1021 -12.81 -29.88 7.42
CA ALA A 1021 -12.71 -30.04 8.87
C ALA A 1021 -11.61 -29.18 9.45
N GLN A 1022 -10.61 -28.81 8.65
CA GLN A 1022 -9.51 -28.01 9.15
C GLN A 1022 -9.90 -26.54 9.21
N GLN A 1023 -10.84 -26.12 8.38
CA GLN A 1023 -11.24 -24.72 8.37
C GLN A 1023 -12.04 -24.36 9.60
N THR A 1024 -12.88 -25.26 10.08
CA THR A 1024 -13.49 -25.07 11.39
C THR A 1024 -12.52 -25.34 12.53
N PHE A 1025 -11.46 -26.10 12.27
CA PHE A 1025 -10.41 -26.30 13.27
C PHE A 1025 -9.59 -25.05 13.47
N PHE A 1026 -9.23 -24.37 12.38
CA PHE A 1026 -8.42 -23.18 12.47
C PHE A 1026 -9.22 -22.02 13.06
N ALA A 1027 -10.54 -22.03 12.84
CA ALA A 1027 -11.41 -21.03 13.44
C ALA A 1027 -11.73 -21.35 14.88
N ALA A 1028 -11.55 -22.60 15.30
CA ALA A 1028 -11.77 -22.95 16.70
C ALA A 1028 -10.61 -22.47 17.56
N LEU A 1029 -9.44 -22.32 16.98
CA LEU A 1029 -8.23 -22.03 17.73
C LEU A 1029 -8.00 -20.54 17.95
N GLY A 1030 -8.60 -19.68 17.14
CA GLY A 1030 -8.49 -18.26 17.34
C GLY A 1030 -9.66 -17.72 18.15
N ALA A 1031 -10.41 -18.62 18.78
CA ALA A 1031 -11.62 -18.28 19.50
C ALA A 1031 -11.49 -18.45 21.00
N TYR A 1032 -10.55 -19.26 21.45
CA TYR A 1032 -10.36 -19.58 22.86
C TYR A 1032 -8.94 -19.20 23.20
N ASN A 1033 -8.75 -18.47 24.28
CA ASN A 1033 -7.40 -18.07 24.61
C ASN A 1033 -6.63 -19.26 25.16
N PHE A 1034 -5.39 -19.38 24.68
CA PHE A 1034 -4.41 -20.39 25.11
C PHE A 1034 -4.85 -21.80 24.73
N CYS A 1035 -5.50 -21.96 23.58
CA CYS A 1035 -5.90 -23.30 23.17
C CYS A 1035 -5.10 -23.80 21.97
N CYS A 1036 -4.45 -22.90 21.24
CA CYS A 1036 -3.42 -23.32 20.30
C CYS A 1036 -2.31 -24.07 21.01
N ARG A 1037 -1.92 -23.58 22.19
CA ARG A 1037 -0.94 -24.27 23.01
C ARG A 1037 -1.50 -25.53 23.63
N ASP A 1038 -2.81 -25.61 23.78
CA ASP A 1038 -3.45 -26.80 24.35
C ASP A 1038 -3.31 -28.06 23.49
N ILE A 1039 -3.43 -27.87 22.18
CA ILE A 1039 -3.39 -28.97 21.22
C ILE A 1039 -2.07 -29.21 20.48
N ILE A 1040 -0.98 -28.58 20.92
CA ILE A 1040 0.30 -28.74 20.23
C ILE A 1040 0.81 -30.18 20.18
N PRO A 1041 0.72 -30.91 21.30
CA PRO A 1041 1.16 -32.30 21.35
C PRO A 1041 0.14 -33.32 20.88
N LEU A 1042 -0.99 -32.92 20.33
CA LEU A 1042 -1.96 -33.86 19.79
C LEU A 1042 -2.06 -33.77 18.28
N VAL A 1043 -1.78 -32.61 17.71
CA VAL A 1043 -1.44 -32.54 16.29
C VAL A 1043 -0.14 -33.28 16.05
N LEU A 1044 0.81 -33.13 16.97
CA LEU A 1044 2.16 -33.67 16.88
C LEU A 1044 2.28 -35.14 17.24
N GLU A 1045 1.19 -35.79 17.66
CA GLU A 1045 1.25 -37.22 17.89
C GLU A 1045 1.50 -37.98 16.59
N PHE A 1046 0.78 -37.60 15.55
CA PHE A 1046 0.80 -38.37 14.31
C PHE A 1046 2.13 -38.26 13.57
N LEU A 1047 2.88 -37.18 13.78
CA LEU A 1047 4.16 -36.98 13.11
C LEU A 1047 5.33 -37.27 14.03
N ARG A 1048 5.12 -38.10 15.00
CA ARG A 1048 6.21 -38.65 15.76
C ARG A 1048 6.89 -39.74 14.93
N PRO A 1049 8.21 -39.91 15.07
CA PRO A 1049 8.89 -40.97 14.34
C PRO A 1049 8.54 -42.36 14.83
N ASP A 1050 8.17 -42.50 16.10
CA ASP A 1050 8.04 -43.80 16.73
C ASP A 1050 6.61 -44.26 16.97
N ARG A 1051 5.62 -43.38 16.77
CA ARG A 1051 4.23 -43.79 16.93
C ARG A 1051 3.86 -44.64 15.73
N GLN A 1052 3.69 -45.95 15.97
CA GLN A 1052 3.77 -46.93 14.90
C GLN A 1052 2.51 -46.87 14.03
N GLY A 1053 2.70 -46.49 12.76
CA GLY A 1053 1.67 -46.66 11.76
C GLY A 1053 0.47 -45.74 11.93
N VAL A 1054 0.63 -44.45 11.66
CA VAL A 1054 -0.53 -43.58 11.85
C VAL A 1054 -1.49 -43.78 10.68
N THR A 1055 -1.16 -43.28 9.48
CA THR A 1055 -1.65 -43.64 8.14
C THR A 1055 -0.93 -42.64 7.23
N GLN A 1056 -1.05 -42.81 5.92
CA GLN A 1056 -0.66 -41.74 5.01
C GLN A 1056 -1.53 -40.51 5.21
N GLN A 1057 -2.84 -40.71 5.34
CA GLN A 1057 -3.75 -39.58 5.36
C GLN A 1057 -3.82 -38.92 6.72
N GLN A 1058 -3.61 -39.67 7.82
CA GLN A 1058 -3.54 -39.04 9.14
C GLN A 1058 -2.30 -38.17 9.26
N PHE A 1059 -1.19 -38.61 8.64
CA PHE A 1059 0.02 -37.81 8.64
C PHE A 1059 -0.14 -36.55 7.79
N LYS A 1060 -0.66 -36.71 6.58
CA LYS A 1060 -0.91 -35.56 5.69
C LYS A 1060 -1.92 -34.59 6.30
N GLY A 1061 -2.92 -35.12 7.01
CA GLY A 1061 -3.86 -34.25 7.68
C GLY A 1061 -3.31 -33.56 8.90
N ALA A 1062 -2.43 -34.24 9.65
CA ALA A 1062 -1.81 -33.60 10.79
C ALA A 1062 -0.85 -32.51 10.36
N LEU A 1063 -0.25 -32.63 9.19
CA LEU A 1063 0.62 -31.53 8.79
C LEU A 1063 -0.08 -30.45 7.97
N TYR A 1064 -1.21 -30.74 7.31
CA TYR A 1064 -2.08 -29.63 6.90
C TYR A 1064 -2.61 -28.90 8.11
N CYS A 1065 -2.93 -29.64 9.16
CA CYS A 1065 -3.42 -29.05 10.40
C CYS A 1065 -2.32 -28.17 10.99
N LEU A 1066 -1.08 -28.65 10.91
CA LEU A 1066 0.05 -27.92 11.45
C LEU A 1066 0.54 -26.82 10.51
N LEU A 1067 0.07 -26.77 9.27
CA LEU A 1067 0.45 -25.67 8.39
C LEU A 1067 -0.44 -24.46 8.58
N GLY A 1068 -1.71 -24.66 8.91
CA GLY A 1068 -2.62 -23.57 9.04
C GLY A 1068 -3.24 -23.21 7.71
N ASN A 1069 -3.58 -21.94 7.57
CA ASN A 1069 -4.02 -21.36 6.32
C ASN A 1069 -3.28 -20.05 6.15
N HIS A 1070 -3.73 -19.23 5.20
CA HIS A 1070 -2.99 -18.02 4.87
C HIS A 1070 -3.18 -16.94 5.92
N SER A 1071 -4.37 -16.83 6.49
CA SER A 1071 -4.70 -15.72 7.38
C SER A 1071 -5.32 -16.19 8.68
N GLY A 1072 -4.73 -17.19 9.32
CA GLY A 1072 -5.19 -17.61 10.64
C GLY A 1072 -4.03 -18.00 11.52
N VAL A 1073 -4.28 -18.89 12.47
CA VAL A 1073 -3.18 -19.46 13.25
C VAL A 1073 -2.38 -20.40 12.36
N CYS A 1074 -1.14 -20.66 12.78
CA CYS A 1074 -0.29 -21.58 12.05
C CYS A 1074 -0.08 -22.89 12.77
N LEU A 1075 0.09 -22.86 14.09
CA LEU A 1075 0.41 -23.94 15.03
C LEU A 1075 1.80 -24.51 14.87
N ALA A 1076 2.54 -24.14 13.83
CA ALA A 1076 3.93 -24.53 13.71
C ALA A 1076 4.86 -23.38 13.97
N ASN A 1077 4.36 -22.16 13.87
CA ASN A 1077 5.13 -20.97 14.15
C ASN A 1077 4.30 -20.10 15.08
N LEU A 1078 3.77 -20.71 16.14
CA LEU A 1078 3.22 -19.88 17.20
C LEU A 1078 4.33 -19.22 17.98
N HIS A 1079 3.93 -18.26 18.80
CA HIS A 1079 4.83 -17.26 19.33
C HIS A 1079 5.66 -17.74 20.51
N ASP A 1080 5.14 -18.62 21.35
CA ASP A 1080 5.87 -18.94 22.57
C ASP A 1080 7.04 -19.87 22.29
N TRP A 1081 7.90 -20.03 23.30
CA TRP A 1081 8.96 -21.02 23.17
C TRP A 1081 8.43 -22.43 23.34
N ASP A 1082 7.51 -22.62 24.29
CA ASP A 1082 6.96 -23.92 24.65
C ASP A 1082 6.21 -24.59 23.50
N CYS A 1083 5.88 -23.86 22.45
CA CYS A 1083 5.24 -24.40 21.26
C CYS A 1083 6.13 -24.47 20.04
N ILE A 1084 7.34 -23.91 20.09
CA ILE A 1084 8.30 -24.10 19.02
C ILE A 1084 9.24 -25.25 19.33
N VAL A 1085 9.59 -25.41 20.61
CA VAL A 1085 10.46 -26.47 21.12
C VAL A 1085 9.77 -27.81 20.96
N GLN A 1086 8.45 -27.81 20.99
CA GLN A 1086 7.71 -28.99 20.61
C GLN A 1086 7.64 -29.18 19.10
N THR A 1087 7.34 -28.12 18.34
CA THR A 1087 6.87 -28.31 16.98
C THR A 1087 8.01 -28.51 16.00
N TRP A 1088 9.04 -27.67 16.07
CA TRP A 1088 10.14 -27.75 15.10
C TRP A 1088 10.94 -29.06 15.16
N PRO A 1089 11.28 -29.64 16.33
CA PRO A 1089 11.88 -30.98 16.28
C PRO A 1089 10.93 -32.05 15.79
N ALA A 1090 9.63 -31.89 16.01
CA ALA A 1090 8.70 -32.81 15.39
C ALA A 1090 8.65 -32.64 13.89
N ILE A 1091 8.80 -31.42 13.38
CA ILE A 1091 8.67 -31.22 11.94
C ILE A 1091 9.95 -31.59 11.21
N VAL A 1092 11.09 -31.66 11.89
CA VAL A 1092 12.29 -32.24 11.29
C VAL A 1092 12.36 -33.74 11.53
N SER A 1093 11.85 -34.22 12.64
CA SER A 1093 11.96 -35.63 12.98
C SER A 1093 10.84 -36.46 12.39
N SER A 1094 9.94 -35.87 11.62
CA SER A 1094 8.89 -36.59 10.91
C SER A 1094 9.37 -37.08 9.56
N GLY A 1095 10.67 -36.98 9.29
CA GLY A 1095 11.21 -37.52 8.06
C GLY A 1095 11.51 -38.99 8.12
N LEU A 1096 11.72 -39.52 9.31
CA LEU A 1096 11.90 -40.96 9.49
C LEU A 1096 10.72 -41.43 10.33
N SER A 1097 9.60 -41.67 9.67
CA SER A 1097 8.34 -41.91 10.36
C SER A 1097 7.61 -43.18 9.95
N GLN A 1098 7.94 -43.78 8.80
CA GLN A 1098 7.46 -45.03 8.20
C GLN A 1098 5.95 -45.09 7.97
N ALA A 1099 5.24 -44.00 8.25
CA ALA A 1099 3.94 -43.72 7.67
C ALA A 1099 4.01 -42.45 6.84
N MET A 1100 5.19 -42.18 6.30
CA MET A 1100 5.55 -40.93 5.67
C MET A 1100 6.11 -41.24 4.29
N SER A 1101 5.68 -40.49 3.28
CA SER A 1101 6.10 -40.81 1.92
C SER A 1101 6.32 -39.52 1.16
N LEU A 1102 7.58 -39.20 0.88
CA LEU A 1102 7.93 -38.09 0.02
C LEU A 1102 7.76 -38.43 -1.45
N GLU A 1103 7.46 -39.68 -1.77
CA GLU A 1103 7.16 -40.06 -3.16
C GLU A 1103 5.87 -39.40 -3.63
N LYS A 1104 4.94 -39.15 -2.72
CA LYS A 1104 3.73 -38.42 -3.04
C LYS A 1104 4.09 -36.95 -3.28
N PRO A 1105 3.66 -36.36 -4.41
CA PRO A 1105 4.06 -34.97 -4.71
C PRO A 1105 3.34 -33.92 -3.89
N SER A 1106 2.34 -34.31 -3.10
CA SER A 1106 1.71 -33.34 -2.21
C SER A 1106 2.48 -33.23 -0.90
N ILE A 1107 3.17 -34.30 -0.48
CA ILE A 1107 3.90 -34.27 0.77
C ILE A 1107 5.15 -33.41 0.65
N VAL A 1108 5.82 -33.45 -0.50
CA VAL A 1108 6.97 -32.57 -0.73
C VAL A 1108 6.50 -31.11 -0.81
N ARG A 1109 5.32 -30.87 -1.36
CA ARG A 1109 4.83 -29.51 -1.51
C ARG A 1109 4.47 -28.90 -0.18
N LEU A 1110 4.07 -29.71 0.79
CA LEU A 1110 3.67 -29.20 2.09
C LEU A 1110 4.83 -28.97 3.03
N PHE A 1111 5.86 -29.82 3.01
CA PHE A 1111 7.05 -29.50 3.77
C PHE A 1111 7.79 -28.32 3.20
N ASP A 1112 7.69 -28.11 1.89
CA ASP A 1112 8.23 -26.89 1.33
C ASP A 1112 7.35 -25.70 1.71
N ASP A 1113 6.04 -25.92 1.79
CA ASP A 1113 5.16 -24.88 2.30
C ASP A 1113 5.35 -24.65 3.79
N LEU A 1114 5.61 -25.71 4.57
CA LEU A 1114 5.85 -25.54 6.00
C LEU A 1114 7.15 -24.82 6.28
N ALA A 1115 8.24 -25.24 5.64
CA ALA A 1115 9.51 -24.55 5.85
C ALA A 1115 9.50 -23.17 5.21
N GLU A 1116 8.70 -22.98 4.17
CA GLU A 1116 8.63 -21.71 3.48
C GLU A 1116 7.83 -20.70 4.27
N LYS A 1117 6.80 -21.15 5.01
CA LYS A 1117 5.94 -20.23 5.75
C LYS A 1117 6.59 -19.78 7.03
N ILE A 1118 7.32 -20.67 7.70
CA ILE A 1118 7.96 -20.34 8.97
C ILE A 1118 9.07 -19.34 8.74
N HIS A 1119 9.87 -19.56 7.69
CA HIS A 1119 10.93 -18.61 7.36
C HIS A 1119 10.36 -17.28 6.91
N ARG A 1120 9.14 -17.27 6.40
CA ARG A 1120 8.44 -16.06 6.00
C ARG A 1120 7.76 -15.38 7.18
N GLN A 1121 7.44 -16.13 8.24
CA GLN A 1121 6.65 -15.60 9.34
C GLN A 1121 7.28 -15.78 10.71
N TYR A 1122 8.54 -16.20 10.80
CA TYR A 1122 9.18 -16.20 12.10
C TYR A 1122 9.50 -14.77 12.52
N GLU A 1123 9.21 -14.48 13.78
CA GLU A 1123 9.58 -13.25 14.44
C GLU A 1123 10.40 -13.68 15.65
N THR A 1124 11.45 -12.92 15.97
CA THR A 1124 12.30 -13.33 17.08
C THR A 1124 11.57 -13.23 18.41
N ILE A 1125 11.88 -14.17 19.31
CA ILE A 1125 11.06 -14.44 20.49
C ILE A 1125 11.83 -14.21 21.78
N GLY A 1126 11.40 -13.24 22.56
CA GLY A 1126 11.59 -13.26 24.00
C GLY A 1126 12.98 -13.21 24.61
N LEU A 1127 13.16 -14.06 25.63
CA LEU A 1127 14.33 -14.26 26.49
C LEU A 1127 14.59 -13.12 27.49
N ASP A 1128 13.87 -12.01 27.37
CA ASP A 1128 13.98 -10.88 28.30
C ASP A 1128 12.68 -10.10 28.27
N PHE A 1129 12.03 -10.00 29.42
CA PHE A 1129 10.90 -9.10 29.59
C PHE A 1129 11.01 -8.48 30.97
N THR A 1130 11.47 -7.25 31.03
CA THR A 1130 11.65 -6.56 32.30
C THR A 1130 11.09 -5.16 32.15
N ILE A 1131 9.91 -4.94 32.71
CA ILE A 1131 9.25 -3.62 32.66
C ILE A 1131 10.01 -2.64 33.56
N PRO A 1132 10.43 -1.51 33.04
CA PRO A 1132 11.27 -0.58 33.81
C PRO A 1132 10.47 0.17 34.87
N LYS A 1133 11.18 1.03 35.59
CA LYS A 1133 10.57 1.90 36.60
C LYS A 1133 10.18 3.25 35.97
N SER A 1134 9.51 3.16 34.83
CA SER A 1134 8.81 4.31 34.27
C SER A 1134 7.44 3.86 33.81
N CYS A 1135 7.36 2.60 33.39
CA CYS A 1135 6.09 2.05 32.96
C CYS A 1135 5.23 1.67 34.14
N VAL A 1136 5.85 1.11 35.19
CA VAL A 1136 5.09 0.79 36.40
C VAL A 1136 4.71 2.04 37.16
N GLU A 1137 5.41 3.16 36.94
CA GLU A 1137 5.06 4.39 37.62
C GLU A 1137 3.77 4.96 37.07
N ILE A 1138 3.60 4.93 35.75
CA ILE A 1138 2.43 5.50 35.10
C ILE A 1138 1.28 4.50 35.05
N ALA A 1139 1.54 3.24 35.41
CA ALA A 1139 0.49 2.22 35.50
C ALA A 1139 -0.13 2.12 36.88
N GLU A 1140 0.58 2.58 37.93
CA GLU A 1140 -0.05 2.68 39.23
C GLU A 1140 -1.14 3.74 39.22
N LEU A 1141 -0.92 4.81 38.46
CA LEU A 1141 -1.90 5.89 38.40
C LEU A 1141 -3.14 5.48 37.62
N LEU A 1142 -3.01 4.52 36.72
CA LEU A 1142 -4.13 4.04 35.93
C LEU A 1142 -4.99 3.03 36.68
N GLN A 1143 -4.42 2.33 37.64
CA GLN A 1143 -5.20 1.44 38.50
C GLN A 1143 -5.65 2.12 39.78
N GLN A 1144 -5.44 3.42 39.91
CA GLN A 1144 -6.01 4.16 41.03
C GLN A 1144 -6.83 5.36 40.58
N SER A 1145 -7.09 5.46 39.27
CA SER A 1145 -7.90 6.56 38.77
C SER A 1145 -9.29 6.28 39.29
N LYS A 1146 -10.04 7.32 39.66
CA LYS A 1146 -11.38 7.07 40.18
C LYS A 1146 -12.50 7.90 39.57
N ASN A 1147 -12.75 7.67 38.29
CA ASN A 1147 -13.87 8.33 37.61
C ASN A 1147 -14.87 7.20 37.55
N PRO A 1148 -14.41 6.04 37.04
CA PRO A 1148 -15.03 4.74 36.89
C PRO A 1148 -14.07 3.71 37.50
N SER A 1149 -14.55 2.81 38.34
CA SER A 1149 -13.67 1.82 38.94
C SER A 1149 -14.51 0.72 39.57
N ILE A 1150 -13.89 -0.43 39.73
CA ILE A 1150 -14.30 -1.39 40.75
C ILE A 1150 -13.36 -1.18 41.93
N ASN A 1151 -13.91 -1.18 43.14
CA ASN A 1151 -13.13 -0.82 44.32
C ASN A 1151 -12.19 -1.97 44.63
N GLN A 1152 -11.00 -1.91 44.03
CA GLN A 1152 -10.00 -2.96 44.15
C GLN A 1152 -8.87 -2.50 45.06
N ILE A 1153 -8.26 -3.48 45.72
CA ILE A 1153 -7.35 -3.21 46.82
C ILE A 1153 -6.02 -2.72 46.27
N LEU A 1154 -5.27 -2.00 47.11
CA LEU A 1154 -3.91 -1.62 46.76
C LEU A 1154 -3.06 -2.88 46.65
N LEU A 1155 -2.13 -2.88 45.69
CA LEU A 1155 -1.37 -4.09 45.41
C LEU A 1155 -0.35 -4.34 46.52
N SER A 1156 -0.43 -5.52 47.12
CA SER A 1156 0.46 -5.88 48.21
C SER A 1156 1.89 -6.03 47.69
N PRO A 1157 2.88 -5.49 48.40
CA PRO A 1157 4.28 -5.69 47.98
C PRO A 1157 4.76 -7.13 48.13
N GLU A 1158 3.99 -7.99 48.82
CA GLU A 1158 4.25 -9.42 48.82
C GLU A 1158 4.12 -10.00 47.42
N LYS A 1159 3.13 -9.53 46.67
CA LYS A 1159 2.92 -10.01 45.30
C LYS A 1159 3.31 -8.97 44.25
N ILE A 1160 4.03 -7.93 44.65
CA ILE A 1160 4.84 -7.14 43.73
C ILE A 1160 6.25 -7.73 43.87
N LYS A 1161 6.36 -8.77 44.69
CA LYS A 1161 7.55 -9.61 44.71
C LYS A 1161 7.33 -10.94 44.02
N GLU A 1162 6.12 -11.48 44.09
CA GLU A 1162 5.79 -12.70 43.36
C GLU A 1162 5.68 -12.43 41.86
N GLY A 1163 5.43 -11.17 41.47
CA GLY A 1163 5.42 -10.82 40.06
C GLY A 1163 6.81 -10.87 39.45
N ILE A 1164 7.78 -10.25 40.11
CA ILE A 1164 9.19 -10.38 39.70
C ILE A 1164 9.64 -11.82 39.81
N LYS A 1165 9.17 -12.54 40.84
CA LYS A 1165 9.52 -13.95 41.00
C LYS A 1165 9.04 -14.80 39.83
N ARG A 1166 7.80 -14.60 39.39
CA ARG A 1166 7.27 -15.37 38.28
C ARG A 1166 7.84 -14.91 36.95
N GLN A 1167 8.18 -13.62 36.82
CA GLN A 1167 8.72 -13.15 35.55
C GLN A 1167 10.19 -13.51 35.37
N GLN A 1168 10.98 -13.53 36.45
CA GLN A 1168 12.38 -13.91 36.35
C GLN A 1168 12.55 -15.39 36.04
N GLU A 1169 11.62 -16.22 36.47
CA GLU A 1169 11.69 -17.63 36.09
C GLU A 1169 10.86 -17.92 34.86
N LYS A 1170 10.08 -16.95 34.38
CA LYS A 1170 9.44 -17.08 33.08
C LYS A 1170 10.36 -16.70 31.93
N ASN A 1171 11.27 -15.76 32.12
CA ASN A 1171 12.29 -15.51 31.12
C ASN A 1171 13.57 -16.30 31.37
N ALA A 1172 13.50 -17.28 32.28
CA ALA A 1172 14.58 -18.23 32.49
C ALA A 1172 14.35 -19.55 31.77
N ASP A 1173 13.11 -20.00 31.65
CA ASP A 1173 12.86 -21.14 30.78
C ASP A 1173 12.56 -20.72 29.35
N ALA A 1174 12.48 -19.42 29.07
CA ALA A 1174 12.64 -18.99 27.69
C ALA A 1174 14.06 -19.24 27.22
N LEU A 1175 15.03 -18.92 28.06
CA LEU A 1175 16.42 -19.25 27.80
C LEU A 1175 16.64 -20.75 27.73
N ARG A 1176 16.07 -21.51 28.68
CA ARG A 1176 16.18 -22.96 28.67
C ARG A 1176 15.56 -23.56 27.43
N ASN A 1177 14.41 -23.05 27.01
CA ASN A 1177 13.76 -23.59 25.82
C ASN A 1177 14.49 -23.21 24.55
N TYR A 1178 15.08 -22.02 24.49
CA TYR A 1178 15.89 -21.65 23.33
C TYR A 1178 17.11 -22.55 23.18
N GLU A 1179 17.88 -22.69 24.25
CA GLU A 1179 19.06 -23.53 24.16
C GLU A 1179 18.73 -25.01 24.11
N ASN A 1180 17.52 -25.39 24.49
CA ASN A 1180 17.04 -26.75 24.29
C ASN A 1180 16.63 -26.99 22.85
N LEU A 1181 15.92 -26.03 22.26
CA LEU A 1181 15.49 -26.09 20.86
C LEU A 1181 16.67 -26.19 19.91
N VAL A 1182 17.72 -25.42 20.16
CA VAL A 1182 18.90 -25.49 19.31
C VAL A 1182 19.53 -26.86 19.40
N ASP A 1183 19.64 -27.40 20.60
CA ASP A 1183 20.27 -28.70 20.80
C ASP A 1183 19.45 -29.83 20.21
N THR A 1184 18.12 -29.75 20.26
CA THR A 1184 17.33 -30.84 19.73
C THR A 1184 17.02 -30.70 18.24
N LEU A 1185 17.12 -29.50 17.68
CA LEU A 1185 17.26 -29.40 16.23
C LEU A 1185 18.57 -30.02 15.78
N LEU A 1186 19.64 -29.84 16.56
CA LEU A 1186 20.91 -30.47 16.21
C LEU A 1186 20.86 -31.98 16.42
N ASP A 1187 20.15 -32.45 17.44
CA ASP A 1187 19.96 -33.88 17.62
C ASP A 1187 19.12 -34.47 16.51
N GLY A 1188 18.16 -33.71 16.00
CA GLY A 1188 17.28 -34.21 14.95
C GLY A 1188 17.87 -34.15 13.56
N VAL A 1189 18.73 -33.16 13.29
CA VAL A 1189 19.17 -32.93 11.91
C VAL A 1189 20.23 -33.92 11.48
N GLU A 1190 20.80 -34.67 12.43
CA GLU A 1190 21.72 -35.77 12.14
C GLU A 1190 21.25 -37.00 12.91
N GLN A 1191 20.25 -37.71 12.36
CA GLN A 1191 19.64 -38.79 13.11
C GLN A 1191 19.62 -40.05 12.22
N ARG A 1192 20.82 -40.56 11.96
CA ARG A 1192 21.20 -41.93 11.61
C ARG A 1192 20.62 -42.47 10.28
N ASN A 1193 19.44 -42.00 9.87
CA ASN A 1193 18.93 -42.08 8.51
C ASN A 1193 17.80 -41.07 8.36
N LEU A 1194 18.12 -39.91 7.82
CA LEU A 1194 17.10 -38.91 7.60
C LEU A 1194 17.31 -38.33 6.21
N PRO A 1195 16.25 -38.20 5.43
CA PRO A 1195 16.41 -37.74 4.05
C PRO A 1195 16.86 -36.29 4.00
N TRP A 1196 17.47 -35.94 2.88
CA TRP A 1196 18.13 -34.66 2.72
C TRP A 1196 17.16 -33.49 2.77
N LYS A 1197 15.87 -33.71 2.45
CA LYS A 1197 14.88 -32.65 2.61
C LYS A 1197 14.77 -32.22 4.06
N PHE A 1198 14.70 -33.19 4.96
CA PHE A 1198 14.45 -32.88 6.35
C PHE A 1198 15.66 -32.29 7.05
N GLU A 1199 16.88 -32.62 6.61
CA GLU A 1199 18.00 -31.89 7.17
C GLU A 1199 18.15 -30.52 6.54
N HIS A 1200 17.72 -30.33 5.29
CA HIS A 1200 17.70 -28.98 4.76
C HIS A 1200 16.61 -28.14 5.38
N ILE A 1201 15.53 -28.78 5.83
CA ILE A 1201 14.54 -28.08 6.63
C ILE A 1201 15.08 -27.75 8.00
N GLY A 1202 15.65 -28.75 8.68
CA GLY A 1202 16.10 -28.58 10.05
C GLY A 1202 17.30 -27.68 10.23
N ILE A 1203 18.01 -27.36 9.15
CA ILE A 1203 19.09 -26.39 9.21
C ILE A 1203 18.59 -24.98 8.97
N GLY A 1204 17.61 -24.81 8.08
CA GLY A 1204 17.02 -23.49 7.90
C GLY A 1204 16.24 -23.03 9.11
N LEU A 1205 15.52 -23.95 9.74
CA LEU A 1205 14.88 -23.66 11.02
C LEU A 1205 15.91 -23.32 12.08
N LEU A 1206 17.04 -24.01 12.06
CA LEU A 1206 18.16 -23.69 12.94
C LEU A 1206 18.84 -22.39 12.56
N SER A 1207 18.82 -22.03 11.28
CA SER A 1207 19.31 -20.76 10.78
C SER A 1207 18.42 -19.59 11.18
N LEU A 1208 17.19 -19.86 11.60
CA LEU A 1208 16.33 -18.82 12.15
C LEU A 1208 16.66 -18.44 13.58
N LEU A 1209 17.64 -19.07 14.22
CA LEU A 1209 17.82 -18.92 15.66
C LEU A 1209 19.10 -18.17 16.03
N LEU A 1210 19.68 -17.42 15.08
CA LEU A 1210 20.83 -16.56 15.33
C LEU A 1210 20.30 -15.33 16.05
N ARG A 1211 20.73 -15.15 17.29
CA ARG A 1211 19.93 -14.44 18.28
C ARG A 1211 20.15 -12.93 18.24
N ASP A 1212 21.38 -12.47 18.48
CA ASP A 1212 22.00 -11.17 18.80
C ASP A 1212 21.80 -10.73 20.24
N ASP A 1213 20.98 -11.42 21.03
CA ASP A 1213 20.94 -11.17 22.46
C ASP A 1213 21.99 -12.00 23.16
N ARG A 1214 22.29 -13.15 22.60
CA ARG A 1214 23.29 -14.09 23.04
C ARG A 1214 24.11 -14.51 21.85
N VAL A 1215 25.24 -15.09 22.10
CA VAL A 1215 25.92 -15.79 21.02
C VAL A 1215 25.22 -17.14 20.90
N LEU A 1216 25.36 -17.75 19.73
CA LEU A 1216 24.74 -19.02 19.44
C LEU A 1216 25.38 -20.11 20.28
N PRO A 1217 24.65 -21.23 20.48
CA PRO A 1217 25.12 -22.36 21.29
C PRO A 1217 26.41 -22.93 20.69
N LEU A 1218 27.27 -23.39 21.58
CA LEU A 1218 28.58 -23.89 21.15
C LEU A 1218 28.48 -25.02 20.15
N ARG A 1219 27.53 -25.94 20.34
CA ARG A 1219 27.41 -27.03 19.38
C ARG A 1219 26.91 -26.54 18.03
N ALA A 1220 26.10 -25.49 18.01
CA ALA A 1220 25.61 -24.96 16.74
C ALA A 1220 26.67 -24.12 16.04
N ILE A 1221 27.53 -23.44 16.80
CA ILE A 1221 28.72 -22.82 16.23
C ILE A 1221 29.56 -23.87 15.53
N ARG A 1222 29.80 -24.99 16.23
CA ARG A 1222 30.51 -26.13 15.66
C ARG A 1222 29.85 -26.64 14.41
N PHE A 1223 28.51 -26.71 14.40
CA PHE A 1223 27.78 -27.27 13.26
C PHE A 1223 27.88 -26.38 12.04
N PHE A 1224 27.53 -25.09 12.18
CA PHE A 1224 27.55 -24.19 11.04
C PHE A 1224 28.96 -23.92 10.55
N VAL A 1225 29.96 -24.04 11.43
CA VAL A 1225 31.31 -23.91 10.93
C VAL A 1225 31.76 -25.18 10.20
N GLU A 1226 31.42 -26.37 10.72
CA GLU A 1226 31.89 -27.58 10.05
C GLU A 1226 31.13 -27.88 8.77
N ASN A 1227 29.97 -27.28 8.53
CA ASN A 1227 29.37 -27.48 7.23
C ASN A 1227 29.37 -26.21 6.38
N LEU A 1228 30.41 -25.37 6.50
CA LEU A 1228 30.74 -24.51 5.37
C LEU A 1228 31.08 -25.34 4.16
N ASN A 1229 31.86 -26.41 4.36
CA ASN A 1229 32.16 -27.36 3.29
C ASN A 1229 31.28 -28.59 3.48
N HIS A 1230 30.02 -28.44 3.08
CA HIS A 1230 29.00 -29.47 3.04
C HIS A 1230 28.76 -29.84 1.59
N ASP A 1231 28.40 -31.09 1.34
CA ASP A 1231 28.34 -31.53 -0.06
C ASP A 1231 27.09 -31.05 -0.80
N ALA A 1232 26.16 -30.38 -0.12
CA ALA A 1232 25.00 -29.77 -0.74
C ALA A 1232 25.18 -28.25 -0.75
N ILE A 1233 24.98 -27.65 -1.93
CA ILE A 1233 25.24 -26.21 -2.06
C ILE A 1233 24.20 -25.38 -1.32
N VAL A 1234 23.01 -25.93 -1.07
CA VAL A 1234 21.99 -25.22 -0.31
C VAL A 1234 22.41 -25.06 1.14
N VAL A 1235 22.99 -26.11 1.73
CA VAL A 1235 23.44 -26.05 3.11
C VAL A 1235 24.68 -25.17 3.23
N ARG A 1236 25.46 -25.10 2.16
CA ARG A 1236 26.63 -24.23 2.18
C ARG A 1236 26.24 -22.77 2.24
N LYS A 1237 25.17 -22.37 1.55
CA LYS A 1237 24.76 -20.97 1.56
C LYS A 1237 24.10 -20.60 2.87
N MET A 1238 23.30 -21.53 3.44
CA MET A 1238 22.79 -21.38 4.79
C MET A 1238 23.91 -21.24 5.79
N ALA A 1239 24.99 -21.99 5.61
CA ALA A 1239 26.12 -21.95 6.54
C ALA A 1239 26.93 -20.69 6.38
N ILE A 1240 27.02 -20.15 5.16
CA ILE A 1240 27.72 -18.88 4.96
C ILE A 1240 26.97 -17.76 5.67
N SER A 1241 25.65 -17.72 5.50
CA SER A 1241 24.84 -16.73 6.20
C SER A 1241 24.89 -16.92 7.71
N ALA A 1242 24.83 -18.15 8.18
CA ALA A 1242 24.85 -18.41 9.61
C ALA A 1242 26.20 -18.07 10.24
N VAL A 1243 27.30 -18.35 9.54
CA VAL A 1243 28.60 -18.09 10.14
C VAL A 1243 28.96 -16.60 10.03
N ALA A 1244 28.43 -15.89 9.03
CA ALA A 1244 28.53 -14.43 9.05
C ALA A 1244 27.76 -13.85 10.24
N GLY A 1245 26.60 -14.44 10.55
CA GLY A 1245 25.89 -14.05 11.76
C GLY A 1245 26.64 -14.40 13.03
N ILE A 1246 27.37 -15.51 13.03
CA ILE A 1246 28.14 -15.91 14.20
C ILE A 1246 29.28 -14.95 14.44
N LEU A 1247 30.04 -14.63 13.40
CA LEU A 1247 31.12 -13.65 13.49
C LEU A 1247 30.62 -12.25 13.82
N LYS A 1248 29.36 -11.93 13.51
CA LYS A 1248 28.79 -10.68 14.04
C LYS A 1248 28.42 -10.79 15.51
N GLN A 1249 27.88 -11.93 15.94
CA GLN A 1249 27.60 -12.16 17.36
C GLN A 1249 28.87 -12.11 18.19
N LEU A 1250 29.98 -12.53 17.61
CA LEU A 1250 31.19 -12.78 18.33
C LEU A 1250 32.17 -11.62 18.22
N LYS A 1251 31.71 -10.53 17.62
CA LYS A 1251 32.54 -9.34 17.46
C LYS A 1251 32.82 -8.62 18.78
N ARG A 1252 34.06 -8.18 18.94
CA ARG A 1252 34.48 -7.43 20.11
C ARG A 1252 34.26 -5.94 19.86
N THR A 1253 33.68 -5.25 20.83
CA THR A 1253 33.29 -3.86 20.65
C THR A 1253 34.51 -2.96 20.64
N HIS A 1254 34.59 -2.10 19.64
CA HIS A 1254 35.71 -1.20 19.48
C HIS A 1254 35.39 0.15 20.11
N LYS A 1255 36.31 0.67 20.90
CA LYS A 1255 36.04 1.84 21.72
C LYS A 1255 36.15 3.12 20.94
N LYS A 1256 35.36 4.12 21.35
CA LYS A 1256 35.30 5.42 20.70
C LYS A 1256 35.65 6.51 21.71
N LEU A 1257 36.25 7.58 21.21
CA LEU A 1257 36.47 8.80 21.96
C LEU A 1257 35.69 9.94 21.34
N THR A 1258 35.91 11.15 21.82
CA THR A 1258 35.26 12.33 21.26
C THR A 1258 36.29 13.36 20.88
N ILE A 1259 36.35 13.72 19.61
CA ILE A 1259 37.18 14.82 19.15
C ILE A 1259 36.33 16.07 19.03
N ASN A 1260 36.91 17.19 19.42
CA ASN A 1260 36.46 18.45 18.89
C ASN A 1260 37.07 18.62 17.50
N PRO A 1261 36.27 18.81 16.46
CA PRO A 1261 36.84 18.93 15.12
C PRO A 1261 37.53 20.25 14.83
N CYS A 1262 37.65 21.15 15.82
CA CYS A 1262 38.41 22.38 15.69
C CYS A 1262 39.55 22.29 16.70
N GLU A 1263 39.98 21.06 16.96
CA GLU A 1263 41.07 20.80 17.89
C GLU A 1263 42.15 20.06 17.11
N ILE A 1264 41.77 19.45 15.99
CA ILE A 1264 42.77 18.92 15.09
C ILE A 1264 43.00 19.86 13.91
N SER A 1265 41.96 20.58 13.50
CA SER A 1265 42.08 21.50 12.39
C SER A 1265 42.66 22.84 12.79
N GLY A 1266 42.28 23.36 13.94
CA GLY A 1266 42.79 24.64 14.40
C GLY A 1266 42.26 25.82 13.62
N CYS A 1267 40.96 26.07 13.77
CA CYS A 1267 40.21 27.10 13.06
C CYS A 1267 38.88 27.27 13.80
N PRO A 1268 38.20 28.43 13.70
CA PRO A 1268 37.10 28.72 14.63
C PRO A 1268 35.81 27.92 14.45
N LYS A 1269 35.70 27.08 13.39
CA LYS A 1269 34.52 26.32 12.94
C LYS A 1269 33.28 27.21 12.92
N PRO A 1270 33.14 28.06 11.90
CA PRO A 1270 32.16 29.17 11.95
C PRO A 1270 30.70 28.77 12.03
N THR A 1271 29.86 29.71 12.45
CA THR A 1271 28.42 29.51 12.43
C THR A 1271 27.87 29.83 11.05
N GLN A 1272 26.53 30.00 10.97
CA GLN A 1272 25.79 30.21 9.73
C GLN A 1272 26.08 29.05 8.79
N ILE A 1273 25.55 27.88 9.16
CA ILE A 1273 26.01 26.56 8.72
C ILE A 1273 26.15 26.47 7.21
N ILE A 1274 27.37 26.20 6.76
CA ILE A 1274 27.69 26.10 5.34
C ILE A 1274 28.16 24.69 5.06
N ALA A 1275 27.77 24.15 3.91
CA ALA A 1275 28.14 22.80 3.53
C ALA A 1275 29.34 22.84 2.61
N GLY A 1276 29.88 21.66 2.33
CA GLY A 1276 30.95 21.56 1.37
C GLY A 1276 32.34 21.55 1.98
N ASP A 1277 33.33 21.89 1.18
CA ASP A 1277 34.73 21.83 1.58
C ASP A 1277 35.07 23.09 2.36
N ARG A 1278 35.28 22.94 3.66
CA ARG A 1278 35.49 24.06 4.57
C ARG A 1278 36.92 23.97 5.10
N PRO A 1279 37.41 24.95 5.87
CA PRO A 1279 38.68 24.76 6.58
C PRO A 1279 38.67 23.78 7.75
N ASP A 1280 37.55 23.62 8.48
CA ASP A 1280 37.51 22.62 9.53
C ASP A 1280 37.24 21.24 8.97
N ASN A 1281 36.88 21.19 7.70
CA ASN A 1281 36.61 19.97 6.97
C ASN A 1281 37.85 19.44 6.27
N HIS A 1282 38.89 20.27 6.12
CA HIS A 1282 39.91 20.04 5.10
C HIS A 1282 40.89 18.94 5.49
N TRP A 1283 41.15 18.75 6.78
CA TRP A 1283 42.09 17.73 7.25
C TRP A 1283 41.59 16.33 6.97
N LEU A 1284 40.30 16.19 6.73
CA LEU A 1284 39.63 14.94 6.48
C LEU A 1284 39.63 14.57 5.01
N HIS A 1285 40.16 15.43 4.16
CA HIS A 1285 40.28 15.17 2.73
C HIS A 1285 41.51 14.32 2.48
N TYR A 1286 41.51 13.59 1.38
CA TYR A 1286 42.70 12.86 0.96
C TYR A 1286 43.67 13.83 0.28
N ASP A 1287 44.83 14.02 0.91
CA ASP A 1287 45.91 14.79 0.30
C ASP A 1287 47.11 13.87 0.24
N SER A 1288 47.81 13.89 -0.90
CA SER A 1288 48.86 12.91 -1.13
C SER A 1288 50.15 13.22 -0.38
N LYS A 1289 50.20 14.34 0.34
CA LYS A 1289 51.36 14.70 1.14
C LYS A 1289 51.15 14.46 2.62
N THR A 1290 50.04 13.83 3.02
CA THR A 1290 49.73 13.71 4.44
C THR A 1290 49.27 12.31 4.84
N ILE A 1291 49.34 11.33 3.96
CA ILE A 1291 49.17 9.92 4.37
C ILE A 1291 50.28 9.56 5.35
N PRO A 1292 49.98 8.81 6.44
CA PRO A 1292 51.00 8.50 7.45
C PRO A 1292 52.33 7.89 7.03
N ARG A 1293 52.33 6.73 6.36
CA ARG A 1293 53.49 5.98 5.86
C ARG A 1293 54.40 5.41 6.95
N THR A 1294 54.17 5.73 8.22
CA THR A 1294 54.91 5.18 9.34
C THR A 1294 53.93 4.82 10.43
N LYS A 1295 54.38 4.03 11.39
CA LYS A 1295 53.55 3.63 12.50
C LYS A 1295 53.27 4.78 13.45
N LYS A 1296 54.12 5.80 13.48
CA LYS A 1296 53.96 6.92 14.39
C LYS A 1296 52.99 7.96 13.85
N GLU A 1297 53.05 8.23 12.55
CA GLU A 1297 52.08 9.11 11.91
C GLU A 1297 50.73 8.46 11.74
N TRP A 1298 50.66 7.13 11.80
CA TRP A 1298 49.41 6.37 11.79
C TRP A 1298 48.73 6.36 13.14
N GLU A 1299 49.48 6.11 14.21
CA GLU A 1299 48.95 6.10 15.56
C GLU A 1299 48.59 7.50 16.04
N SER A 1300 49.22 8.53 15.51
CA SER A 1300 48.83 9.92 15.75
C SER A 1300 48.22 10.44 14.45
N SER A 1301 46.92 10.16 14.29
CA SER A 1301 46.11 10.54 13.14
C SER A 1301 44.66 10.26 13.53
N CYS A 1302 43.73 10.87 12.79
CA CYS A 1302 42.35 10.86 13.26
C CYS A 1302 41.50 9.75 12.65
N PHE A 1303 41.46 9.64 11.32
CA PHE A 1303 40.81 8.57 10.58
C PHE A 1303 39.30 8.52 10.84
N VAL A 1304 38.63 9.56 10.36
CA VAL A 1304 37.17 9.57 10.27
C VAL A 1304 36.75 8.68 9.12
N GLU A 1305 36.21 7.53 9.50
CA GLU A 1305 35.82 6.45 8.60
C GLU A 1305 34.66 6.59 7.62
N LYS A 1306 33.57 7.18 8.08
CA LYS A 1306 32.36 7.39 7.29
C LYS A 1306 32.60 8.44 6.24
N THR A 1307 31.86 8.41 5.15
CA THR A 1307 32.13 9.41 4.12
C THR A 1307 31.19 10.60 4.12
N HIS A 1308 30.56 10.90 5.24
CA HIS A 1308 29.62 12.00 5.29
C HIS A 1308 29.83 12.93 6.46
N TRP A 1309 30.71 12.61 7.39
CA TRP A 1309 30.82 13.37 8.62
C TRP A 1309 31.51 14.68 8.34
N GLY A 1310 30.84 15.78 8.63
CA GLY A 1310 31.43 17.08 8.48
C GLY A 1310 31.21 17.73 7.16
N TYR A 1311 30.51 17.08 6.23
CA TYR A 1311 30.18 17.74 4.98
C TYR A 1311 29.21 18.88 5.22
N TYR A 1312 28.10 18.59 5.89
CA TYR A 1312 27.06 19.59 6.08
C TYR A 1312 27.29 20.31 7.40
N THR A 1313 27.43 19.56 8.48
CA THR A 1313 27.75 20.08 9.80
C THR A 1313 28.30 18.94 10.64
N TRP A 1314 28.85 19.28 11.79
CA TRP A 1314 29.36 18.26 12.69
C TRP A 1314 28.29 17.88 13.69
N PRO A 1315 28.33 16.67 14.24
CA PRO A 1315 27.34 16.31 15.25
C PRO A 1315 27.60 16.92 16.60
N LYS A 1316 26.77 16.59 17.59
CA LYS A 1316 26.93 17.15 18.93
C LYS A 1316 28.17 16.58 19.61
N ASN A 1317 28.28 15.25 19.67
CA ASN A 1317 29.55 14.60 19.90
C ASN A 1317 29.91 13.80 18.66
N MET A 1318 31.20 13.62 18.43
CA MET A 1318 31.67 12.90 17.25
C MET A 1318 32.70 11.86 17.64
N VAL A 1319 32.46 10.62 17.24
CA VAL A 1319 33.28 9.48 17.62
C VAL A 1319 34.52 9.38 16.72
N VAL A 1320 35.57 8.73 17.24
CA VAL A 1320 36.89 8.84 16.62
C VAL A 1320 37.44 7.48 16.20
N TYR A 1321 37.06 6.41 16.92
CA TYR A 1321 37.81 5.14 17.02
C TYR A 1321 39.19 5.34 17.61
N ALA A 1322 39.28 5.40 18.95
CA ALA A 1322 40.50 5.68 19.69
C ALA A 1322 41.61 4.66 19.40
N GLY A 1323 42.78 4.94 19.96
CA GLY A 1323 44.00 4.31 19.49
C GLY A 1323 44.12 2.86 19.95
N VAL A 1324 45.09 2.17 19.35
CA VAL A 1324 45.28 0.73 19.48
C VAL A 1324 45.58 0.30 20.91
N GLU A 1325 46.12 1.19 21.73
CA GLU A 1325 46.44 0.92 23.13
C GLU A 1325 45.18 0.71 23.97
N GLU A 1326 44.01 1.15 23.48
CA GLU A 1326 42.77 0.96 24.20
C GLU A 1326 41.75 0.12 23.42
N GLN A 1327 42.09 -0.33 22.23
CA GLN A 1327 41.22 -1.17 21.42
C GLN A 1327 41.34 -2.62 21.86
N PRO A 1328 40.40 -3.48 21.47
CA PRO A 1328 40.56 -4.92 21.73
C PRO A 1328 41.79 -5.48 21.04
N LYS A 1329 42.58 -6.22 21.82
CA LYS A 1329 43.88 -6.67 21.34
C LYS A 1329 43.72 -7.79 20.33
N LEU A 1330 44.53 -7.72 19.28
CA LEU A 1330 44.46 -8.64 18.17
C LEU A 1330 45.77 -9.40 18.03
N GLY A 1331 45.69 -10.64 17.57
CA GLY A 1331 46.84 -11.51 17.50
C GLY A 1331 46.89 -12.48 18.66
N ARG A 1332 45.72 -12.87 19.14
CA ARG A 1332 45.62 -13.76 20.28
C ARG A 1332 46.03 -15.17 19.90
N SER A 1333 46.45 -15.94 20.89
CA SER A 1333 47.12 -17.21 20.66
C SER A 1333 46.24 -18.37 21.10
N ARG A 1334 44.92 -18.23 20.87
CA ARG A 1334 43.93 -19.31 20.93
C ARG A 1334 43.67 -19.81 22.35
N GLU A 1335 44.46 -19.38 23.31
CA GLU A 1335 44.16 -19.65 24.71
C GLU A 1335 43.42 -18.48 25.31
N ASP A 1336 43.62 -17.29 24.75
CA ASP A 1336 42.92 -16.09 25.16
C ASP A 1336 41.56 -15.94 24.50
N MET A 1337 41.24 -16.79 23.52
CA MET A 1337 40.01 -16.63 22.78
C MET A 1337 38.82 -17.10 23.58
N THR A 1338 37.63 -16.67 23.14
CA THR A 1338 36.42 -16.78 23.95
C THR A 1338 35.70 -18.10 23.71
N GLU A 1339 36.44 -19.12 23.27
CA GLU A 1339 36.09 -20.55 23.32
C GLU A 1339 35.01 -20.92 22.29
N ALA A 1340 34.40 -19.92 21.68
CA ALA A 1340 33.63 -20.08 20.44
C ALA A 1340 34.37 -19.48 19.27
N GLU A 1341 35.29 -18.55 19.55
CA GLU A 1341 36.35 -18.20 18.62
C GLU A 1341 37.30 -19.36 18.42
N GLN A 1342 37.38 -20.25 19.42
CA GLN A 1342 38.16 -21.48 19.32
C GLN A 1342 37.72 -22.36 18.15
N ILE A 1343 36.41 -22.52 17.93
CA ILE A 1343 35.92 -23.38 16.86
C ILE A 1343 36.26 -22.79 15.50
N ILE A 1344 36.00 -21.48 15.34
CA ILE A 1344 36.28 -20.81 14.07
C ILE A 1344 37.78 -20.76 13.82
N PHE A 1345 38.58 -20.62 14.88
CA PHE A 1345 40.02 -20.60 14.74
C PHE A 1345 40.55 -21.97 14.36
N ASP A 1346 40.08 -23.02 15.04
CA ASP A 1346 40.54 -24.37 14.79
C ASP A 1346 40.03 -24.93 13.48
N HIS A 1347 39.04 -24.29 12.87
CA HIS A 1347 38.66 -24.63 11.52
C HIS A 1347 39.27 -23.73 10.46
N PHE A 1348 39.27 -22.41 10.62
CA PHE A 1348 39.86 -21.55 9.61
C PHE A 1348 41.37 -21.46 9.70
N SER A 1349 42.00 -22.19 10.63
CA SER A 1349 43.45 -22.32 10.62
C SER A 1349 43.79 -23.81 10.63
N ASP A 1350 43.75 -24.41 9.44
CA ASP A 1350 44.37 -25.66 9.01
C ASP A 1350 44.18 -25.71 7.49
N PRO A 1351 45.06 -26.35 6.73
CA PRO A 1351 44.93 -26.27 5.27
C PRO A 1351 43.79 -27.08 4.69
N LYS A 1352 43.33 -28.15 5.36
CA LYS A 1352 42.36 -29.06 4.76
C LYS A 1352 40.96 -28.46 4.71
N PHE A 1353 40.52 -27.84 5.81
CA PHE A 1353 39.24 -27.13 5.82
C PHE A 1353 39.24 -26.00 4.82
N VAL A 1354 40.36 -25.29 4.70
CA VAL A 1354 40.40 -24.13 3.82
C VAL A 1354 40.46 -24.57 2.35
N GLU A 1355 41.13 -25.69 2.05
CA GLU A 1355 41.13 -26.13 0.65
C GLU A 1355 39.76 -26.67 0.25
N GLN A 1356 39.05 -27.36 1.15
CA GLN A 1356 37.69 -27.75 0.82
C GLN A 1356 36.75 -26.55 0.75
N LEU A 1357 36.93 -25.55 1.62
CA LEU A 1357 36.09 -24.37 1.62
C LEU A 1357 36.28 -23.57 0.35
N ILE A 1358 37.52 -23.36 -0.06
CA ILE A 1358 37.76 -22.56 -1.26
C ILE A 1358 37.54 -23.38 -2.53
N THR A 1359 37.51 -24.70 -2.42
CA THR A 1359 37.09 -25.53 -3.55
C THR A 1359 35.59 -25.41 -3.77
N PHE A 1360 34.82 -25.53 -2.69
CA PHE A 1360 33.37 -25.37 -2.79
C PHE A 1360 32.98 -23.94 -3.08
N LEU A 1361 33.82 -23.01 -2.70
CA LEU A 1361 33.50 -21.60 -2.72
C LEU A 1361 34.15 -20.89 -3.90
N SER A 1362 34.85 -21.64 -4.76
CA SER A 1362 35.26 -21.16 -6.08
C SER A 1362 34.57 -21.93 -7.19
N LEU A 1363 33.49 -22.62 -6.86
CA LEU A 1363 32.77 -23.48 -7.79
C LEU A 1363 31.65 -22.69 -8.43
N GLU A 1364 31.39 -22.92 -9.71
CA GLU A 1364 30.33 -22.20 -10.38
C GLU A 1364 28.98 -22.76 -9.96
N ASP A 1365 28.02 -21.86 -9.71
CA ASP A 1365 26.68 -22.25 -9.31
C ASP A 1365 25.68 -22.11 -10.46
N ARG A 1366 25.51 -20.88 -10.94
CA ARG A 1366 24.57 -20.58 -12.02
C ARG A 1366 25.37 -19.85 -13.08
N LYS A 1367 25.61 -20.53 -14.19
CA LYS A 1367 26.55 -20.01 -15.18
C LYS A 1367 25.93 -18.84 -15.92
N GLY A 1368 26.62 -17.71 -15.89
CA GLY A 1368 26.13 -16.47 -16.44
C GLY A 1368 25.30 -15.64 -15.48
N LYS A 1369 24.82 -16.25 -14.40
CA LYS A 1369 23.96 -15.56 -13.45
C LYS A 1369 24.64 -15.26 -12.12
N ASP A 1370 25.89 -15.71 -11.94
CA ASP A 1370 26.57 -15.51 -10.66
C ASP A 1370 27.05 -14.07 -10.51
N LYS A 1371 27.05 -13.59 -9.28
CA LYS A 1371 27.36 -12.20 -8.96
C LYS A 1371 28.43 -12.14 -7.87
N PHE A 1372 28.64 -10.93 -7.36
CA PHE A 1372 29.61 -10.72 -6.30
C PHE A 1372 29.18 -11.33 -4.98
N ASN A 1373 27.87 -11.43 -4.74
CA ASN A 1373 27.27 -12.04 -3.55
C ASN A 1373 27.76 -11.42 -2.26
N PRO A 1374 27.21 -10.29 -1.82
CA PRO A 1374 27.61 -9.69 -0.55
C PRO A 1374 27.31 -10.53 0.68
N ARG A 1375 26.60 -11.64 0.55
CA ARG A 1375 26.47 -12.59 1.66
C ARG A 1375 27.80 -13.24 1.98
N ARG A 1376 28.57 -13.60 0.95
CA ARG A 1376 29.90 -14.18 1.13
C ARG A 1376 30.96 -13.15 1.44
N PHE A 1377 30.75 -11.90 1.05
CA PHE A 1377 31.60 -10.82 1.52
C PHE A 1377 31.48 -10.62 3.02
N CYS A 1378 30.25 -10.70 3.55
CA CYS A 1378 30.05 -10.57 4.99
C CYS A 1378 30.64 -11.73 5.77
N LEU A 1379 30.84 -12.88 5.11
CA LEU A 1379 31.53 -14.00 5.73
C LEU A 1379 32.99 -13.65 6.00
N PHE A 1380 33.67 -13.12 4.99
CA PHE A 1380 35.11 -12.88 5.14
C PHE A 1380 35.41 -11.52 5.77
N LYS A 1381 34.46 -10.59 5.77
CA LYS A 1381 34.67 -9.36 6.52
C LYS A 1381 34.70 -9.64 8.02
N GLY A 1382 33.86 -10.56 8.46
CA GLY A 1382 33.86 -10.93 9.86
C GLY A 1382 35.01 -11.81 10.27
N ILE A 1383 35.57 -12.57 9.33
CA ILE A 1383 36.75 -13.38 9.62
C ILE A 1383 37.93 -12.49 9.93
N PHE A 1384 38.15 -11.48 9.09
CA PHE A 1384 39.31 -10.62 9.28
C PHE A 1384 39.04 -9.46 10.23
N ARG A 1385 37.90 -9.55 10.92
CA ARG A 1385 37.50 -8.61 11.93
C ARG A 1385 37.59 -9.22 13.35
N ASN A 1386 37.77 -10.54 13.46
CA ASN A 1386 37.85 -11.17 14.77
C ASN A 1386 39.17 -11.88 15.02
N PHE A 1387 39.83 -12.34 13.97
CA PHE A 1387 41.04 -13.12 14.11
C PHE A 1387 42.23 -12.44 13.45
N ASP A 1388 42.08 -12.16 12.15
CA ASP A 1388 42.71 -11.15 11.33
C ASP A 1388 44.16 -11.40 10.91
N ASP A 1389 44.84 -12.35 11.53
CA ASP A 1389 46.27 -12.45 11.24
C ASP A 1389 46.74 -13.85 10.95
N ALA A 1390 46.13 -14.88 11.53
CA ALA A 1390 46.69 -16.21 11.39
C ALA A 1390 46.10 -16.95 10.21
N PHE A 1391 45.00 -16.48 9.67
CA PHE A 1391 44.27 -17.25 8.67
C PHE A 1391 44.78 -16.98 7.27
N LEU A 1392 45.28 -15.78 7.02
CA LEU A 1392 45.85 -15.49 5.71
C LEU A 1392 47.17 -16.20 5.39
N PRO A 1393 48.02 -16.64 6.34
CA PRO A 1393 49.07 -17.60 5.94
C PRO A 1393 48.51 -18.93 5.47
N VAL A 1394 47.35 -19.35 5.97
CA VAL A 1394 46.68 -20.51 5.40
C VAL A 1394 46.06 -20.14 4.06
N LEU A 1395 45.59 -18.90 3.93
CA LEU A 1395 44.87 -18.48 2.74
C LEU A 1395 45.77 -17.97 1.63
N LYS A 1396 46.99 -17.51 1.93
CA LYS A 1396 47.86 -16.93 0.89
C LYS A 1396 48.23 -17.89 -0.25
N PRO A 1397 48.48 -19.19 -0.04
CA PRO A 1397 48.62 -20.05 -1.24
C PRO A 1397 47.33 -20.19 -2.02
N HIS A 1398 46.19 -20.25 -1.32
CA HIS A 1398 44.92 -20.49 -1.98
C HIS A 1398 44.47 -19.30 -2.81
N LEU A 1399 44.65 -18.08 -2.32
CA LEU A 1399 44.29 -16.92 -3.11
C LEU A 1399 45.44 -16.42 -3.97
N GLU A 1400 46.67 -16.90 -3.72
CA GLU A 1400 47.74 -16.70 -4.68
C GLU A 1400 47.49 -17.51 -5.94
N HIS A 1401 47.03 -18.76 -5.78
CA HIS A 1401 46.66 -19.61 -6.91
C HIS A 1401 45.44 -19.09 -7.65
N LEU A 1402 44.63 -18.27 -7.01
CA LEU A 1402 43.27 -18.04 -7.45
C LEU A 1402 43.13 -16.83 -8.36
N VAL A 1403 44.02 -15.85 -8.25
CA VAL A 1403 44.02 -14.73 -9.19
C VAL A 1403 44.71 -15.07 -10.50
N ALA A 1404 45.53 -16.13 -10.52
CA ALA A 1404 46.17 -16.54 -11.76
C ALA A 1404 45.26 -17.35 -12.65
N ASP A 1405 44.18 -17.91 -12.11
CA ASP A 1405 43.23 -18.65 -12.93
C ASP A 1405 42.45 -17.68 -13.82
N SER A 1406 42.38 -18.01 -15.10
CA SER A 1406 41.58 -17.27 -16.05
C SER A 1406 40.14 -17.75 -16.09
N HIS A 1407 39.74 -18.55 -15.10
CA HIS A 1407 38.35 -18.94 -14.90
C HIS A 1407 37.53 -17.72 -14.47
N GLU A 1408 36.22 -17.91 -14.41
CA GLU A 1408 35.30 -16.87 -13.95
C GLU A 1408 35.04 -16.96 -12.45
N SER A 1409 34.67 -18.15 -11.96
CA SER A 1409 34.26 -18.29 -10.58
C SER A 1409 35.43 -18.28 -9.62
N THR A 1410 36.64 -18.59 -10.08
CA THR A 1410 37.80 -18.43 -9.24
C THR A 1410 38.10 -16.96 -8.99
N GLN A 1411 37.91 -16.13 -10.00
CA GLN A 1411 38.00 -14.70 -9.83
C GLN A 1411 36.84 -14.13 -9.05
N ARG A 1412 35.68 -14.79 -9.05
CA ARG A 1412 34.61 -14.41 -8.14
C ARG A 1412 35.01 -14.65 -6.70
N CYS A 1413 35.62 -15.81 -6.45
CA CYS A 1413 35.95 -16.24 -5.09
C CYS A 1413 36.98 -15.32 -4.47
N VAL A 1414 38.01 -14.95 -5.23
CA VAL A 1414 39.05 -14.14 -4.64
C VAL A 1414 38.61 -12.70 -4.51
N ALA A 1415 37.63 -12.24 -5.29
CA ALA A 1415 37.16 -10.86 -5.13
C ALA A 1415 36.37 -10.70 -3.84
N GLU A 1416 35.62 -11.72 -3.45
CA GLU A 1416 34.91 -11.67 -2.18
C GLU A 1416 35.87 -11.75 -1.00
N ILE A 1417 36.89 -12.58 -1.11
CA ILE A 1417 37.89 -12.70 -0.05
C ILE A 1417 38.72 -11.43 0.06
N ILE A 1418 39.13 -10.85 -1.07
CA ILE A 1418 39.90 -9.60 -1.04
C ILE A 1418 39.05 -8.46 -0.51
N ALA A 1419 37.77 -8.42 -0.86
CA ALA A 1419 36.88 -7.38 -0.34
C ALA A 1419 36.70 -7.51 1.16
N GLY A 1420 36.41 -8.71 1.65
CA GLY A 1420 36.28 -8.90 3.09
C GLY A 1420 37.57 -8.77 3.85
N LEU A 1421 38.70 -8.99 3.19
CA LEU A 1421 40.00 -8.85 3.84
C LEU A 1421 40.43 -7.40 3.91
N ILE A 1422 40.04 -6.59 2.92
CA ILE A 1422 40.30 -5.15 2.98
C ILE A 1422 39.37 -4.48 3.97
N ARG A 1423 38.08 -4.82 3.92
CA ARG A 1423 37.14 -4.25 4.87
C ARG A 1423 37.37 -4.78 6.28
N GLY A 1424 37.86 -6.01 6.41
CA GLY A 1424 38.19 -6.56 7.71
C GLY A 1424 39.36 -5.92 8.39
N SER A 1425 40.28 -5.32 7.63
CA SER A 1425 41.48 -4.68 8.16
C SER A 1425 41.24 -3.25 8.57
N LYS A 1426 39.98 -2.89 8.83
CA LYS A 1426 39.62 -1.54 9.25
C LYS A 1426 40.23 -1.17 10.61
N HIS A 1427 40.17 -2.10 11.55
CA HIS A 1427 40.76 -1.93 12.86
C HIS A 1427 42.03 -2.72 13.07
N TRP A 1428 43.08 -2.44 12.30
CA TRP A 1428 44.32 -3.16 12.54
C TRP A 1428 45.42 -2.19 12.93
N THR A 1429 46.54 -2.77 13.32
CA THR A 1429 47.78 -2.09 13.63
C THR A 1429 48.44 -1.70 12.32
N PHE A 1430 49.36 -0.73 12.37
CA PHE A 1430 50.03 -0.31 11.15
C PHE A 1430 50.93 -1.41 10.59
N GLU A 1431 51.59 -2.17 11.46
CA GLU A 1431 52.43 -3.27 10.99
C GLU A 1431 51.59 -4.35 10.29
N LYS A 1432 50.36 -4.52 10.74
CA LYS A 1432 49.55 -5.60 10.23
C LYS A 1432 48.86 -5.21 8.92
N VAL A 1433 48.44 -3.95 8.77
CA VAL A 1433 47.97 -3.50 7.47
C VAL A 1433 49.12 -3.32 6.49
N GLU A 1434 50.33 -3.03 6.98
CA GLU A 1434 51.50 -2.96 6.11
C GLU A 1434 51.81 -4.33 5.53
N LYS A 1435 51.79 -5.35 6.38
CA LYS A 1435 51.95 -6.73 5.91
C LYS A 1435 50.81 -7.17 5.02
N LEU A 1436 49.58 -6.66 5.27
CA LEU A 1436 48.45 -6.94 4.39
C LEU A 1436 48.65 -6.36 3.01
N TRP A 1437 49.19 -5.15 2.91
CA TRP A 1437 49.28 -4.55 1.58
C TRP A 1437 50.50 -5.01 0.80
N GLU A 1438 51.57 -5.43 1.49
CA GLU A 1438 52.66 -6.11 0.79
C GLU A 1438 52.17 -7.41 0.15
N LEU A 1439 51.14 -8.02 0.73
CA LEU A 1439 50.47 -9.15 0.12
C LEU A 1439 49.53 -8.72 -1.00
N LEU A 1440 48.66 -7.75 -0.75
CA LEU A 1440 47.54 -7.50 -1.66
C LEU A 1440 47.90 -6.69 -2.89
N CYS A 1441 49.01 -5.96 -2.89
CA CYS A 1441 49.34 -5.17 -4.08
C CYS A 1441 49.65 -6.02 -5.31
N PRO A 1442 50.50 -7.06 -5.26
CA PRO A 1442 50.65 -7.89 -6.47
C PRO A 1442 49.43 -8.72 -6.80
N LEU A 1443 48.67 -9.11 -5.78
CA LEU A 1443 47.41 -9.83 -5.98
C LEU A 1443 46.43 -9.00 -6.79
N LEU A 1444 46.27 -7.73 -6.43
CA LEU A 1444 45.35 -6.86 -7.16
C LEU A 1444 45.91 -6.45 -8.52
N ARG A 1445 47.23 -6.30 -8.65
CA ARG A 1445 47.81 -6.01 -9.97
C ARG A 1445 47.57 -7.15 -10.95
N THR A 1446 47.81 -8.39 -10.52
CA THR A 1446 47.52 -9.54 -11.36
C THR A 1446 46.03 -9.67 -11.64
N ALA A 1447 45.20 -9.39 -10.63
CA ALA A 1447 43.77 -9.58 -10.75
C ALA A 1447 43.11 -8.54 -11.64
N LEU A 1448 43.67 -7.33 -11.72
CA LEU A 1448 43.14 -6.32 -12.62
C LEU A 1448 43.76 -6.40 -14.00
N SER A 1449 44.95 -6.98 -14.13
CA SER A 1449 45.48 -7.24 -15.46
C SER A 1449 44.75 -8.40 -16.12
N ASN A 1450 44.31 -9.38 -15.33
CA ASN A 1450 43.59 -10.54 -15.85
C ASN A 1450 42.08 -10.36 -15.77
N ILE A 1451 41.59 -9.14 -15.94
CA ILE A 1451 40.17 -8.86 -15.87
C ILE A 1451 39.54 -9.20 -17.21
N THR A 1452 38.27 -9.62 -17.18
CA THR A 1452 37.62 -10.25 -18.33
C THR A 1452 36.18 -9.75 -18.38
N VAL A 1453 35.49 -10.03 -19.50
CA VAL A 1453 34.08 -9.68 -19.66
C VAL A 1453 33.20 -10.44 -18.67
N GLU A 1454 33.63 -11.64 -18.27
CA GLU A 1454 32.91 -12.43 -17.28
C GLU A 1454 33.21 -11.98 -15.87
N THR A 1455 34.06 -10.97 -15.71
CA THR A 1455 34.76 -10.71 -14.47
C THR A 1455 34.75 -9.25 -14.06
N TYR A 1456 34.53 -8.32 -14.99
CA TYR A 1456 34.85 -6.91 -14.73
C TYR A 1456 33.89 -6.27 -13.76
N ASN A 1457 32.61 -6.62 -13.81
CA ASN A 1457 31.64 -6.09 -12.86
C ASN A 1457 31.58 -6.90 -11.59
N ASP A 1458 32.65 -7.60 -11.27
CA ASP A 1458 32.81 -8.32 -10.02
C ASP A 1458 33.99 -7.73 -9.27
N TRP A 1459 35.05 -7.34 -9.99
CA TRP A 1459 36.05 -6.49 -9.40
C TRP A 1459 35.58 -5.05 -9.27
N GLY A 1460 34.60 -4.65 -10.08
CA GLY A 1460 33.97 -3.37 -9.86
C GLY A 1460 33.13 -3.35 -8.61
N ALA A 1461 32.65 -4.51 -8.20
CA ALA A 1461 31.95 -4.66 -6.93
C ALA A 1461 32.89 -4.97 -5.80
N CYS A 1462 34.02 -5.64 -6.09
CA CYS A 1462 35.04 -5.88 -5.09
C CYS A 1462 35.65 -4.57 -4.60
N ILE A 1463 36.03 -3.71 -5.50
CA ILE A 1463 36.74 -2.49 -5.10
C ILE A 1463 35.76 -1.45 -4.58
N ALA A 1464 34.56 -1.34 -5.16
CA ALA A 1464 33.56 -0.45 -4.59
C ALA A 1464 33.05 -0.95 -3.24
N THR A 1465 33.05 -2.26 -3.02
CA THR A 1465 32.68 -2.76 -1.70
C THR A 1465 33.79 -2.56 -0.70
N SER A 1466 35.03 -2.74 -1.14
CA SER A 1466 36.16 -2.74 -0.23
C SER A 1466 36.52 -1.35 0.26
N CYS A 1467 36.11 -0.30 -0.45
CA CYS A 1467 36.32 1.03 0.06
C CYS A 1467 35.04 1.83 0.18
N GLU A 1468 33.94 1.19 0.59
CA GLU A 1468 32.76 1.94 0.99
C GLU A 1468 32.85 2.09 2.50
N SER A 1469 32.46 3.27 2.98
CA SER A 1469 32.45 3.64 4.40
C SER A 1469 33.81 3.40 5.05
N ARG A 1470 34.86 3.85 4.37
CA ARG A 1470 36.22 3.76 4.88
C ARG A 1470 36.92 5.10 4.68
N ASP A 1471 37.96 5.31 5.46
CA ASP A 1471 38.74 6.52 5.33
C ASP A 1471 39.70 6.36 4.16
N PRO A 1472 39.76 7.33 3.24
CA PRO A 1472 40.56 7.16 2.03
C PRO A 1472 42.05 7.18 2.30
N ARG A 1473 42.47 7.81 3.39
CA ARG A 1473 43.88 7.80 3.75
C ARG A 1473 44.30 6.44 4.25
N LYS A 1474 43.39 5.71 4.91
CA LYS A 1474 43.75 4.39 5.43
C LYS A 1474 43.97 3.39 4.32
N LEU A 1475 43.12 3.39 3.32
CA LEU A 1475 43.32 2.52 2.18
C LEU A 1475 43.66 3.46 1.03
N HIS A 1476 44.94 3.82 1.00
CA HIS A 1476 45.50 4.60 -0.09
C HIS A 1476 46.29 3.74 -1.04
N TRP A 1477 46.54 2.49 -0.66
CA TRP A 1477 47.23 1.56 -1.53
C TRP A 1477 46.33 1.11 -2.67
N LEU A 1478 45.02 0.97 -2.44
CA LEU A 1478 44.07 0.72 -3.52
C LEU A 1478 44.20 1.76 -4.60
N PHE A 1479 44.22 3.02 -4.21
CA PHE A 1479 44.12 4.08 -5.18
C PHE A 1479 45.44 4.26 -5.90
N GLU A 1480 46.55 3.96 -5.26
CA GLU A 1480 47.83 4.01 -5.96
C GLU A 1480 48.00 2.82 -6.88
N LEU A 1481 47.46 1.64 -6.52
CA LEU A 1481 47.47 0.52 -7.45
C LEU A 1481 46.58 0.79 -8.65
N LEU A 1482 45.49 1.48 -8.41
CA LEU A 1482 44.33 1.40 -9.25
C LEU A 1482 44.06 2.70 -9.99
N LEU A 1483 44.87 3.73 -9.76
CA LEU A 1483 44.88 4.93 -10.57
C LEU A 1483 46.26 5.15 -11.17
N GLU A 1484 47.12 4.14 -11.11
CA GLU A 1484 48.45 4.23 -11.70
C GLU A 1484 48.37 4.30 -13.22
N SER A 1485 47.80 3.28 -13.83
CA SER A 1485 47.56 3.26 -15.26
C SER A 1485 46.29 2.48 -15.53
N PRO A 1486 45.12 3.11 -15.37
CA PRO A 1486 43.90 2.45 -15.81
C PRO A 1486 43.76 2.44 -17.31
N LEU A 1487 44.46 3.33 -18.00
CA LEU A 1487 44.32 3.50 -19.45
C LEU A 1487 45.72 3.30 -20.01
N SER A 1488 46.13 2.04 -20.16
CA SER A 1488 47.53 1.74 -20.37
C SER A 1488 47.81 1.09 -21.72
N GLY A 1489 47.07 0.04 -22.07
CA GLY A 1489 47.18 -0.52 -23.40
C GLY A 1489 47.44 -2.01 -23.47
N GLU A 1490 48.06 -2.64 -22.47
CA GLU A 1490 48.20 -4.09 -22.49
C GLU A 1490 46.84 -4.72 -22.22
N GLY A 1491 46.50 -5.74 -23.00
CA GLY A 1491 45.15 -6.20 -23.12
C GLY A 1491 44.31 -5.43 -24.12
N GLY A 1492 44.82 -4.32 -24.63
CA GLY A 1492 44.13 -3.57 -25.65
C GLY A 1492 43.05 -2.70 -25.05
N SER A 1493 41.97 -2.54 -25.78
CA SER A 1493 40.75 -1.95 -25.24
C SER A 1493 40.08 -2.97 -24.34
N PHE A 1494 38.98 -2.55 -23.71
CA PHE A 1494 38.06 -3.29 -22.85
C PHE A 1494 38.71 -3.68 -21.52
N VAL A 1495 40.03 -3.65 -21.39
CA VAL A 1495 40.61 -3.68 -20.06
C VAL A 1495 41.02 -2.28 -19.66
N ASP A 1496 41.26 -1.40 -20.62
CA ASP A 1496 41.36 0.00 -20.29
C ASP A 1496 40.01 0.51 -19.83
N ALA A 1497 38.93 0.05 -20.45
CA ALA A 1497 37.59 0.48 -20.08
C ALA A 1497 37.16 -0.11 -18.76
N CYS A 1498 37.59 -1.33 -18.47
CA CYS A 1498 37.09 -1.98 -17.27
C CYS A 1498 37.96 -1.73 -16.05
N ARG A 1499 39.26 -1.48 -16.23
CA ARG A 1499 40.05 -1.03 -15.08
C ARG A 1499 39.71 0.40 -14.71
N LEU A 1500 39.23 1.19 -15.67
CA LEU A 1500 38.73 2.52 -15.43
C LEU A 1500 37.28 2.50 -14.97
N TYR A 1501 36.65 1.34 -14.98
CA TYR A 1501 35.35 1.12 -14.35
C TYR A 1501 35.46 0.58 -12.94
N VAL A 1502 36.42 -0.32 -12.70
CA VAL A 1502 36.65 -0.83 -11.35
C VAL A 1502 37.10 0.28 -10.42
N LEU A 1503 38.01 1.10 -10.90
CA LEU A 1503 38.41 2.34 -10.27
C LEU A 1503 37.27 3.34 -10.11
N GLN A 1504 36.29 3.34 -11.01
CA GLN A 1504 35.19 4.29 -10.93
C GLN A 1504 34.34 4.08 -9.68
N GLY A 1505 33.99 2.83 -9.36
CA GLY A 1505 33.29 2.56 -8.13
C GLY A 1505 34.10 2.87 -6.89
N GLY A 1506 35.42 2.74 -6.98
CA GLY A 1506 36.27 3.08 -5.87
C GLY A 1506 36.32 4.56 -5.59
N LEU A 1507 36.44 5.38 -6.63
CA LEU A 1507 36.37 6.82 -6.41
C LEU A 1507 34.95 7.31 -6.20
N ALA A 1508 33.96 6.51 -6.59
CA ALA A 1508 32.57 6.87 -6.37
C ALA A 1508 32.17 6.69 -4.93
N GLN A 1509 32.69 5.66 -4.24
CA GLN A 1509 32.31 5.50 -2.86
C GLN A 1509 32.96 6.51 -1.93
N GLN A 1510 34.09 7.11 -2.33
CA GLN A 1510 34.83 8.00 -1.46
C GLN A 1510 34.57 9.46 -1.78
N GLU A 1511 33.34 9.79 -2.15
CA GLU A 1511 32.85 11.09 -2.58
C GLU A 1511 33.26 12.25 -1.67
N TRP A 1512 33.48 13.41 -2.28
CA TRP A 1512 33.73 14.75 -1.70
C TRP A 1512 34.98 14.83 -0.82
N ARG A 1513 35.58 13.71 -0.53
CA ARG A 1513 36.59 13.52 0.49
C ARG A 1513 37.91 13.17 -0.15
N VAL A 1514 37.91 12.97 -1.46
CA VAL A 1514 39.13 12.76 -2.21
C VAL A 1514 39.16 13.76 -3.37
N PRO A 1515 39.40 15.06 -3.09
CA PRO A 1515 39.38 16.07 -4.16
C PRO A 1515 40.50 15.94 -5.16
N GLU A 1516 41.73 16.06 -4.67
CA GLU A 1516 42.81 15.53 -5.45
C GLU A 1516 42.74 14.03 -5.34
N LEU A 1517 43.34 13.36 -6.33
CA LEU A 1517 43.14 12.02 -6.91
C LEU A 1517 41.92 11.99 -7.83
N LEU A 1518 40.96 12.88 -7.64
CA LEU A 1518 40.02 13.15 -8.73
C LEU A 1518 40.59 14.19 -9.67
N HIS A 1519 41.31 15.17 -9.11
CA HIS A 1519 42.15 16.03 -9.94
C HIS A 1519 43.26 15.26 -10.63
N ARG A 1520 43.83 14.25 -9.96
CA ARG A 1520 44.86 13.44 -10.62
C ARG A 1520 44.26 12.63 -11.75
N LEU A 1521 43.03 12.16 -11.58
CA LEU A 1521 42.42 11.42 -12.68
C LEU A 1521 42.03 12.35 -13.83
N LEU A 1522 41.60 13.58 -13.53
CA LEU A 1522 41.27 14.49 -14.61
C LEU A 1522 42.53 14.93 -15.36
N LYS A 1523 43.62 15.15 -14.63
CA LYS A 1523 44.89 15.53 -15.21
C LYS A 1523 45.53 14.39 -15.99
N TYR A 1524 45.26 13.15 -15.60
CA TYR A 1524 45.71 11.97 -16.31
C TYR A 1524 45.01 11.74 -17.62
N LEU A 1525 43.74 12.11 -17.71
CA LEU A 1525 42.84 11.54 -18.69
C LEU A 1525 42.24 12.59 -19.62
N GLU A 1526 42.52 13.86 -19.40
CA GLU A 1526 42.36 14.83 -20.48
C GLU A 1526 43.31 14.68 -21.69
N PRO A 1527 44.52 14.07 -21.60
CA PRO A 1527 45.22 13.80 -22.87
C PRO A 1527 44.67 12.62 -23.65
N LYS A 1528 43.69 11.89 -23.11
CA LYS A 1528 43.30 10.62 -23.69
C LYS A 1528 41.86 10.59 -24.19
N LEU A 1529 41.19 11.74 -24.31
CA LEU A 1529 39.82 11.69 -24.81
C LEU A 1529 39.80 11.43 -26.30
N THR A 1530 40.85 11.87 -26.97
CA THR A 1530 40.96 11.70 -28.42
C THR A 1530 41.48 10.31 -28.76
N GLN A 1531 42.36 9.78 -27.93
CA GLN A 1531 43.18 8.62 -28.25
C GLN A 1531 42.51 7.30 -27.95
N VAL A 1532 41.18 7.18 -27.94
CA VAL A 1532 40.58 6.05 -27.27
C VAL A 1532 39.39 5.50 -28.06
N TYR A 1533 39.05 4.25 -27.79
CA TYR A 1533 38.09 3.49 -28.58
C TYR A 1533 36.68 3.64 -28.02
N LYS A 1534 35.72 2.97 -28.66
CA LYS A 1534 34.31 3.25 -28.42
C LYS A 1534 33.85 2.75 -27.07
N ASN A 1535 34.31 1.59 -26.63
CA ASN A 1535 33.87 1.07 -25.36
C ASN A 1535 34.55 1.77 -24.19
N VAL A 1536 35.58 2.56 -24.43
CA VAL A 1536 36.27 3.20 -23.33
C VAL A 1536 35.73 4.61 -23.09
N ARG A 1537 35.39 5.37 -24.14
CA ARG A 1537 34.92 6.72 -23.87
C ARG A 1537 33.51 6.74 -23.30
N GLU A 1538 32.79 5.62 -23.36
CA GLU A 1538 31.61 5.46 -22.53
C GLU A 1538 31.98 5.40 -21.06
N ARG A 1539 33.04 4.65 -20.73
CA ARG A 1539 33.53 4.61 -19.37
C ARG A 1539 34.19 5.93 -18.98
N ILE A 1540 34.85 6.60 -19.93
CA ILE A 1540 35.38 7.94 -19.70
C ILE A 1540 34.24 8.88 -19.35
N GLY A 1541 33.11 8.78 -20.06
CA GLY A 1541 31.98 9.65 -19.77
C GLY A 1541 31.34 9.41 -18.43
N SER A 1542 31.17 8.13 -18.05
CA SER A 1542 30.65 7.82 -16.73
C SER A 1542 31.62 8.24 -15.64
N VAL A 1543 32.92 8.14 -15.90
CA VAL A 1543 33.91 8.56 -14.92
C VAL A 1543 33.95 10.06 -14.76
N LEU A 1544 33.86 10.82 -15.87
CA LEU A 1544 33.80 12.28 -15.76
C LEU A 1544 32.51 12.73 -15.09
N THR A 1545 31.44 11.96 -15.21
CA THR A 1545 30.23 12.23 -14.44
C THR A 1545 30.50 12.08 -12.95
N TYR A 1546 31.20 11.02 -12.55
CA TYR A 1546 31.53 10.86 -11.13
C TYR A 1546 32.68 11.77 -10.67
N ILE A 1547 33.41 12.38 -11.60
CA ILE A 1547 34.41 13.38 -11.22
C ILE A 1547 33.73 14.71 -10.94
N PHE A 1548 32.75 15.10 -11.75
CA PHE A 1548 32.06 16.36 -11.51
C PHE A 1548 30.75 16.21 -10.72
N MET A 1549 30.60 15.17 -9.90
CA MET A 1549 29.43 15.12 -9.05
C MET A 1549 29.53 16.10 -7.89
N ILE A 1550 30.74 16.43 -7.48
CA ILE A 1550 30.89 17.11 -6.21
C ILE A 1550 30.78 18.62 -6.37
N ASP A 1551 31.11 19.15 -7.54
CA ASP A 1551 30.83 20.55 -7.84
C ASP A 1551 29.34 20.73 -7.97
N VAL A 1552 28.69 21.09 -6.88
CA VAL A 1552 27.24 21.29 -6.87
C VAL A 1552 26.94 22.77 -6.70
N SER A 1553 25.78 23.17 -7.19
CA SER A 1553 25.25 24.52 -6.95
C SER A 1553 24.26 24.51 -5.80
N LEU A 1554 24.50 23.62 -4.83
CA LEU A 1554 23.61 23.43 -3.71
C LEU A 1554 23.73 24.65 -2.80
N PRO A 1555 22.66 25.06 -2.12
CA PRO A 1555 22.70 26.36 -1.44
C PRO A 1555 23.54 26.34 -0.18
N ASN A 1556 24.28 27.44 0.03
CA ASN A 1556 25.27 27.65 1.08
C ASN A 1556 26.39 26.62 1.06
N THR A 1557 26.72 26.06 -0.09
CA THR A 1557 27.82 25.13 -0.22
C THR A 1557 29.06 25.88 -0.66
N THR A 1558 30.14 25.71 0.09
CA THR A 1558 31.42 26.32 -0.25
C THR A 1558 31.96 25.67 -1.53
N PRO A 1559 32.58 26.44 -2.44
CA PRO A 1559 33.15 25.85 -3.66
C PRO A 1559 34.22 24.81 -3.37
N THR A 1560 34.09 23.66 -4.02
CA THR A 1560 34.80 22.46 -3.65
C THR A 1560 36.27 22.54 -4.02
N ILE A 1561 37.04 21.65 -3.42
CA ILE A 1561 38.41 21.39 -3.82
C ILE A 1561 38.42 20.40 -4.98
N SER A 1562 37.32 19.69 -5.20
CA SER A 1562 37.14 18.74 -6.29
C SER A 1562 37.10 19.47 -7.64
N PRO A 1563 37.27 18.74 -8.76
CA PRO A 1563 37.26 19.39 -10.08
C PRO A 1563 35.95 20.10 -10.40
N HIS A 1564 36.07 21.32 -10.92
CA HIS A 1564 34.92 22.14 -11.28
C HIS A 1564 34.55 21.91 -12.72
N VAL A 1565 33.26 21.64 -12.95
CA VAL A 1565 32.76 21.40 -14.29
C VAL A 1565 32.77 22.64 -15.19
N PRO A 1566 32.67 23.92 -14.76
CA PRO A 1566 32.87 25.00 -15.75
C PRO A 1566 34.30 25.17 -16.18
N GLU A 1567 35.26 24.90 -15.29
CA GLU A 1567 36.67 25.07 -15.60
C GLU A 1567 37.16 24.08 -16.64
N PHE A 1568 36.62 22.87 -16.64
CA PHE A 1568 36.97 21.81 -17.57
C PHE A 1568 36.39 22.04 -18.96
N THR A 1569 35.11 22.37 -19.03
CA THR A 1569 34.46 22.52 -20.32
C THR A 1569 34.80 23.82 -21.01
N ALA A 1570 35.51 24.73 -20.33
CA ALA A 1570 36.14 25.84 -21.02
C ALA A 1570 37.38 25.38 -21.75
N ARG A 1571 38.16 24.49 -21.13
CA ARG A 1571 39.30 23.89 -21.79
C ARG A 1571 38.86 22.96 -22.92
N ILE A 1572 37.69 22.35 -22.79
CA ILE A 1572 37.10 21.64 -23.92
C ILE A 1572 36.72 22.62 -25.01
N LEU A 1573 36.15 23.76 -24.63
CA LEU A 1573 35.71 24.76 -25.60
C LEU A 1573 36.87 25.42 -26.31
N GLU A 1574 38.06 25.42 -25.69
CA GLU A 1574 39.27 25.80 -26.39
C GLU A 1574 39.64 24.77 -27.45
N LYS A 1575 39.65 23.49 -27.08
CA LYS A 1575 40.04 22.40 -27.95
C LYS A 1575 39.06 22.17 -29.08
N LEU A 1576 37.79 22.53 -28.88
CA LEU A 1576 36.71 22.21 -29.77
C LEU A 1576 36.29 23.43 -30.58
N LYS A 1577 37.02 24.53 -30.42
CA LYS A 1577 36.81 25.74 -31.22
C LYS A 1577 36.88 25.57 -32.74
N PRO A 1578 37.83 24.84 -33.36
CA PRO A 1578 37.85 24.80 -34.84
C PRO A 1578 36.71 24.02 -35.48
N LEU A 1579 35.75 23.52 -34.72
CA LEU A 1579 34.59 22.84 -35.28
C LEU A 1579 33.38 23.74 -35.41
N MET A 1580 33.27 24.75 -34.54
CA MET A 1580 32.06 25.55 -34.47
C MET A 1580 32.19 26.90 -35.16
N ASP A 1581 33.18 27.07 -36.05
CA ASP A 1581 33.36 28.33 -36.74
C ASP A 1581 32.51 28.38 -38.02
N VAL A 1582 32.79 29.37 -38.87
CA VAL A 1582 32.00 29.64 -40.07
C VAL A 1582 32.25 28.59 -41.15
N ASP A 1583 31.45 28.65 -42.22
CA ASP A 1583 31.43 27.87 -43.44
C ASP A 1583 30.92 26.45 -43.23
N GLU A 1584 30.65 26.05 -41.98
CA GLU A 1584 29.78 24.96 -41.52
C GLU A 1584 30.15 23.56 -42.01
N GLU A 1585 31.34 23.35 -42.59
CA GLU A 1585 31.70 22.01 -43.05
C GLU A 1585 32.10 21.16 -41.85
N ILE A 1586 31.34 20.09 -41.61
CA ILE A 1586 31.56 19.16 -40.51
C ILE A 1586 31.32 17.75 -41.01
N GLN A 1587 31.41 16.78 -40.09
CA GLN A 1587 31.23 15.34 -40.32
C GLN A 1587 32.18 14.78 -41.37
N ASN A 1588 33.49 14.76 -41.06
CA ASN A 1588 34.43 14.08 -41.93
C ASN A 1588 34.91 12.78 -41.28
N HIS A 1589 35.35 12.87 -40.01
CA HIS A 1589 35.84 11.77 -39.14
C HIS A 1589 36.84 10.84 -39.84
N VAL A 1590 37.68 11.38 -40.70
CA VAL A 1590 38.67 10.58 -41.41
C VAL A 1590 40.05 10.82 -40.80
N ASP A 1600 45.34 17.19 -37.96
CA ASP A 1600 44.98 18.58 -37.74
C ASP A 1600 44.26 18.79 -36.41
N GLU A 1601 43.73 19.99 -36.22
CA GLU A 1601 42.93 20.31 -35.05
C GLU A 1601 41.44 20.36 -35.40
N ARG A 1602 41.02 19.49 -36.31
CA ARG A 1602 39.60 19.33 -36.63
C ARG A 1602 39.10 17.91 -36.45
N THR A 1603 39.83 16.91 -36.96
CA THR A 1603 39.43 15.52 -36.77
C THR A 1603 39.64 15.08 -35.32
N GLN A 1604 40.69 15.58 -34.67
CA GLN A 1604 40.81 15.33 -33.24
C GLN A 1604 39.76 16.09 -32.45
N GLY A 1605 39.26 17.19 -32.99
CA GLY A 1605 38.09 17.83 -32.39
C GLY A 1605 36.85 16.98 -32.50
N ILE A 1606 36.68 16.27 -33.62
CA ILE A 1606 35.58 15.32 -33.76
C ILE A 1606 35.73 14.17 -32.76
N LYS A 1607 36.97 13.68 -32.59
CA LYS A 1607 37.26 12.61 -31.65
C LYS A 1607 37.00 13.05 -30.21
N LEU A 1608 37.33 14.30 -29.89
CA LEU A 1608 37.01 14.86 -28.57
C LEU A 1608 35.51 14.99 -28.37
N LEU A 1609 34.81 15.41 -29.42
CA LEU A 1609 33.37 15.63 -29.33
C LEU A 1609 32.62 14.32 -29.14
N LYS A 1610 33.16 13.22 -29.66
CA LYS A 1610 32.63 11.88 -29.35
C LYS A 1610 32.67 11.60 -27.85
N THR A 1611 33.82 11.86 -27.23
CA THR A 1611 34.01 11.54 -25.82
C THR A 1611 33.17 12.43 -24.93
N ILE A 1612 33.15 13.74 -25.19
CA ILE A 1612 32.33 14.60 -24.34
C ILE A 1612 30.84 14.46 -24.63
N LEU A 1613 30.48 13.93 -25.79
CA LEU A 1613 29.09 13.62 -26.04
C LEU A 1613 28.65 12.43 -25.20
N LYS A 1614 29.49 11.39 -25.12
CA LYS A 1614 29.22 10.29 -24.18
C LYS A 1614 29.29 10.74 -22.73
N TRP A 1615 30.02 11.84 -22.44
CA TRP A 1615 30.01 12.39 -21.09
C TRP A 1615 28.68 13.04 -20.74
N LEU A 1616 28.18 13.93 -21.61
CA LEU A 1616 26.89 14.58 -21.35
C LEU A 1616 25.74 13.58 -21.32
N MET A 1617 25.87 12.48 -22.10
CA MET A 1617 24.97 11.34 -22.00
C MET A 1617 24.78 10.85 -20.57
N ALA A 1618 25.87 10.57 -19.87
CA ALA A 1618 25.75 10.09 -18.51
C ALA A 1618 25.52 11.22 -17.52
N SER A 1619 25.86 12.46 -17.87
CA SER A 1619 25.66 13.57 -16.96
C SER A 1619 24.23 14.07 -16.93
N ALA A 1620 23.40 13.67 -17.90
CA ALA A 1620 22.04 14.20 -17.99
C ALA A 1620 21.18 13.82 -16.79
N GLY A 1621 21.29 12.59 -16.31
CA GLY A 1621 20.39 12.19 -15.25
C GLY A 1621 21.00 12.10 -13.88
N ARG A 1622 22.30 12.37 -13.76
CA ARG A 1622 23.05 12.05 -12.57
C ARG A 1622 23.47 13.27 -11.76
N SER A 1623 23.85 14.36 -12.42
CA SER A 1623 24.38 15.51 -11.69
C SER A 1623 23.26 16.36 -11.14
N PHE A 1624 23.56 17.03 -10.02
CA PHE A 1624 22.51 17.74 -9.28
C PHE A 1624 22.05 19.00 -9.97
N SER A 1625 22.97 19.73 -10.58
CA SER A 1625 22.64 20.91 -11.38
C SER A 1625 23.00 20.55 -12.81
N THR A 1626 22.03 20.02 -13.55
CA THR A 1626 22.26 19.61 -14.92
C THR A 1626 22.44 20.83 -15.81
N ALA A 1627 23.35 20.71 -16.78
CA ALA A 1627 23.56 21.67 -17.87
C ALA A 1627 23.93 23.07 -17.34
N VAL A 1628 25.14 23.15 -16.79
CA VAL A 1628 25.67 24.45 -16.36
C VAL A 1628 25.88 25.37 -17.56
N THR A 1629 26.11 26.65 -17.26
CA THR A 1629 26.10 27.71 -18.27
C THR A 1629 27.24 27.61 -19.27
N GLU A 1630 28.28 26.82 -18.98
CA GLU A 1630 29.28 26.50 -19.98
C GLU A 1630 29.14 25.09 -20.54
N GLN A 1631 28.22 24.27 -20.02
CA GLN A 1631 27.71 23.13 -20.78
C GLN A 1631 26.51 23.55 -21.61
N LEU A 1632 26.62 24.69 -22.26
CA LEU A 1632 25.53 25.26 -23.03
C LEU A 1632 26.03 25.83 -24.34
N GLN A 1633 27.29 26.21 -24.41
CA GLN A 1633 27.99 26.51 -25.64
C GLN A 1633 28.44 25.25 -26.36
N LEU A 1634 28.30 24.10 -25.70
CA LEU A 1634 28.46 22.83 -26.39
C LEU A 1634 27.25 22.51 -27.25
N LEU A 1635 26.10 23.12 -26.93
CA LEU A 1635 24.89 22.89 -27.72
C LEU A 1635 24.94 23.35 -29.17
N PRO A 1636 25.34 24.59 -29.53
CA PRO A 1636 25.19 25.01 -30.95
C PRO A 1636 26.06 24.24 -31.90
N LEU A 1637 27.16 23.69 -31.41
CA LEU A 1637 27.96 22.73 -32.13
C LEU A 1637 27.31 21.36 -32.20
N PHE A 1638 26.55 20.97 -31.20
CA PHE A 1638 25.82 19.73 -31.24
C PHE A 1638 24.56 19.82 -32.08
N PHE A 1639 24.00 21.02 -32.25
CA PHE A 1639 22.81 21.17 -33.09
C PHE A 1639 23.12 20.92 -34.55
N LYS A 1640 24.20 21.47 -35.08
CA LYS A 1640 24.45 21.36 -36.51
C LYS A 1640 24.93 19.97 -36.93
N ILE A 1641 25.22 19.08 -35.99
CA ILE A 1641 25.70 17.76 -36.35
C ILE A 1641 24.67 16.68 -36.07
N ALA A 1642 23.55 17.01 -35.44
CA ALA A 1642 22.51 16.04 -35.20
C ALA A 1642 21.66 15.86 -36.46
N PRO A 1643 21.11 14.67 -36.71
CA PRO A 1643 20.26 14.48 -37.88
C PRO A 1643 18.85 15.01 -37.65
N VAL A 1644 18.00 14.81 -38.65
CA VAL A 1644 16.67 15.40 -38.69
C VAL A 1644 15.55 14.40 -38.46
N GLU A 1645 15.50 13.34 -39.25
CA GLU A 1645 14.27 12.58 -39.34
C GLU A 1645 14.31 11.29 -38.52
N ASN A 1646 15.32 10.49 -38.80
CA ASN A 1646 15.35 9.10 -38.38
C ASN A 1646 16.46 8.88 -37.36
N ASP A 1647 16.31 7.83 -36.61
CA ASP A 1647 17.33 7.46 -35.66
C ASP A 1647 18.24 6.37 -36.19
N ASN A 1648 18.39 6.33 -37.51
CA ASN A 1648 19.12 5.26 -38.18
C ASN A 1648 20.62 5.48 -38.09
N SER A 1649 21.35 4.52 -38.64
CA SER A 1649 22.76 4.37 -38.33
C SER A 1649 23.59 5.42 -39.05
N TYR A 1650 23.96 6.47 -38.33
CA TYR A 1650 24.71 7.62 -38.84
C TYR A 1650 25.97 7.79 -38.00
N ASP A 1651 27.04 7.09 -38.38
CA ASP A 1651 28.43 7.35 -38.00
C ASP A 1651 28.72 7.26 -36.49
N GLU A 1652 27.74 6.87 -35.66
CA GLU A 1652 27.77 6.84 -34.20
C GLU A 1652 28.13 8.19 -33.57
N LEU A 1653 27.92 9.28 -34.30
CA LEU A 1653 28.28 10.59 -33.80
C LEU A 1653 27.13 11.53 -34.08
N LYS A 1654 26.39 11.27 -35.14
CA LYS A 1654 25.14 11.97 -35.35
C LYS A 1654 24.06 11.45 -34.43
N ARG A 1655 23.90 10.13 -34.39
CA ARG A 1655 22.93 9.51 -33.49
C ARG A 1655 23.33 9.69 -32.03
N ASP A 1656 24.64 9.75 -31.78
CA ASP A 1656 25.13 10.13 -30.47
C ASP A 1656 24.77 11.57 -30.12
N ALA A 1657 24.75 12.48 -31.09
CA ALA A 1657 24.34 13.85 -30.83
C ALA A 1657 22.84 14.02 -30.81
N LYS A 1658 22.09 13.12 -31.45
CA LYS A 1658 20.64 13.22 -31.43
C LYS A 1658 20.07 12.85 -30.07
N LEU A 1659 20.50 11.71 -29.55
CA LEU A 1659 20.04 11.26 -28.24
C LEU A 1659 20.59 12.12 -27.12
N CYS A 1660 21.74 12.73 -27.32
CA CYS A 1660 22.25 13.66 -26.31
C CYS A 1660 21.40 14.92 -26.26
N LEU A 1661 20.95 15.41 -27.42
CA LEU A 1661 20.07 16.57 -27.44
C LEU A 1661 18.69 16.24 -26.90
N SER A 1662 18.19 15.05 -27.22
CA SER A 1662 16.90 14.62 -26.72
C SER A 1662 16.92 14.43 -25.22
N LEU A 1663 18.08 14.04 -24.69
CA LEU A 1663 18.25 13.71 -23.29
C LEU A 1663 18.55 14.93 -22.44
N MET A 1664 18.78 16.09 -23.06
CA MET A 1664 19.27 17.29 -22.39
C MET A 1664 18.26 18.42 -22.38
N SER A 1665 17.40 18.48 -23.40
CA SER A 1665 16.18 19.27 -23.29
C SER A 1665 15.28 18.77 -22.20
N GLN A 1666 15.31 17.48 -21.96
CA GLN A 1666 14.48 16.78 -21.01
C GLN A 1666 15.22 16.82 -19.69
N GLY A 1667 15.10 17.96 -19.00
CA GLY A 1667 15.86 18.19 -17.79
C GLY A 1667 15.59 19.57 -17.24
N LEU A 1668 15.52 19.69 -15.92
CA LEU A 1668 15.07 20.93 -15.29
C LEU A 1668 16.06 22.05 -15.46
N LEU A 1669 15.55 23.25 -15.58
CA LEU A 1669 16.35 24.46 -15.67
C LEU A 1669 16.07 25.34 -14.46
N TYR A 1670 17.00 26.22 -14.17
CA TYR A 1670 16.78 27.24 -13.17
C TYR A 1670 16.14 28.46 -13.82
N PRO A 1671 15.49 29.31 -13.04
CA PRO A 1671 14.92 30.54 -13.64
C PRO A 1671 15.96 31.53 -14.13
N HIS A 1672 17.17 31.56 -13.55
CA HIS A 1672 18.21 32.41 -14.09
C HIS A 1672 18.82 31.84 -15.35
N GLN A 1673 18.49 30.60 -15.68
CA GLN A 1673 19.11 29.86 -16.75
C GLN A 1673 18.28 29.87 -18.02
N VAL A 1674 16.96 30.01 -17.91
CA VAL A 1674 16.09 30.16 -19.07
C VAL A 1674 16.31 31.42 -19.90
N PRO A 1675 16.91 32.54 -19.44
CA PRO A 1675 17.39 33.49 -20.45
C PRO A 1675 18.57 32.97 -21.23
N LEU A 1676 19.47 32.24 -20.58
CA LEU A 1676 20.74 31.89 -21.20
C LEU A 1676 20.58 30.81 -22.25
N VAL A 1677 19.73 29.82 -21.99
CA VAL A 1677 19.49 28.76 -22.95
C VAL A 1677 18.75 29.31 -24.16
N LEU A 1678 17.77 30.18 -23.93
CA LEU A 1678 17.05 30.78 -25.05
C LEU A 1678 17.90 31.78 -25.80
N GLN A 1679 18.92 32.36 -25.15
CA GLN A 1679 19.87 33.17 -25.90
C GLN A 1679 20.78 32.29 -26.75
N VAL A 1680 21.07 31.09 -26.26
CA VAL A 1680 21.78 30.12 -27.08
C VAL A 1680 20.92 29.67 -28.25
N LEU A 1681 19.62 29.46 -28.02
CA LEU A 1681 18.76 28.90 -29.06
C LEU A 1681 18.50 29.87 -30.18
N LYS A 1682 18.22 31.14 -29.88
CA LYS A 1682 18.01 32.09 -30.96
C LYS A 1682 19.31 32.52 -31.62
N GLN A 1683 20.46 32.18 -31.04
CA GLN A 1683 21.74 32.34 -31.71
C GLN A 1683 21.91 31.29 -32.80
N THR A 1684 21.70 30.01 -32.45
CA THR A 1684 21.88 28.93 -33.41
C THR A 1684 20.60 28.53 -34.13
N ALA A 1685 19.56 29.36 -34.06
CA ALA A 1685 18.46 29.32 -35.01
C ALA A 1685 18.64 30.37 -36.09
N ARG A 1686 19.71 31.15 -35.99
CA ARG A 1686 20.04 32.18 -36.95
C ARG A 1686 21.23 31.74 -37.79
N SER A 1687 21.59 30.48 -37.71
CA SER A 1687 22.75 29.95 -38.41
C SER A 1687 22.40 29.64 -39.86
N SER A 1688 23.34 28.99 -40.55
CA SER A 1688 23.18 28.65 -41.95
C SER A 1688 22.94 27.17 -42.15
N SER A 1689 22.90 26.39 -41.08
CA SER A 1689 22.67 24.95 -41.16
C SER A 1689 21.18 24.71 -40.91
N TRP A 1690 20.48 24.16 -41.90
CA TRP A 1690 19.05 23.92 -41.70
C TRP A 1690 18.81 22.74 -40.79
N HIS A 1691 19.75 21.79 -40.72
CA HIS A 1691 19.67 20.72 -39.73
C HIS A 1691 19.69 21.30 -38.32
N ALA A 1692 20.53 22.31 -38.09
CA ALA A 1692 20.60 22.98 -36.81
C ALA A 1692 19.33 23.73 -36.48
N ARG A 1693 18.73 24.39 -37.47
CA ARG A 1693 17.50 25.12 -37.21
C ARG A 1693 16.31 24.19 -36.99
N TYR A 1694 16.36 22.99 -37.57
CA TYR A 1694 15.34 21.99 -37.28
C TYR A 1694 15.48 21.50 -35.84
N THR A 1695 16.69 21.19 -35.44
CA THR A 1695 16.81 20.53 -34.16
C THR A 1695 16.81 21.51 -32.99
N VAL A 1696 17.09 22.80 -33.20
CA VAL A 1696 16.81 23.76 -32.12
C VAL A 1696 15.33 23.90 -31.88
N LEU A 1697 14.52 23.58 -32.88
CA LEU A 1697 13.09 23.77 -32.85
C LEU A 1697 12.38 22.53 -32.34
N THR A 1698 13.03 21.37 -32.46
CA THR A 1698 12.63 20.19 -31.67
C THR A 1698 13.13 20.27 -30.24
N TYR A 1699 14.30 20.87 -30.03
CA TYR A 1699 14.83 21.06 -28.69
C TYR A 1699 13.97 22.00 -27.88
N LEU A 1700 13.56 23.11 -28.48
CA LEU A 1700 12.64 24.04 -27.82
C LEU A 1700 11.31 23.37 -27.53
N GLN A 1701 10.88 22.51 -28.44
CA GLN A 1701 9.63 21.77 -28.31
C GLN A 1701 9.63 20.83 -27.12
N THR A 1702 10.73 20.14 -26.84
CA THR A 1702 10.78 19.30 -25.63
C THR A 1702 11.16 20.11 -24.39
N MET A 1703 12.02 21.10 -24.54
CA MET A 1703 12.50 21.95 -23.47
C MET A 1703 11.43 22.83 -22.88
N VAL A 1704 10.39 23.20 -23.62
CA VAL A 1704 9.36 24.00 -22.99
C VAL A 1704 8.46 23.12 -22.15
N PHE A 1705 7.81 22.11 -22.75
CA PHE A 1705 6.78 21.34 -22.06
C PHE A 1705 7.33 20.61 -20.84
N TYR A 1706 8.55 20.10 -20.94
CA TYR A 1706 9.15 19.55 -19.74
C TYR A 1706 9.56 20.84 -19.02
N ASN A 1707 9.21 20.98 -17.74
CA ASN A 1707 9.50 22.19 -16.94
C ASN A 1707 8.98 23.49 -17.62
N LEU A 1708 7.76 23.40 -18.15
CA LEU A 1708 7.08 24.48 -18.87
C LEU A 1708 6.76 25.78 -18.12
N PHE A 1709 6.32 25.69 -16.86
CA PHE A 1709 5.95 26.88 -16.10
C PHE A 1709 7.11 27.85 -15.92
N ILE A 1710 8.28 27.30 -15.65
CA ILE A 1710 9.50 28.05 -15.48
C ILE A 1710 9.63 29.09 -16.57
N PHE A 1711 9.25 28.68 -17.78
CA PHE A 1711 9.18 29.58 -18.91
C PHE A 1711 7.95 30.48 -18.84
N LEU A 1712 6.81 29.92 -18.40
CA LEU A 1712 5.62 30.75 -18.23
C LEU A 1712 5.75 31.74 -17.10
N ASN A 1713 6.62 31.49 -16.11
CA ASN A 1713 6.98 32.52 -15.14
C ASN A 1713 8.16 33.35 -15.64
N ASN A 1714 8.04 33.79 -16.88
CA ASN A 1714 8.98 34.71 -17.50
C ASN A 1714 8.24 35.33 -18.66
N GLU A 1715 7.90 36.60 -18.55
CA GLU A 1715 7.16 37.31 -19.59
C GLU A 1715 8.05 37.59 -20.80
N ASP A 1716 9.36 37.59 -20.60
CA ASP A 1716 10.31 37.82 -21.68
C ASP A 1716 10.77 36.52 -22.34
N ALA A 1717 10.54 35.38 -21.69
CA ALA A 1717 10.94 34.13 -22.33
C ALA A 1717 9.84 33.62 -23.26
N VAL A 1718 8.58 33.83 -22.88
CA VAL A 1718 7.47 33.43 -23.74
C VAL A 1718 7.46 34.25 -25.02
N LYS A 1719 7.73 35.55 -24.90
CA LYS A 1719 7.84 36.41 -26.07
C LYS A 1719 9.02 36.05 -26.94
N ASP A 1720 10.14 35.67 -26.32
CA ASP A 1720 11.32 35.27 -27.06
C ASP A 1720 11.07 33.95 -27.81
N ILE A 1721 10.34 33.03 -27.18
CA ILE A 1721 10.02 31.76 -27.82
C ILE A 1721 9.02 31.96 -28.95
N ARG A 1722 8.06 32.87 -28.78
CA ARG A 1722 7.10 33.06 -29.87
C ARG A 1722 7.74 33.81 -31.03
N TRP A 1723 8.66 34.73 -30.75
CA TRP A 1723 9.39 35.37 -31.82
C TRP A 1723 10.30 34.38 -32.52
N LEU A 1724 10.88 33.43 -31.77
CA LEU A 1724 11.75 32.43 -32.37
C LEU A 1724 10.98 31.47 -33.27
N VAL A 1725 9.81 31.03 -32.83
CA VAL A 1725 9.05 30.10 -33.65
C VAL A 1725 8.40 30.78 -34.85
N ILE A 1726 7.96 32.04 -34.71
CA ILE A 1726 7.44 32.77 -35.86
C ILE A 1726 8.56 33.10 -36.85
N SER A 1727 9.75 33.38 -36.34
CA SER A 1727 10.89 33.61 -37.21
C SER A 1727 11.29 32.37 -37.98
N LEU A 1728 11.37 31.21 -37.32
CA LEU A 1728 11.78 30.01 -38.03
C LEU A 1728 10.67 29.45 -38.89
N LEU A 1729 9.45 29.92 -38.71
CA LEU A 1729 8.31 29.57 -39.55
C LEU A 1729 8.38 30.21 -40.94
N GLU A 1730 9.39 31.03 -41.19
CA GLU A 1730 9.53 31.72 -42.47
C GLU A 1730 10.96 31.53 -42.99
N ASP A 1731 11.54 30.34 -42.76
CA ASP A 1731 12.89 30.09 -43.25
C ASP A 1731 12.86 29.56 -44.67
N GLU A 1732 14.03 29.41 -45.28
CA GLU A 1732 14.15 28.98 -46.66
C GLU A 1732 13.95 27.48 -46.82
N GLN A 1733 14.35 26.70 -45.83
CA GLN A 1733 14.14 25.25 -45.87
C GLN A 1733 12.70 24.95 -45.52
N LEU A 1734 12.10 24.05 -46.28
CA LEU A 1734 10.71 23.69 -46.05
C LEU A 1734 10.58 22.87 -44.77
N GLU A 1735 11.62 22.09 -44.45
CA GLU A 1735 11.55 21.16 -43.35
C GLU A 1735 11.51 21.90 -42.03
N VAL A 1736 12.27 22.98 -41.92
CA VAL A 1736 12.26 23.75 -40.68
C VAL A 1736 11.01 24.62 -40.60
N ARG A 1737 10.41 24.97 -41.74
CA ARG A 1737 9.11 25.64 -41.71
C ARG A 1737 8.01 24.70 -41.21
N GLU A 1738 8.04 23.44 -41.66
CA GLU A 1738 7.09 22.46 -41.16
C GLU A 1738 7.32 22.15 -39.70
N MET A 1739 8.58 22.13 -39.27
CA MET A 1739 8.84 21.88 -37.87
C MET A 1739 8.43 23.05 -37.01
N ALA A 1740 8.60 24.27 -37.50
CA ALA A 1740 8.16 25.43 -36.75
C ALA A 1740 6.66 25.51 -36.67
N ALA A 1741 5.96 25.06 -37.70
CA ALA A 1741 4.50 24.96 -37.61
C ALA A 1741 4.07 23.91 -36.59
N THR A 1742 4.76 22.75 -36.58
CA THR A 1742 4.46 21.72 -35.61
C THR A 1742 4.70 22.20 -34.18
N THR A 1743 5.79 22.91 -33.95
CA THR A 1743 6.04 23.35 -32.59
C THR A 1743 5.25 24.59 -32.22
N LEU A 1744 4.85 25.44 -33.19
CA LEU A 1744 3.92 26.50 -32.87
C LEU A 1744 2.58 25.92 -32.50
N SER A 1745 2.12 24.93 -33.26
CA SER A 1745 0.85 24.29 -33.01
C SER A 1745 0.85 23.53 -31.69
N GLY A 1746 2.00 23.00 -31.28
CA GLY A 1746 2.07 22.33 -30.00
C GLY A 1746 2.24 23.28 -28.83
N LEU A 1747 2.99 24.37 -29.01
CA LEU A 1747 3.03 25.37 -27.95
C LEU A 1747 1.72 26.12 -27.81
N LEU A 1748 0.92 26.18 -28.86
CA LEU A 1748 -0.38 26.82 -28.81
C LEU A 1748 -1.45 25.90 -28.27
N GLN A 1749 -1.19 24.58 -28.28
CA GLN A 1749 -2.14 23.59 -27.81
C GLN A 1749 -2.16 23.47 -26.30
N CYS A 1750 -0.97 23.49 -25.69
CA CYS A 1750 -0.82 23.37 -24.25
C CYS A 1750 -1.04 24.71 -23.54
N ASN A 1751 -1.30 25.73 -24.35
CA ASN A 1751 -1.58 27.12 -23.94
C ASN A 1751 -0.39 27.91 -23.41
N PHE A 1752 0.82 27.42 -23.65
CA PHE A 1752 2.02 28.11 -23.23
C PHE A 1752 2.04 29.43 -24.00
N LEU A 1753 1.64 29.33 -25.27
CA LEU A 1753 1.57 30.44 -26.18
C LEU A 1753 0.12 30.69 -26.54
N THR A 1754 -0.31 31.95 -26.39
CA THR A 1754 -1.69 32.33 -26.64
C THR A 1754 -1.84 32.77 -28.08
N MET A 1755 -2.97 32.40 -28.67
CA MET A 1755 -3.26 32.80 -30.04
C MET A 1755 -3.80 34.21 -30.01
N ASP A 1756 -2.92 35.16 -30.30
CA ASP A 1756 -3.22 36.57 -30.16
C ASP A 1756 -4.12 37.04 -31.30
N SER A 1757 -4.59 38.26 -31.17
CA SER A 1757 -5.10 38.99 -32.32
C SER A 1757 -3.98 39.54 -33.20
N PRO A 1758 -2.85 40.05 -32.68
CA PRO A 1758 -1.71 40.29 -33.58
C PRO A 1758 -1.15 39.06 -34.25
N MET A 1759 -1.33 37.87 -33.67
CA MET A 1759 -0.88 36.64 -34.30
C MET A 1759 -1.70 36.34 -35.55
N GLN A 1760 -3.02 36.51 -35.48
CA GLN A 1760 -3.88 36.36 -36.64
C GLN A 1760 -3.58 37.42 -37.70
N ILE A 1761 -3.33 38.65 -37.27
CA ILE A 1761 -3.03 39.74 -38.20
C ILE A 1761 -1.73 39.45 -38.95
N HIS A 1762 -0.72 38.97 -38.23
CA HIS A 1762 0.55 38.63 -38.86
C HIS A 1762 0.43 37.44 -39.82
N PHE A 1763 -0.34 36.42 -39.45
CA PHE A 1763 -0.49 35.28 -40.36
C PHE A 1763 -1.31 35.63 -41.59
N GLU A 1764 -2.40 36.39 -41.41
CA GLU A 1764 -3.22 36.77 -42.54
C GLU A 1764 -2.55 37.81 -43.42
N GLN A 1765 -1.64 38.61 -42.88
CA GLN A 1765 -0.91 39.54 -43.72
C GLN A 1765 0.26 38.86 -44.42
N LEU A 1766 0.71 37.70 -43.92
CA LEU A 1766 1.61 36.87 -44.71
C LEU A 1766 0.91 36.05 -45.78
N CYS A 1767 -0.35 35.65 -45.55
CA CYS A 1767 -1.10 34.86 -46.54
C CYS A 1767 -1.41 35.63 -47.82
N LYS A 1768 -1.40 36.95 -47.79
CA LYS A 1768 -1.82 37.77 -48.91
C LYS A 1768 -0.64 38.38 -49.66
N THR A 1769 0.43 37.61 -49.87
CA THR A 1769 1.69 38.24 -50.23
C THR A 1769 1.72 38.69 -51.68
N LYS A 1770 1.78 37.74 -52.62
CA LYS A 1770 1.42 37.74 -54.04
C LYS A 1770 1.86 36.39 -54.60
N LEU A 1771 1.29 36.03 -55.75
CA LEU A 1771 1.98 35.01 -56.53
C LEU A 1771 3.17 35.66 -57.24
N PRO A 1772 4.33 35.00 -57.27
CA PRO A 1772 5.58 35.68 -57.65
C PRO A 1772 5.70 36.13 -59.10
N LYS A 1773 4.72 35.83 -59.97
CA LYS A 1773 4.78 36.15 -61.42
C LYS A 1773 6.02 35.52 -62.05
N SER A 1788 11.92 30.63 -53.55
CA SER A 1788 11.43 32.01 -53.58
C SER A 1788 11.59 32.84 -52.31
N ALA A 1789 11.39 34.14 -52.49
CA ALA A 1789 11.26 35.11 -51.43
C ALA A 1789 9.82 35.52 -51.22
N GLU A 1790 8.94 35.16 -52.15
CA GLU A 1790 7.55 35.56 -52.19
C GLU A 1790 6.63 34.43 -51.77
N LEU A 1791 6.82 33.25 -52.36
CA LEU A 1791 6.07 32.06 -52.02
C LEU A 1791 6.40 31.54 -50.63
N VAL A 1792 7.61 31.79 -50.14
CA VAL A 1792 7.96 31.36 -48.79
C VAL A 1792 7.15 32.15 -47.75
N LYS A 1793 6.75 33.39 -48.06
CA LYS A 1793 5.92 34.16 -47.15
C LYS A 1793 4.48 33.67 -47.14
N ARG A 1794 3.94 33.32 -48.30
CA ARG A 1794 2.59 32.74 -48.32
C ARG A 1794 2.57 31.39 -47.63
N HIS A 1795 3.62 30.60 -47.83
CA HIS A 1795 3.68 29.31 -47.16
C HIS A 1795 3.82 29.47 -45.67
N ALA A 1796 4.56 30.50 -45.23
CA ALA A 1796 4.67 30.82 -43.81
C ALA A 1796 3.33 31.21 -43.22
N GLY A 1797 2.57 32.05 -43.92
CA GLY A 1797 1.28 32.48 -43.38
C GLY A 1797 0.24 31.38 -43.34
N VAL A 1798 0.15 30.61 -44.43
CA VAL A 1798 -0.76 29.47 -44.50
C VAL A 1798 -0.35 28.42 -43.47
N LEU A 1799 0.94 28.27 -43.25
CA LEU A 1799 1.47 27.30 -42.33
C LEU A 1799 1.21 27.71 -40.88
N GLY A 1800 1.20 29.02 -40.62
CA GLY A 1800 0.81 29.49 -39.30
C GLY A 1800 -0.68 29.34 -39.04
N LEU A 1801 -1.52 29.59 -40.05
CA LEU A 1801 -2.95 29.34 -39.89
C LEU A 1801 -3.24 27.87 -39.68
N GLY A 1802 -2.49 27.00 -40.37
CA GLY A 1802 -2.61 25.58 -40.15
C GLY A 1802 -2.14 25.16 -38.78
N ALA A 1803 -1.11 25.82 -38.26
CA ALA A 1803 -0.69 25.57 -36.88
C ALA A 1803 -1.78 25.95 -35.90
N CYS A 1804 -2.47 27.05 -36.16
CA CYS A 1804 -3.54 27.48 -35.28
C CYS A 1804 -4.74 26.55 -35.35
N VAL A 1805 -5.08 26.02 -36.53
CA VAL A 1805 -6.22 25.09 -36.59
C VAL A 1805 -5.84 23.68 -36.20
N LEU A 1806 -4.55 23.34 -36.15
CA LEU A 1806 -4.15 22.04 -35.63
C LEU A 1806 -3.86 22.08 -34.13
N SER A 1807 -3.76 23.27 -33.55
CA SER A 1807 -3.54 23.40 -32.11
C SER A 1807 -4.77 23.03 -31.30
N SER A 1808 -5.94 22.96 -31.92
CA SER A 1808 -7.17 22.54 -31.26
C SER A 1808 -7.67 21.28 -31.96
N PRO A 1809 -7.14 20.11 -31.59
CA PRO A 1809 -7.44 18.90 -32.37
C PRO A 1809 -8.86 18.36 -32.18
N TYR A 1810 -9.41 18.50 -30.99
CA TYR A 1810 -10.64 17.81 -30.64
C TYR A 1810 -11.74 18.79 -30.29
N ASP A 1811 -11.59 20.06 -30.66
CA ASP A 1811 -12.57 21.08 -30.37
C ASP A 1811 -12.46 22.18 -31.41
N VAL A 1812 -13.61 22.69 -31.83
CA VAL A 1812 -13.68 23.91 -32.63
C VAL A 1812 -13.96 25.07 -31.67
N PRO A 1813 -13.05 26.00 -31.52
CA PRO A 1813 -13.38 27.20 -30.76
C PRO A 1813 -14.09 28.22 -31.63
N THR A 1814 -14.37 29.40 -31.09
CA THR A 1814 -15.12 30.39 -31.86
C THR A 1814 -14.27 31.02 -32.96
N TRP A 1815 -12.96 31.09 -32.79
CA TRP A 1815 -12.12 31.69 -33.82
C TRP A 1815 -11.80 30.74 -34.97
N MET A 1816 -11.96 29.44 -34.78
CA MET A 1816 -11.60 28.46 -35.80
C MET A 1816 -12.45 28.48 -37.09
N PRO A 1817 -13.79 28.57 -37.07
CA PRO A 1817 -14.52 28.50 -38.35
C PRO A 1817 -14.19 29.59 -39.35
N GLN A 1818 -13.99 30.82 -38.90
CA GLN A 1818 -13.54 31.87 -39.79
C GLN A 1818 -12.11 31.64 -40.23
N LEU A 1819 -11.30 31.05 -39.35
CA LEU A 1819 -9.90 30.80 -39.65
C LEU A 1819 -9.75 29.63 -40.61
N LEU A 1820 -10.67 28.71 -40.57
CA LEU A 1820 -10.55 27.51 -41.38
C LEU A 1820 -11.07 27.77 -42.79
N MET A 1821 -11.90 28.80 -42.94
CA MET A 1821 -12.30 29.27 -44.27
C MET A 1821 -11.13 29.92 -44.99
N ASN A 1822 -10.19 30.49 -44.24
CA ASN A 1822 -9.01 31.07 -44.86
C ASN A 1822 -8.11 30.01 -45.47
N LEU A 1823 -7.96 28.87 -44.80
CA LEU A 1823 -7.16 27.79 -45.37
C LEU A 1823 -7.83 27.14 -46.56
N SER A 1824 -9.15 27.24 -46.66
CA SER A 1824 -9.86 26.69 -47.80
C SER A 1824 -9.56 27.46 -49.08
N ALA A 1825 -9.13 28.71 -48.96
CA ALA A 1825 -8.76 29.54 -50.09
C ALA A 1825 -7.32 29.32 -50.52
N HIS A 1826 -6.68 28.25 -50.05
CA HIS A 1826 -5.29 28.00 -50.41
C HIS A 1826 -5.08 26.56 -50.88
N LEU A 1827 -6.14 25.87 -51.30
CA LEU A 1827 -5.97 24.55 -51.87
C LEU A 1827 -5.22 24.60 -53.19
N ASN A 1828 -5.64 25.50 -54.07
CA ASN A 1828 -5.12 25.58 -55.42
C ASN A 1828 -3.94 26.53 -55.52
N ASP A 1829 -3.63 27.22 -54.44
CA ASP A 1829 -2.35 27.84 -54.15
C ASP A 1829 -1.25 26.80 -54.38
N PRO A 1830 -0.23 27.09 -55.21
CA PRO A 1830 0.67 26.02 -55.67
C PRO A 1830 1.52 25.37 -54.59
N GLN A 1831 2.22 24.30 -54.97
CA GLN A 1831 3.08 23.58 -54.05
C GLN A 1831 4.20 24.48 -53.57
N PRO A 1832 4.60 24.39 -52.30
CA PRO A 1832 4.26 23.48 -51.20
C PRO A 1832 3.03 23.84 -50.40
N ILE A 1833 2.35 24.93 -50.74
CA ILE A 1833 1.24 25.40 -49.93
C ILE A 1833 0.06 24.44 -50.03
N GLU A 1834 -0.08 23.78 -51.18
CA GLU A 1834 -1.16 22.83 -51.42
C GLU A 1834 -1.08 21.63 -50.49
N MET A 1835 0.10 21.02 -50.36
CA MET A 1835 0.27 19.88 -49.47
C MET A 1835 0.06 20.25 -48.00
N THR A 1836 0.46 21.46 -47.61
CA THR A 1836 0.26 21.89 -46.23
C THR A 1836 -1.22 22.07 -45.93
N VAL A 1837 -1.95 22.66 -46.86
CA VAL A 1837 -3.40 22.77 -46.70
C VAL A 1837 -4.06 21.40 -46.66
N LYS A 1838 -3.62 20.47 -47.51
CA LYS A 1838 -4.30 19.18 -47.60
C LYS A 1838 -4.00 18.31 -46.38
N LYS A 1839 -2.75 18.29 -45.91
CA LYS A 1839 -2.44 17.56 -44.70
C LYS A 1839 -3.06 18.20 -43.48
N THR A 1840 -3.16 19.53 -43.47
CA THR A 1840 -3.78 20.23 -42.36
C THR A 1840 -5.26 19.95 -42.26
N LEU A 1841 -5.97 19.96 -43.39
CA LEU A 1841 -7.41 19.75 -43.33
C LEU A 1841 -7.79 18.28 -43.23
N SER A 1842 -6.99 17.36 -43.78
CA SER A 1842 -7.19 15.94 -43.51
C SER A 1842 -6.98 15.65 -42.04
N ASN A 1843 -5.94 16.25 -41.45
CA ASN A 1843 -5.65 16.08 -40.04
C ASN A 1843 -6.68 16.77 -39.17
N PHE A 1844 -7.30 17.84 -39.69
CA PHE A 1844 -8.46 18.43 -39.04
C PHE A 1844 -9.60 17.45 -38.95
N ARG A 1845 -10.12 17.01 -40.09
CA ARG A 1845 -11.37 16.28 -40.04
C ARG A 1845 -11.20 14.79 -39.75
N ARG A 1846 -9.97 14.32 -39.53
CA ARG A 1846 -9.89 12.99 -38.95
C ARG A 1846 -10.08 13.00 -37.43
N THR A 1847 -9.91 14.15 -36.79
CA THR A 1847 -10.02 14.25 -35.34
C THR A 1847 -11.27 14.96 -34.89
N HIS A 1848 -11.96 15.63 -35.79
CA HIS A 1848 -13.19 16.30 -35.46
C HIS A 1848 -14.42 15.53 -35.90
#